data_3VG7
# 
_entry.id   3VG7 
# 
_audit_conform.dict_name       mmcif_pdbx.dic 
_audit_conform.dict_version    5.388 
_audit_conform.dict_location   http://mmcif.pdb.org/dictionaries/ascii/mmcif_pdbx.dic 
# 
loop_
_database_2.database_id 
_database_2.database_code 
_database_2.pdbx_database_accession 
_database_2.pdbx_DOI 
PDB   3VG7         pdb_00003vg7 10.2210/pdb3vg7/pdb 
RCSB  RCSB095005   ?            ?                   
WWPDB D_1000095005 ?            ?                   
# 
loop_
_pdbx_audit_revision_history.ordinal 
_pdbx_audit_revision_history.data_content_type 
_pdbx_audit_revision_history.major_revision 
_pdbx_audit_revision_history.minor_revision 
_pdbx_audit_revision_history.revision_date 
1 'Structure model' 1 0 2012-08-01 
2 'Structure model' 1 1 2013-06-19 
3 'Structure model' 1 2 2024-03-20 
# 
_pdbx_audit_revision_details.ordinal             1 
_pdbx_audit_revision_details.revision_ordinal    1 
_pdbx_audit_revision_details.data_content_type   'Structure model' 
_pdbx_audit_revision_details.provider            repository 
_pdbx_audit_revision_details.type                'Initial release' 
_pdbx_audit_revision_details.description         ? 
_pdbx_audit_revision_details.details             ? 
# 
loop_
_pdbx_audit_revision_group.ordinal 
_pdbx_audit_revision_group.revision_ordinal 
_pdbx_audit_revision_group.data_content_type 
_pdbx_audit_revision_group.group 
1 2 'Structure model' 'Database references'  
2 3 'Structure model' 'Data collection'      
3 3 'Structure model' 'Database references'  
4 3 'Structure model' 'Derived calculations' 
# 
loop_
_pdbx_audit_revision_category.ordinal 
_pdbx_audit_revision_category.revision_ordinal 
_pdbx_audit_revision_category.data_content_type 
_pdbx_audit_revision_category.category 
1 3 'Structure model' chem_comp_atom     
2 3 'Structure model' chem_comp_bond     
3 3 'Structure model' database_2         
4 3 'Structure model' struct_ref_seq_dif 
5 3 'Structure model' struct_site        
# 
loop_
_pdbx_audit_revision_item.ordinal 
_pdbx_audit_revision_item.revision_ordinal 
_pdbx_audit_revision_item.data_content_type 
_pdbx_audit_revision_item.item 
1 3 'Structure model' '_database_2.pdbx_DOI'                
2 3 'Structure model' '_database_2.pdbx_database_accession' 
3 3 'Structure model' '_struct_ref_seq_dif.details'         
4 3 'Structure model' '_struct_site.pdbx_auth_asym_id'      
5 3 'Structure model' '_struct_site.pdbx_auth_comp_id'      
6 3 'Structure model' '_struct_site.pdbx_auth_seq_id'       
# 
_pdbx_database_status.entry_id                        3VG7 
_pdbx_database_status.status_code                     REL 
_pdbx_database_status.deposit_site                    PDBJ 
_pdbx_database_status.process_site                    PDBJ 
_pdbx_database_status.recvd_initial_deposition_date   2011-08-03 
_pdbx_database_status.status_code_sf                  REL 
_pdbx_database_status.status_code_mr                  ? 
_pdbx_database_status.SG_entry                        ? 
_pdbx_database_status.status_code_cs                  ? 
_pdbx_database_status.methods_development_category    ? 
_pdbx_database_status.pdb_format_compatible           Y 
_pdbx_database_status.status_code_nmr_data            ? 
# 
loop_
_pdbx_database_related.db_name 
_pdbx_database_related.db_id 
_pdbx_database_related.details 
_pdbx_database_related.content_type 
PDB 3B2H . unspecified 
PDB 3B2I . unspecified 
PDB 3B2J . unspecified 
PDB 3B2K . unspecified 
PDB 3B2L . unspecified 
PDB 3VG2 . unspecified 
PDB 3VG3 . unspecified 
PDB 3VG4 . unspecified 
PDB 3VG5 . unspecified 
PDB 3VG6 . unspecified 
# 
loop_
_audit_author.name 
_audit_author.pdbx_ordinal 
'Sharma, A.'  1 
'Yogavel, M.' 2 
'Sharma, A.'  3 
# 
_citation.id                        primary 
_citation.title                     'Utility of anion and cation combinations for phasing of protein structures.' 
_citation.journal_abbrev            J.Struct.Funct.Genom. 
_citation.journal_volume            13 
_citation.page_first                135 
_citation.page_last                 143 
_citation.year                      2012 
_citation.journal_id_ASTM           ? 
_citation.country                   NE 
_citation.journal_id_ISSN           1345-711X 
_citation.journal_id_CSD            ? 
_citation.book_publisher            ? 
_citation.pdbx_database_id_PubMed   22562242 
_citation.pdbx_database_id_DOI      10.1007/s10969-012-9137-3 
# 
loop_
_citation_author.citation_id 
_citation_author.name 
_citation_author.ordinal 
_citation_author.identifier_ORCID 
primary 'Sharma, A.'  1 ? 
primary 'Yogavel, M.' 2 ? 
primary 'Sharma, A.'  3 ? 
# 
loop_
_entity.id 
_entity.type 
_entity.src_method 
_entity.pdbx_description 
_entity.formula_weight 
_entity.pdbx_number_of_molecules 
_entity.pdbx_ec 
_entity.pdbx_mutation 
_entity.pdbx_fragment 
_entity.details 
1 polymer     man 'Fatty acid-binding protein, liver' 14599.728 1   ? ? ? ? 
2 non-polymer syn 'PALMITIC ACID'                     256.424   2   ? ? ? ? 
3 water       nat water                               18.015    230 ? ? ? ? 
# 
_entity_name_com.entity_id   1 
_entity_name_com.name        'Fatty acid-binding protein 1, Liver-type fatty acid-binding protein, L-FABP' 
# 
_entity_poly.entity_id                      1 
_entity_poly.type                           'polypeptide(L)' 
_entity_poly.nstd_linkage                   no 
_entity_poly.nstd_monomer                   no 
_entity_poly.pdbx_seq_one_letter_code       
;MAGSSFSGKYQLQSQENFEAFMKAIGLPEELIQKGKDIKGVSEIVQNGKHFKFTITAGSKVIQNEFTVGEECELETMTGE
KVKTVVQLEGDNKLVTTFKNIKSVTELNGDIITNTMTLGDIVFKRISKRIGT
;
_entity_poly.pdbx_seq_one_letter_code_can   
;MAGSSFSGKYQLQSQENFEAFMKAIGLPEELIQKGKDIKGVSEIVQNGKHFKFTITAGSKVIQNEFTVGEECELETMTGE
KVKTVVQLEGDNKLVTTFKNIKSVTELNGDIITNTMTLGDIVFKRISKRIGT
;
_entity_poly.pdbx_strand_id                 A 
_entity_poly.pdbx_target_identifier         ? 
# 
loop_
_pdbx_entity_nonpoly.entity_id 
_pdbx_entity_nonpoly.name 
_pdbx_entity_nonpoly.comp_id 
2 'PALMITIC ACID' PLM 
3 water           HOH 
# 
loop_
_entity_poly_seq.entity_id 
_entity_poly_seq.num 
_entity_poly_seq.mon_id 
_entity_poly_seq.hetero 
1 1   MET n 
1 2   ALA n 
1 3   GLY n 
1 4   SER n 
1 5   SER n 
1 6   PHE n 
1 7   SER n 
1 8   GLY n 
1 9   LYS n 
1 10  TYR n 
1 11  GLN n 
1 12  LEU n 
1 13  GLN n 
1 14  SER n 
1 15  GLN n 
1 16  GLU n 
1 17  ASN n 
1 18  PHE n 
1 19  GLU n 
1 20  ALA n 
1 21  PHE n 
1 22  MET n 
1 23  LYS n 
1 24  ALA n 
1 25  ILE n 
1 26  GLY n 
1 27  LEU n 
1 28  PRO n 
1 29  GLU n 
1 30  GLU n 
1 31  LEU n 
1 32  ILE n 
1 33  GLN n 
1 34  LYS n 
1 35  GLY n 
1 36  LYS n 
1 37  ASP n 
1 38  ILE n 
1 39  LYS n 
1 40  GLY n 
1 41  VAL n 
1 42  SER n 
1 43  GLU n 
1 44  ILE n 
1 45  VAL n 
1 46  GLN n 
1 47  ASN n 
1 48  GLY n 
1 49  LYS n 
1 50  HIS n 
1 51  PHE n 
1 52  LYS n 
1 53  PHE n 
1 54  THR n 
1 55  ILE n 
1 56  THR n 
1 57  ALA n 
1 58  GLY n 
1 59  SER n 
1 60  LYS n 
1 61  VAL n 
1 62  ILE n 
1 63  GLN n 
1 64  ASN n 
1 65  GLU n 
1 66  PHE n 
1 67  THR n 
1 68  VAL n 
1 69  GLY n 
1 70  GLU n 
1 71  GLU n 
1 72  CYS n 
1 73  GLU n 
1 74  LEU n 
1 75  GLU n 
1 76  THR n 
1 77  MET n 
1 78  THR n 
1 79  GLY n 
1 80  GLU n 
1 81  LYS n 
1 82  VAL n 
1 83  LYS n 
1 84  THR n 
1 85  VAL n 
1 86  VAL n 
1 87  GLN n 
1 88  LEU n 
1 89  GLU n 
1 90  GLY n 
1 91  ASP n 
1 92  ASN n 
1 93  LYS n 
1 94  LEU n 
1 95  VAL n 
1 96  THR n 
1 97  THR n 
1 98  PHE n 
1 99  LYS n 
1 100 ASN n 
1 101 ILE n 
1 102 LYS n 
1 103 SER n 
1 104 VAL n 
1 105 THR n 
1 106 GLU n 
1 107 LEU n 
1 108 ASN n 
1 109 GLY n 
1 110 ASP n 
1 111 ILE n 
1 112 ILE n 
1 113 THR n 
1 114 ASN n 
1 115 THR n 
1 116 MET n 
1 117 THR n 
1 118 LEU n 
1 119 GLY n 
1 120 ASP n 
1 121 ILE n 
1 122 VAL n 
1 123 PHE n 
1 124 LYS n 
1 125 ARG n 
1 126 ILE n 
1 127 SER n 
1 128 LYS n 
1 129 ARG n 
1 130 ILE n 
1 131 GLY n 
1 132 THR n 
# 
_entity_src_gen.entity_id                          1 
_entity_src_gen.pdbx_src_id                        1 
_entity_src_gen.pdbx_alt_source_flag               sample 
_entity_src_gen.pdbx_seq_type                      ? 
_entity_src_gen.pdbx_beg_seq_num                   ? 
_entity_src_gen.pdbx_end_seq_num                   ? 
_entity_src_gen.gene_src_common_name               ? 
_entity_src_gen.gene_src_genus                     ? 
_entity_src_gen.pdbx_gene_src_gene                 'FABP1, FABPL' 
_entity_src_gen.gene_src_species                   ? 
_entity_src_gen.gene_src_strain                    ? 
_entity_src_gen.gene_src_tissue                    ? 
_entity_src_gen.gene_src_tissue_fraction           ? 
_entity_src_gen.gene_src_details                   ? 
_entity_src_gen.pdbx_gene_src_fragment             ? 
_entity_src_gen.pdbx_gene_src_scientific_name      'Homo Sapiens' 
_entity_src_gen.pdbx_gene_src_ncbi_taxonomy_id     9606 
_entity_src_gen.pdbx_gene_src_variant              ? 
_entity_src_gen.pdbx_gene_src_cell_line            ? 
_entity_src_gen.pdbx_gene_src_atcc                 ? 
_entity_src_gen.pdbx_gene_src_organ                ? 
_entity_src_gen.pdbx_gene_src_organelle            ? 
_entity_src_gen.pdbx_gene_src_cell                 ? 
_entity_src_gen.pdbx_gene_src_cellular_location    ? 
_entity_src_gen.host_org_common_name               ? 
_entity_src_gen.pdbx_host_org_scientific_name      'Escherichia coli' 
_entity_src_gen.pdbx_host_org_ncbi_taxonomy_id     562 
_entity_src_gen.host_org_genus                     ? 
_entity_src_gen.pdbx_host_org_gene                 ? 
_entity_src_gen.pdbx_host_org_organ                ? 
_entity_src_gen.host_org_species                   ? 
_entity_src_gen.pdbx_host_org_tissue               ? 
_entity_src_gen.pdbx_host_org_tissue_fraction      ? 
_entity_src_gen.pdbx_host_org_strain               B834 
_entity_src_gen.pdbx_host_org_variant              ? 
_entity_src_gen.pdbx_host_org_cell_line            ? 
_entity_src_gen.pdbx_host_org_atcc                 ? 
_entity_src_gen.pdbx_host_org_culture_collection   ? 
_entity_src_gen.pdbx_host_org_cell                 ? 
_entity_src_gen.pdbx_host_org_organelle            ? 
_entity_src_gen.pdbx_host_org_cellular_location    ? 
_entity_src_gen.pdbx_host_org_vector_type          plasmid 
_entity_src_gen.pdbx_host_org_vector               ? 
_entity_src_gen.host_org_details                   ? 
_entity_src_gen.expression_system_id               ? 
_entity_src_gen.plasmid_name                       PET28a 
_entity_src_gen.plasmid_details                    ? 
_entity_src_gen.pdbx_description                   ? 
# 
loop_
_chem_comp.id 
_chem_comp.type 
_chem_comp.mon_nstd_flag 
_chem_comp.name 
_chem_comp.pdbx_synonyms 
_chem_comp.formula 
_chem_comp.formula_weight 
ALA 'L-peptide linking' y ALANINE         ? 'C3 H7 N O2'     89.093  
ARG 'L-peptide linking' y ARGININE        ? 'C6 H15 N4 O2 1' 175.209 
ASN 'L-peptide linking' y ASPARAGINE      ? 'C4 H8 N2 O3'    132.118 
ASP 'L-peptide linking' y 'ASPARTIC ACID' ? 'C4 H7 N O4'     133.103 
CYS 'L-peptide linking' y CYSTEINE        ? 'C3 H7 N O2 S'   121.158 
GLN 'L-peptide linking' y GLUTAMINE       ? 'C5 H10 N2 O3'   146.144 
GLU 'L-peptide linking' y 'GLUTAMIC ACID' ? 'C5 H9 N O4'     147.129 
GLY 'peptide linking'   y GLYCINE         ? 'C2 H5 N O2'     75.067  
HIS 'L-peptide linking' y HISTIDINE       ? 'C6 H10 N3 O2 1' 156.162 
HOH non-polymer         . WATER           ? 'H2 O'           18.015  
ILE 'L-peptide linking' y ISOLEUCINE      ? 'C6 H13 N O2'    131.173 
LEU 'L-peptide linking' y LEUCINE         ? 'C6 H13 N O2'    131.173 
LYS 'L-peptide linking' y LYSINE          ? 'C6 H15 N2 O2 1' 147.195 
MET 'L-peptide linking' y METHIONINE      ? 'C5 H11 N O2 S'  149.211 
PHE 'L-peptide linking' y PHENYLALANINE   ? 'C9 H11 N O2'    165.189 
PLM non-polymer         . 'PALMITIC ACID' ? 'C16 H32 O2'     256.424 
PRO 'L-peptide linking' y PROLINE         ? 'C5 H9 N O2'     115.130 
SER 'L-peptide linking' y SERINE          ? 'C3 H7 N O3'     105.093 
THR 'L-peptide linking' y THREONINE       ? 'C4 H9 N O3'     119.119 
TYR 'L-peptide linking' y TYROSINE        ? 'C9 H11 N O3'    181.189 
VAL 'L-peptide linking' y VALINE          ? 'C5 H11 N O2'    117.146 
# 
loop_
_pdbx_poly_seq_scheme.asym_id 
_pdbx_poly_seq_scheme.entity_id 
_pdbx_poly_seq_scheme.seq_id 
_pdbx_poly_seq_scheme.mon_id 
_pdbx_poly_seq_scheme.ndb_seq_num 
_pdbx_poly_seq_scheme.pdb_seq_num 
_pdbx_poly_seq_scheme.auth_seq_num 
_pdbx_poly_seq_scheme.pdb_mon_id 
_pdbx_poly_seq_scheme.auth_mon_id 
_pdbx_poly_seq_scheme.pdb_strand_id 
_pdbx_poly_seq_scheme.pdb_ins_code 
_pdbx_poly_seq_scheme.hetero 
A 1 1   MET 1   -2  ?   ?   ?   A . n 
A 1 2   ALA 2   -1  ?   ?   ?   A . n 
A 1 3   GLY 3   0   ?   ?   ?   A . n 
A 1 4   SER 4   1   1   SER SER A . n 
A 1 5   SER 5   2   2   SER SER A . n 
A 1 6   PHE 6   3   3   PHE PHE A . n 
A 1 7   SER 7   4   4   SER SER A . n 
A 1 8   GLY 8   5   5   GLY GLY A . n 
A 1 9   LYS 9   6   6   LYS LYS A . n 
A 1 10  TYR 10  7   7   TYR TYR A . n 
A 1 11  GLN 11  8   8   GLN GLN A . n 
A 1 12  LEU 12  9   9   LEU LEU A . n 
A 1 13  GLN 13  10  10  GLN GLN A . n 
A 1 14  SER 14  11  11  SER SER A . n 
A 1 15  GLN 15  12  12  GLN GLN A . n 
A 1 16  GLU 16  13  13  GLU GLU A . n 
A 1 17  ASN 17  14  14  ASN ASN A . n 
A 1 18  PHE 18  15  15  PHE PHE A . n 
A 1 19  GLU 19  16  16  GLU GLU A . n 
A 1 20  ALA 20  17  17  ALA ALA A . n 
A 1 21  PHE 21  18  18  PHE PHE A . n 
A 1 22  MET 22  19  19  MET MET A . n 
A 1 23  LYS 23  20  20  LYS LYS A . n 
A 1 24  ALA 24  21  21  ALA ALA A . n 
A 1 25  ILE 25  22  22  ILE ILE A . n 
A 1 26  GLY 26  23  23  GLY GLY A . n 
A 1 27  LEU 27  24  24  LEU LEU A . n 
A 1 28  PRO 28  25  25  PRO PRO A . n 
A 1 29  GLU 29  26  26  GLU GLU A . n 
A 1 30  GLU 30  27  27  GLU GLU A . n 
A 1 31  LEU 31  28  28  LEU LEU A . n 
A 1 32  ILE 32  29  29  ILE ILE A . n 
A 1 33  GLN 33  30  30  GLN GLN A . n 
A 1 34  LYS 34  31  31  LYS LYS A . n 
A 1 35  GLY 35  32  32  GLY GLY A . n 
A 1 36  LYS 36  33  33  LYS LYS A . n 
A 1 37  ASP 37  34  34  ASP ASP A . n 
A 1 38  ILE 38  35  35  ILE ILE A . n 
A 1 39  LYS 39  36  36  LYS LYS A . n 
A 1 40  GLY 40  37  37  GLY GLY A . n 
A 1 41  VAL 41  38  38  VAL VAL A . n 
A 1 42  SER 42  39  39  SER SER A . n 
A 1 43  GLU 43  40  40  GLU GLU A . n 
A 1 44  ILE 44  41  41  ILE ILE A . n 
A 1 45  VAL 45  42  42  VAL VAL A . n 
A 1 46  GLN 46  43  43  GLN GLN A . n 
A 1 47  ASN 47  44  44  ASN ASN A . n 
A 1 48  GLY 48  45  45  GLY GLY A . n 
A 1 49  LYS 49  46  46  LYS LYS A . n 
A 1 50  HIS 50  47  47  HIS HIS A . n 
A 1 51  PHE 51  48  48  PHE PHE A . n 
A 1 52  LYS 52  49  49  LYS LYS A . n 
A 1 53  PHE 53  50  50  PHE PHE A . n 
A 1 54  THR 54  51  51  THR THR A . n 
A 1 55  ILE 55  52  52  ILE ILE A . n 
A 1 56  THR 56  53  53  THR THR A . n 
A 1 57  ALA 57  54  54  ALA ALA A . n 
A 1 58  GLY 58  55  55  GLY GLY A . n 
A 1 59  SER 59  56  56  SER SER A . n 
A 1 60  LYS 60  57  57  LYS LYS A . n 
A 1 61  VAL 61  58  58  VAL VAL A . n 
A 1 62  ILE 62  59  59  ILE ILE A . n 
A 1 63  GLN 63  60  60  GLN GLN A . n 
A 1 64  ASN 64  61  61  ASN ASN A . n 
A 1 65  GLU 65  62  62  GLU GLU A . n 
A 1 66  PHE 66  63  63  PHE PHE A . n 
A 1 67  THR 67  64  64  THR THR A . n 
A 1 68  VAL 68  65  65  VAL VAL A . n 
A 1 69  GLY 69  66  66  GLY GLY A . n 
A 1 70  GLU 70  67  67  GLU GLU A . n 
A 1 71  GLU 71  68  68  GLU GLU A . n 
A 1 72  CYS 72  69  69  CYS CYS A . n 
A 1 73  GLU 73  70  70  GLU GLU A . n 
A 1 74  LEU 74  71  71  LEU LEU A . n 
A 1 75  GLU 75  72  72  GLU GLU A . n 
A 1 76  THR 76  73  73  THR THR A . n 
A 1 77  MET 77  74  74  MET MET A . n 
A 1 78  THR 78  75  75  THR THR A . n 
A 1 79  GLY 79  76  76  GLY GLY A . n 
A 1 80  GLU 80  77  77  GLU GLU A . n 
A 1 81  LYS 81  78  78  LYS LYS A . n 
A 1 82  VAL 82  79  79  VAL VAL A . n 
A 1 83  LYS 83  80  80  LYS LYS A . n 
A 1 84  THR 84  81  81  THR THR A . n 
A 1 85  VAL 85  82  82  VAL VAL A . n 
A 1 86  VAL 86  83  83  VAL VAL A . n 
A 1 87  GLN 87  84  84  GLN GLN A . n 
A 1 88  LEU 88  85  85  LEU LEU A . n 
A 1 89  GLU 89  86  86  GLU GLU A . n 
A 1 90  GLY 90  87  87  GLY GLY A . n 
A 1 91  ASP 91  88  88  ASP ASP A . n 
A 1 92  ASN 92  89  89  ASN ASN A . n 
A 1 93  LYS 93  90  90  LYS LYS A . n 
A 1 94  LEU 94  91  91  LEU LEU A . n 
A 1 95  VAL 95  92  92  VAL VAL A . n 
A 1 96  THR 96  93  93  THR THR A . n 
A 1 97  THR 97  94  94  THR THR A . n 
A 1 98  PHE 98  95  95  PHE PHE A . n 
A 1 99  LYS 99  96  96  LYS LYS A . n 
A 1 100 ASN 100 97  97  ASN ASN A . n 
A 1 101 ILE 101 98  98  ILE ILE A . n 
A 1 102 LYS 102 99  99  LYS LYS A . n 
A 1 103 SER 103 100 100 SER SER A . n 
A 1 104 VAL 104 101 101 VAL VAL A . n 
A 1 105 THR 105 102 102 THR THR A . n 
A 1 106 GLU 106 103 103 GLU GLU A . n 
A 1 107 LEU 107 104 104 LEU LEU A . n 
A 1 108 ASN 108 105 105 ASN ASN A . n 
A 1 109 GLY 109 106 106 GLY GLY A . n 
A 1 110 ASP 110 107 107 ASP ASP A . n 
A 1 111 ILE 111 108 108 ILE ILE A . n 
A 1 112 ILE 112 109 109 ILE ILE A . n 
A 1 113 THR 113 110 110 THR THR A . n 
A 1 114 ASN 114 111 111 ASN ASN A . n 
A 1 115 THR 115 112 112 THR THR A . n 
A 1 116 MET 116 113 113 MET MET A . n 
A 1 117 THR 117 114 114 THR THR A . n 
A 1 118 LEU 118 115 115 LEU LEU A . n 
A 1 119 GLY 119 116 116 GLY GLY A . n 
A 1 120 ASP 120 117 117 ASP ASP A . n 
A 1 121 ILE 121 118 118 ILE ILE A . n 
A 1 122 VAL 122 119 119 VAL VAL A . n 
A 1 123 PHE 123 120 120 PHE PHE A . n 
A 1 124 LYS 124 121 121 LYS LYS A . n 
A 1 125 ARG 125 122 122 ARG ARG A . n 
A 1 126 ILE 126 123 123 ILE ILE A . n 
A 1 127 SER 127 124 124 SER SER A . n 
A 1 128 LYS 128 125 125 LYS LYS A . n 
A 1 129 ARG 129 126 126 ARG ARG A . n 
A 1 130 ILE 130 127 127 ILE ILE A . n 
A 1 131 GLY 131 128 128 GLY GLY A . n 
A 1 132 THR 132 129 129 THR THR A . n 
# 
loop_
_pdbx_nonpoly_scheme.asym_id 
_pdbx_nonpoly_scheme.entity_id 
_pdbx_nonpoly_scheme.mon_id 
_pdbx_nonpoly_scheme.ndb_seq_num 
_pdbx_nonpoly_scheme.pdb_seq_num 
_pdbx_nonpoly_scheme.auth_seq_num 
_pdbx_nonpoly_scheme.pdb_mon_id 
_pdbx_nonpoly_scheme.auth_mon_id 
_pdbx_nonpoly_scheme.pdb_strand_id 
_pdbx_nonpoly_scheme.pdb_ins_code 
B 2 PLM 1   201 201 PLM PLM A . 
C 2 PLM 1   202 202 PLM PLM A . 
D 3 HOH 1   501 501 HOH HOH A . 
D 3 HOH 2   502 502 HOH HOH A . 
D 3 HOH 3   503 503 HOH HOH A . 
D 3 HOH 4   504 504 HOH HOH A . 
D 3 HOH 5   505 505 HOH HOH A . 
D 3 HOH 6   506 506 HOH HOH A . 
D 3 HOH 7   507 507 HOH HOH A . 
D 3 HOH 8   508 508 HOH HOH A . 
D 3 HOH 9   509 509 HOH HOH A . 
D 3 HOH 10  510 510 HOH HOH A . 
D 3 HOH 11  511 511 HOH HOH A . 
D 3 HOH 12  512 512 HOH HOH A . 
D 3 HOH 13  513 513 HOH HOH A . 
D 3 HOH 14  514 514 HOH HOH A . 
D 3 HOH 15  515 515 HOH HOH A . 
D 3 HOH 16  516 516 HOH HOH A . 
D 3 HOH 17  517 517 HOH HOH A . 
D 3 HOH 18  518 518 HOH HOH A . 
D 3 HOH 19  519 519 HOH HOH A . 
D 3 HOH 20  520 520 HOH HOH A . 
D 3 HOH 21  521 521 HOH HOH A . 
D 3 HOH 22  522 522 HOH HOH A . 
D 3 HOH 23  523 523 HOH HOH A . 
D 3 HOH 24  524 524 HOH HOH A . 
D 3 HOH 25  525 525 HOH HOH A . 
D 3 HOH 26  526 526 HOH HOH A . 
D 3 HOH 27  527 527 HOH HOH A . 
D 3 HOH 28  528 528 HOH HOH A . 
D 3 HOH 29  529 529 HOH HOH A . 
D 3 HOH 30  530 530 HOH HOH A . 
D 3 HOH 31  531 531 HOH HOH A . 
D 3 HOH 32  532 532 HOH HOH A . 
D 3 HOH 33  533 533 HOH HOH A . 
D 3 HOH 34  534 534 HOH HOH A . 
D 3 HOH 35  535 535 HOH HOH A . 
D 3 HOH 36  536 536 HOH HOH A . 
D 3 HOH 37  537 537 HOH HOH A . 
D 3 HOH 38  538 538 HOH HOH A . 
D 3 HOH 39  539 539 HOH HOH A . 
D 3 HOH 40  540 540 HOH HOH A . 
D 3 HOH 41  541 541 HOH HOH A . 
D 3 HOH 42  542 542 HOH HOH A . 
D 3 HOH 43  543 543 HOH HOH A . 
D 3 HOH 44  544 544 HOH HOH A . 
D 3 HOH 45  545 545 HOH HOH A . 
D 3 HOH 46  546 546 HOH HOH A . 
D 3 HOH 47  547 547 HOH HOH A . 
D 3 HOH 48  548 548 HOH HOH A . 
D 3 HOH 49  549 549 HOH HOH A . 
D 3 HOH 50  550 550 HOH HOH A . 
D 3 HOH 51  551 551 HOH HOH A . 
D 3 HOH 52  552 552 HOH HOH A . 
D 3 HOH 53  553 553 HOH HOH A . 
D 3 HOH 54  554 554 HOH HOH A . 
D 3 HOH 55  555 555 HOH HOH A . 
D 3 HOH 56  556 556 HOH HOH A . 
D 3 HOH 57  557 557 HOH HOH A . 
D 3 HOH 58  558 558 HOH HOH A . 
D 3 HOH 59  559 559 HOH HOH A . 
D 3 HOH 60  560 560 HOH HOH A . 
D 3 HOH 61  561 561 HOH HOH A . 
D 3 HOH 62  562 562 HOH HOH A . 
D 3 HOH 63  563 563 HOH HOH A . 
D 3 HOH 64  564 564 HOH HOH A . 
D 3 HOH 65  565 565 HOH HOH A . 
D 3 HOH 66  566 566 HOH HOH A . 
D 3 HOH 67  567 567 HOH HOH A . 
D 3 HOH 68  568 568 HOH HOH A . 
D 3 HOH 69  569 569 HOH HOH A . 
D 3 HOH 70  570 570 HOH HOH A . 
D 3 HOH 71  571 571 HOH HOH A . 
D 3 HOH 72  572 572 HOH HOH A . 
D 3 HOH 73  573 573 HOH HOH A . 
D 3 HOH 74  574 574 HOH HOH A . 
D 3 HOH 75  575 575 HOH HOH A . 
D 3 HOH 76  576 576 HOH HOH A . 
D 3 HOH 77  577 577 HOH HOH A . 
D 3 HOH 78  578 578 HOH HOH A . 
D 3 HOH 79  579 579 HOH HOH A . 
D 3 HOH 80  580 580 HOH HOH A . 
D 3 HOH 81  581 581 HOH HOH A . 
D 3 HOH 82  582 582 HOH HOH A . 
D 3 HOH 83  583 583 HOH HOH A . 
D 3 HOH 84  584 584 HOH HOH A . 
D 3 HOH 85  585 585 HOH HOH A . 
D 3 HOH 86  586 586 HOH HOH A . 
D 3 HOH 87  587 587 HOH HOH A . 
D 3 HOH 88  588 588 HOH HOH A . 
D 3 HOH 89  589 589 HOH HOH A . 
D 3 HOH 90  590 590 HOH HOH A . 
D 3 HOH 91  591 591 HOH HOH A . 
D 3 HOH 92  592 592 HOH HOH A . 
D 3 HOH 93  593 593 HOH HOH A . 
D 3 HOH 94  594 594 HOH HOH A . 
D 3 HOH 95  595 595 HOH HOH A . 
D 3 HOH 96  596 596 HOH HOH A . 
D 3 HOH 97  597 597 HOH HOH A . 
D 3 HOH 98  598 598 HOH HOH A . 
D 3 HOH 99  599 599 HOH HOH A . 
D 3 HOH 100 600 600 HOH HOH A . 
D 3 HOH 101 601 601 HOH HOH A . 
D 3 HOH 102 602 602 HOH HOH A . 
D 3 HOH 103 603 603 HOH HOH A . 
D 3 HOH 104 604 604 HOH HOH A . 
D 3 HOH 105 605 605 HOH HOH A . 
D 3 HOH 106 606 606 HOH HOH A . 
D 3 HOH 107 607 607 HOH HOH A . 
D 3 HOH 108 608 608 HOH HOH A . 
D 3 HOH 109 609 609 HOH HOH A . 
D 3 HOH 110 610 610 HOH HOH A . 
D 3 HOH 111 611 611 HOH HOH A . 
D 3 HOH 112 612 612 HOH HOH A . 
D 3 HOH 113 613 613 HOH HOH A . 
D 3 HOH 114 614 614 HOH HOH A . 
D 3 HOH 115 615 615 HOH HOH A . 
D 3 HOH 116 616 616 HOH HOH A . 
D 3 HOH 117 617 617 HOH HOH A . 
D 3 HOH 118 618 618 HOH HOH A . 
D 3 HOH 119 619 619 HOH HOH A . 
D 3 HOH 120 620 620 HOH HOH A . 
D 3 HOH 121 621 621 HOH HOH A . 
D 3 HOH 122 622 622 HOH HOH A . 
D 3 HOH 123 623 623 HOH HOH A . 
D 3 HOH 124 624 624 HOH HOH A . 
D 3 HOH 125 625 625 HOH HOH A . 
D 3 HOH 126 626 626 HOH HOH A . 
D 3 HOH 127 627 627 HOH HOH A . 
D 3 HOH 128 628 628 HOH HOH A . 
D 3 HOH 129 629 629 HOH HOH A . 
D 3 HOH 130 630 630 HOH HOH A . 
D 3 HOH 131 631 631 HOH HOH A . 
D 3 HOH 132 632 632 HOH HOH A . 
D 3 HOH 133 633 633 HOH HOH A . 
D 3 HOH 134 634 634 HOH HOH A . 
D 3 HOH 135 635 635 HOH HOH A . 
D 3 HOH 136 636 636 HOH HOH A . 
D 3 HOH 137 637 637 HOH HOH A . 
D 3 HOH 138 638 638 HOH HOH A . 
D 3 HOH 139 639 639 HOH HOH A . 
D 3 HOH 140 640 640 HOH HOH A . 
D 3 HOH 141 641 641 HOH HOH A . 
D 3 HOH 142 642 642 HOH HOH A . 
D 3 HOH 143 643 643 HOH HOH A . 
D 3 HOH 144 644 644 HOH HOH A . 
D 3 HOH 145 645 645 HOH HOH A . 
D 3 HOH 146 646 646 HOH HOH A . 
D 3 HOH 147 647 647 HOH HOH A . 
D 3 HOH 148 648 648 HOH HOH A . 
D 3 HOH 149 649 649 HOH HOH A . 
D 3 HOH 150 650 650 HOH HOH A . 
D 3 HOH 151 651 651 HOH HOH A . 
D 3 HOH 152 652 652 HOH HOH A . 
D 3 HOH 153 653 653 HOH HOH A . 
D 3 HOH 154 654 654 HOH HOH A . 
D 3 HOH 155 655 655 HOH HOH A . 
D 3 HOH 156 656 656 HOH HOH A . 
D 3 HOH 157 657 657 HOH HOH A . 
D 3 HOH 158 658 658 HOH HOH A . 
D 3 HOH 159 659 659 HOH HOH A . 
D 3 HOH 160 660 660 HOH HOH A . 
D 3 HOH 161 661 661 HOH HOH A . 
D 3 HOH 162 663 663 HOH HOH A . 
D 3 HOH 163 664 664 HOH HOH A . 
D 3 HOH 164 665 665 HOH HOH A . 
D 3 HOH 165 666 666 HOH HOH A . 
D 3 HOH 166 667 667 HOH HOH A . 
D 3 HOH 167 668 668 HOH HOH A . 
D 3 HOH 168 669 669 HOH HOH A . 
D 3 HOH 169 670 670 HOH HOH A . 
D 3 HOH 170 671 671 HOH HOH A . 
D 3 HOH 171 672 672 HOH HOH A . 
D 3 HOH 172 673 673 HOH HOH A . 
D 3 HOH 173 674 674 HOH HOH A . 
D 3 HOH 174 676 676 HOH HOH A . 
D 3 HOH 175 678 678 HOH HOH A . 
D 3 HOH 176 679 679 HOH HOH A . 
D 3 HOH 177 680 680 HOH HOH A . 
D 3 HOH 178 681 681 HOH HOH A . 
D 3 HOH 179 682 682 HOH HOH A . 
D 3 HOH 180 683 683 HOH HOH A . 
D 3 HOH 181 684 684 HOH HOH A . 
D 3 HOH 182 685 685 HOH HOH A . 
D 3 HOH 183 686 686 HOH HOH A . 
D 3 HOH 184 687 687 HOH HOH A . 
D 3 HOH 185 688 688 HOH HOH A . 
D 3 HOH 186 689 689 HOH HOH A . 
D 3 HOH 187 690 690 HOH HOH A . 
D 3 HOH 188 691 691 HOH HOH A . 
D 3 HOH 189 692 692 HOH HOH A . 
D 3 HOH 190 693 693 HOH HOH A . 
D 3 HOH 191 694 694 HOH HOH A . 
D 3 HOH 192 695 695 HOH HOH A . 
D 3 HOH 193 696 696 HOH HOH A . 
D 3 HOH 194 698 698 HOH HOH A . 
D 3 HOH 195 700 700 HOH HOH A . 
D 3 HOH 196 701 701 HOH HOH A . 
D 3 HOH 197 702 702 HOH HOH A . 
D 3 HOH 198 703 703 HOH HOH A . 
D 3 HOH 199 705 705 HOH HOH A . 
D 3 HOH 200 706 706 HOH HOH A . 
D 3 HOH 201 707 707 HOH HOH A . 
D 3 HOH 202 708 708 HOH HOH A . 
D 3 HOH 203 709 709 HOH HOH A . 
D 3 HOH 204 710 710 HOH HOH A . 
D 3 HOH 205 711 711 HOH HOH A . 
D 3 HOH 206 712 712 HOH HOH A . 
D 3 HOH 207 713 713 HOH HOH A . 
D 3 HOH 208 714 714 HOH HOH A . 
D 3 HOH 209 715 715 HOH HOH A . 
D 3 HOH 210 717 717 HOH HOH A . 
D 3 HOH 211 719 719 HOH HOH A . 
D 3 HOH 212 720 720 HOH HOH A . 
D 3 HOH 213 721 721 HOH HOH A . 
D 3 HOH 214 724 724 HOH HOH A . 
D 3 HOH 215 726 726 HOH HOH A . 
D 3 HOH 216 727 727 HOH HOH A . 
D 3 HOH 217 728 728 HOH HOH A . 
D 3 HOH 218 731 731 HOH HOH A . 
D 3 HOH 219 732 732 HOH HOH A . 
D 3 HOH 220 733 733 HOH HOH A . 
D 3 HOH 221 734 734 HOH HOH A . 
D 3 HOH 222 735 735 HOH HOH A . 
D 3 HOH 223 736 736 HOH HOH A . 
D 3 HOH 224 737 737 HOH HOH A . 
D 3 HOH 225 738 738 HOH HOH A . 
D 3 HOH 226 739 739 HOH HOH A . 
D 3 HOH 227 740 740 HOH HOH A . 
D 3 HOH 228 741 741 HOH HOH A . 
D 3 HOH 229 742 742 HOH HOH A . 
D 3 HOH 230 743 743 HOH HOH A . 
# 
loop_
_pdbx_unobs_or_zero_occ_atoms.id 
_pdbx_unobs_or_zero_occ_atoms.PDB_model_num 
_pdbx_unobs_or_zero_occ_atoms.polymer_flag 
_pdbx_unobs_or_zero_occ_atoms.occupancy_flag 
_pdbx_unobs_or_zero_occ_atoms.auth_asym_id 
_pdbx_unobs_or_zero_occ_atoms.auth_comp_id 
_pdbx_unobs_or_zero_occ_atoms.auth_seq_id 
_pdbx_unobs_or_zero_occ_atoms.PDB_ins_code 
_pdbx_unobs_or_zero_occ_atoms.auth_atom_id 
_pdbx_unobs_or_zero_occ_atoms.label_alt_id 
_pdbx_unobs_or_zero_occ_atoms.label_asym_id 
_pdbx_unobs_or_zero_occ_atoms.label_comp_id 
_pdbx_unobs_or_zero_occ_atoms.label_seq_id 
_pdbx_unobs_or_zero_occ_atoms.label_atom_id 
1 1 Y 1 A LYS 31 ? CG ? A LYS 34 CG 
2 1 Y 1 A LYS 31 ? CD ? A LYS 34 CD 
3 1 Y 1 A LYS 31 ? CE ? A LYS 34 CE 
4 1 Y 1 A LYS 31 ? NZ ? A LYS 34 NZ 
# 
loop_
_software.pdbx_ordinal 
_software.name 
_software.version 
_software.date 
_software.type 
_software.contact_author 
_software.contact_author_email 
_software.classification 
_software.location 
_software.language 
_software.citation_id 
1 SHELX       .    ?               package 'George M. Sheldrick' gsheldr@shelx.uni-ac.gwdg.de phasing           
http://shelx.uni-ac.gwdg.de/SHELX/           Fortran_77 ? 
2 REFMAC      .    ?               program 'Garib N. Murshudov'  garib@ysbl.york.ac.uk        refinement        
http://www.ccp4.ac.uk/dist/html/refmac5.html Fortran_77 ? 
3 PDB_EXTRACT 3.10 'June 10, 2010' package PDB                   deposit@deposit.rcsb.org     'data extraction' 
http://sw-tools.pdb.org/apps/PDB_EXTRACT/    C++        ? 
4 MAR345dtb   .    ?               ?       ?                     ?                            'data collection' ? ?          ? 
5 HKL-2000    .    ?               ?       ?                     ?                            'data reduction'  ? ?          ? 
6 HKL-2000    .    ?               ?       ?                     ?                            'data scaling'    ? ?          ? 
7 SHELXL-97   .    ?               ?       ?                     ?                            refinement        ? ?          ? 
# 
_cell.length_a           30.259 
_cell.length_b           57.003 
_cell.length_c           74.664 
_cell.angle_alpha        90.000 
_cell.angle_beta         90.000 
_cell.angle_gamma        90.000 
_cell.entry_id           3VG7 
_cell.pdbx_unique_axis   ? 
_cell.Z_PDB              4 
_cell.length_a_esd       ? 
_cell.length_b_esd       ? 
_cell.length_c_esd       ? 
_cell.angle_alpha_esd    ? 
_cell.angle_beta_esd     ? 
_cell.angle_gamma_esd    ? 
# 
_symmetry.space_group_name_H-M             'P 21 21 21' 
_symmetry.entry_id                         3VG7 
_symmetry.pdbx_full_space_group_name_H-M   ? 
_symmetry.Int_Tables_number                19 
_symmetry.cell_setting                     ? 
_symmetry.space_group_name_Hall            ? 
# 
_exptl.crystals_number   1 
_exptl.entry_id          3VG7 
_exptl.method            'X-RAY DIFFRACTION' 
# 
_exptl_crystal.description           'THE FILE CONTAINS FRIEDEL PAIRS.' 
_exptl_crystal.id                    1 
_exptl_crystal.pdbx_mosaicity        ? 
_exptl_crystal.pdbx_mosaicity_esd    ? 
_exptl_crystal.density_Matthews      1.940 
_exptl_crystal.density_diffrn        ? 
_exptl_crystal.density_meas          ? 
_exptl_crystal.density_meas_temp     ? 
_exptl_crystal.density_percent_sol   44.22 
_exptl_crystal.size_max              ? 
_exptl_crystal.size_mid              ? 
_exptl_crystal.size_min              ? 
_exptl_crystal.size_rad              ? 
_exptl_crystal.F_000                 ? 
_exptl_crystal.preparation           ? 
# 
_exptl_crystal_grow.crystal_id      1 
_exptl_crystal_grow.method          'hanging drop' 
_exptl_crystal_grow.pH              8.0 
_exptl_crystal_grow.temp            293 
_exptl_crystal_grow.pdbx_details    '30% PEG MME 2000, 0.15M KBr, pH 8.0, hanging drop, temperature 293K' 
_exptl_crystal_grow.temp_details    ? 
_exptl_crystal_grow.pdbx_pH_range   . 
# 
_diffrn.id                     1 
_diffrn.ambient_temp           100 
_diffrn.ambient_temp_details   ? 
_diffrn.crystal_id             1 
# 
_diffrn_detector.diffrn_id              1 
_diffrn_detector.detector               'IMAGE PLATE' 
_diffrn_detector.type                   'MAR scanner 345 mm plate' 
_diffrn_detector.pdbx_collection_date   2009-09-10 
_diffrn_detector.details                mirrors 
# 
_diffrn_radiation.diffrn_id                        1 
_diffrn_radiation.pdbx_diffrn_protocol             'SINGLE WAVELENGTH' 
_diffrn_radiation.monochromator                    'SAGITALLY FOCUSED Si(111)' 
_diffrn_radiation.pdbx_monochromatic_or_laue_m_l   M 
_diffrn_radiation.wavelength_id                    1 
_diffrn_radiation.pdbx_scattering_type             x-ray 
# 
_diffrn_radiation_wavelength.id           1 
_diffrn_radiation_wavelength.wavelength   1.5418 
_diffrn_radiation_wavelength.wt           1.0 
# 
_diffrn_source.diffrn_id                   1 
_diffrn_source.source                      'ROTATING ANODE' 
_diffrn_source.type                        'RIGAKU MICROMAX-007' 
_diffrn_source.pdbx_wavelength_list        1.5418 
_diffrn_source.pdbx_wavelength             ? 
_diffrn_source.pdbx_synchrotron_site       ? 
_diffrn_source.pdbx_synchrotron_beamline   ? 
# 
_reflns.entry_id                     3VG7 
_reflns.observed_criterion_sigma_F   2.0 
_reflns.observed_criterion_sigma_I   2.0 
_reflns.d_resolution_high            1.43 
_reflns.d_resolution_low             50.0 
_reflns.number_all                   ? 
_reflns.number_obs                   24038 
_reflns.percent_possible_obs         97.3 
_reflns.pdbx_Rmerge_I_obs            0.051 
_reflns.pdbx_Rsym_value              ? 
_reflns.pdbx_netI_over_sigmaI        103.7 
_reflns.B_iso_Wilson_estimate        ? 
_reflns.pdbx_redundancy              2.4 
_reflns.R_free_details               ? 
_reflns.limit_h_max                  ? 
_reflns.limit_h_min                  ? 
_reflns.limit_k_max                  ? 
_reflns.limit_k_min                  ? 
_reflns.limit_l_max                  ? 
_reflns.limit_l_min                  ? 
_reflns.observed_criterion_F_max     ? 
_reflns.observed_criterion_F_min     ? 
_reflns.pdbx_chi_squared             ? 
_reflns.pdbx_scaling_rejects         ? 
_reflns.pdbx_ordinal                 1 
_reflns.pdbx_diffrn_id               1 
# 
_reflns_shell.d_res_high                  1.43 
_reflns_shell.d_res_low                   1.48 
_reflns_shell.number_measured_obs         ? 
_reflns_shell.number_measured_all         ? 
_reflns_shell.number_unique_obs           ? 
_reflns_shell.pdbx_rejects                ? 
_reflns_shell.Rmerge_I_obs                0.417 
_reflns_shell.meanI_over_sigI_obs         9.8 
_reflns_shell.pdbx_Rsym_value             ? 
_reflns_shell.pdbx_chi_squared            ? 
_reflns_shell.pdbx_redundancy             23.2 
_reflns_shell.percent_possible_obs        ? 
_reflns_shell.pdbx_netI_over_sigmaI_obs   ? 
_reflns_shell.number_possible             ? 
_reflns_shell.number_unique_all           2020 
_reflns_shell.Rmerge_F_all                ? 
_reflns_shell.Rmerge_F_obs                ? 
_reflns_shell.Rmerge_I_all                ? 
_reflns_shell.meanI_over_sigI_all         ? 
_reflns_shell.percent_possible_all        84.6 
_reflns_shell.pdbx_Rrim_I_all             ? 
_reflns_shell.pdbx_Rpim_I_all             ? 
_reflns_shell.pdbx_ordinal                1 
_reflns_shell.pdbx_diffrn_id              1 
# 
_refine.entry_id                                 3VG7 
_refine.ls_d_res_high                            1.4400 
_refine.ls_d_res_low                             6.5000 
_refine.pdbx_ls_sigma_F                          0.000 
_refine.pdbx_data_cutoff_high_absF               ? 
_refine.pdbx_data_cutoff_low_absF                ? 
_refine.ls_percent_reflns_obs                    93.6000 
_refine.ls_number_reflns_obs                     21569 
_refine.ls_number_reflns_all                     22256 
_refine.pdbx_ls_cross_valid_method               ? 
_refine.pdbx_R_Free_selection_details            RANDOM 
_refine.details                                  'THE FILE CONTAINS FRIEDEL PAIRS.' 
_refine.ls_R_factor_all                          0.1663 
_refine.ls_R_factor_obs                          0.1645 
_refine.ls_R_factor_R_work                       0.1645 
_refine.ls_wR_factor_R_work                      ? 
_refine.ls_R_factor_R_free                       0.222 
_refine.ls_wR_factor_R_free                      ? 
_refine.ls_percent_reflns_R_free                 ? 
_refine.ls_number_reflns_R_free                  1177 
_refine.ls_R_factor_R_free_error                 ? 
_refine.B_iso_mean                               25.6919 
_refine.solvent_model_param_bsol                 ? 
_refine.solvent_model_param_ksol                 ? 
_refine.pdbx_isotropic_thermal_model             ? 
_refine.aniso_B[1][1]                            ? 
_refine.aniso_B[2][2]                            ? 
_refine.aniso_B[3][3]                            ? 
_refine.aniso_B[1][2]                            ? 
_refine.aniso_B[1][3]                            ? 
_refine.aniso_B[2][3]                            ? 
_refine.correlation_coeff_Fo_to_Fc               ? 
_refine.correlation_coeff_Fo_to_Fc_free          ? 
_refine.overall_SU_R_Cruickshank_DPI             ? 
_refine.overall_SU_R_free                        ? 
_refine.pdbx_overall_ESU_R_Free                  ? 
_refine.overall_SU_ML                            ? 
_refine.overall_SU_B                             ? 
_refine.solvent_model_details                    ? 
_refine.pdbx_solvent_vdw_probe_radii             ? 
_refine.pdbx_solvent_ion_probe_radii             ? 
_refine.pdbx_solvent_shrinkage_radii             ? 
_refine.ls_number_parameters                     10853 
_refine.ls_number_restraints                     13584 
_refine.pdbx_starting_model                      ? 
_refine.pdbx_method_to_determine_struct          'AB INITIO' 
_refine.pdbx_stereochemistry_target_values       'ENGH & HUBER' 
_refine.pdbx_stereochem_target_val_spec_case     ? 
_refine.overall_FOM_work_R_set                   ? 
_refine.B_iso_max                                156.550 
_refine.B_iso_min                                13.310 
_refine.pdbx_overall_phase_error                 ? 
_refine.occupancy_max                            1.150 
_refine.occupancy_min                            ? 
_refine.pdbx_ls_sigma_I                          ? 
_refine.ls_redundancy_reflns_obs                 ? 
_refine.ls_R_factor_R_free_error_details         ? 
_refine.pdbx_data_cutoff_high_rms_absF           ? 
_refine.overall_FOM_free_R_set                   ? 
_refine.pdbx_diffrn_id                           1 
_refine.pdbx_refine_id                           'X-RAY DIFFRACTION' 
_refine.pdbx_overall_ESU_R                       ? 
_refine.pdbx_TLS_residual_ADP_flag               ? 
_refine.pdbx_overall_SU_R_free_Cruickshank_DPI   ? 
_refine.pdbx_overall_SU_R_Blow_DPI               ? 
_refine.pdbx_overall_SU_R_free_Blow_DPI          ? 
# 
_refine_hist.pdbx_refine_id                   'X-RAY DIFFRACTION' 
_refine_hist.cycle_id                         LAST 
_refine_hist.pdbx_number_atoms_protein        1000 
_refine_hist.pdbx_number_atoms_nucleic_acid   0 
_refine_hist.pdbx_number_atoms_ligand         36 
_refine_hist.number_atoms_solvent             230 
_refine_hist.number_atoms_total               1266 
_refine_hist.d_res_high                       1.4400 
_refine_hist.d_res_low                        6.5000 
# 
_pdbx_refine.pdbx_refine_id                              'X-RAY DIFFRACTION' 
_pdbx_refine.R_factor_all_4sig_cutoff                    0.1645 
_pdbx_refine.R_factor_all_no_cutoff                      0.1663 
_pdbx_refine.number_reflns_obs_4sig_cutoff               21569 
_pdbx_refine.entry_id                                    3VG7 
_pdbx_refine.R_factor_obs_no_cutoff                      ? 
_pdbx_refine.free_R_factor_no_cutoff                     ? 
_pdbx_refine.free_R_error_no_cutoff                      ? 
_pdbx_refine.free_R_val_test_set_size_perc_no_cutoff     ? 
_pdbx_refine.free_R_val_test_set_ct_no_cutoff            ? 
_pdbx_refine.R_factor_obs_4sig_cutoff                    ? 
_pdbx_refine.free_R_factor_4sig_cutoff                   ? 
_pdbx_refine.free_R_val_test_set_size_perc_4sig_cutoff   ? 
_pdbx_refine.free_R_val_test_set_ct_4sig_cutoff          ? 
# 
_struct.entry_id                  3VG7 
_struct.title                     'Structure of human LFABP at high resolution from S-SAD' 
_struct.pdbx_model_details        ? 
_struct.pdbx_CASP_flag            ? 
_struct.pdbx_model_type_details   ? 
# 
_struct_keywords.entry_id        3VG7 
_struct_keywords.text            'LFABP, S-SAD, Copper Kalpha, Palmitic acid, LIPID BINDING PROTEIN' 
_struct_keywords.pdbx_keywords   'LIPID BINDING PROTEIN' 
# 
loop_
_struct_asym.id 
_struct_asym.pdbx_blank_PDB_chainid_flag 
_struct_asym.pdbx_modified 
_struct_asym.entity_id 
_struct_asym.details 
A N N 1 ? 
B N N 2 ? 
C N N 2 ? 
D N N 3 ? 
# 
_struct_ref.id                         1 
_struct_ref.db_name                    UNP 
_struct_ref.db_code                    FABPL_HUMAN 
_struct_ref.pdbx_db_accession          P07148 
_struct_ref.entity_id                  1 
_struct_ref.pdbx_seq_one_letter_code   
;SFSGKYQLQSQENFEAFMKAIGLPEELIQKGKDIKGVSEIVQNGKHFKFTITAGSKVIQNEFTVGEECELETMTGEKVKT
VVQLEGDNKLVTTFKNIKSVTELNGDIITNTMTLGDIVFKRISKRI
;
_struct_ref.pdbx_align_begin           2 
_struct_ref.pdbx_db_isoform            ? 
# 
_struct_ref_seq.align_id                      1 
_struct_ref_seq.ref_id                        1 
_struct_ref_seq.pdbx_PDB_id_code              3VG7 
_struct_ref_seq.pdbx_strand_id                A 
_struct_ref_seq.seq_align_beg                 5 
_struct_ref_seq.pdbx_seq_align_beg_ins_code   ? 
_struct_ref_seq.seq_align_end                 130 
_struct_ref_seq.pdbx_seq_align_end_ins_code   ? 
_struct_ref_seq.pdbx_db_accession             P07148 
_struct_ref_seq.db_align_beg                  2 
_struct_ref_seq.pdbx_db_align_beg_ins_code    ? 
_struct_ref_seq.db_align_end                  127 
_struct_ref_seq.pdbx_db_align_end_ins_code    ? 
_struct_ref_seq.pdbx_auth_seq_align_beg       2 
_struct_ref_seq.pdbx_auth_seq_align_end       127 
# 
loop_
_struct_ref_seq_dif.align_id 
_struct_ref_seq_dif.pdbx_pdb_id_code 
_struct_ref_seq_dif.mon_id 
_struct_ref_seq_dif.pdbx_pdb_strand_id 
_struct_ref_seq_dif.seq_num 
_struct_ref_seq_dif.pdbx_pdb_ins_code 
_struct_ref_seq_dif.pdbx_seq_db_name 
_struct_ref_seq_dif.pdbx_seq_db_accession_code 
_struct_ref_seq_dif.db_mon_id 
_struct_ref_seq_dif.pdbx_seq_db_seq_num 
_struct_ref_seq_dif.details 
_struct_ref_seq_dif.pdbx_auth_seq_num 
_struct_ref_seq_dif.pdbx_ordinal 
1 3VG7 MET A 1   ? UNP P07148 ? ? 'expression tag' -2  1 
1 3VG7 ALA A 2   ? UNP P07148 ? ? 'expression tag' -1  2 
1 3VG7 GLY A 3   ? UNP P07148 ? ? 'expression tag' 0   3 
1 3VG7 SER A 4   ? UNP P07148 ? ? 'expression tag' 1   4 
1 3VG7 GLY A 131 ? UNP P07148 ? ? 'expression tag' 128 5 
1 3VG7 THR A 132 ? UNP P07148 ? ? 'expression tag' 129 6 
# 
_pdbx_struct_assembly.id                   1 
_pdbx_struct_assembly.details              author_and_software_defined_assembly 
_pdbx_struct_assembly.method_details       PISA 
_pdbx_struct_assembly.oligomeric_details   monomeric 
_pdbx_struct_assembly.oligomeric_count     1 
# 
_pdbx_struct_assembly_gen.assembly_id       1 
_pdbx_struct_assembly_gen.oper_expression   1 
_pdbx_struct_assembly_gen.asym_id_list      A,B,C,D 
# 
_pdbx_struct_oper_list.id                   1 
_pdbx_struct_oper_list.type                 'identity operation' 
_pdbx_struct_oper_list.name                 1_555 
_pdbx_struct_oper_list.symmetry_operation   x,y,z 
_pdbx_struct_oper_list.matrix[1][1]         1.0000000000 
_pdbx_struct_oper_list.matrix[1][2]         0.0000000000 
_pdbx_struct_oper_list.matrix[1][3]         0.0000000000 
_pdbx_struct_oper_list.vector[1]            0.0000000000 
_pdbx_struct_oper_list.matrix[2][1]         0.0000000000 
_pdbx_struct_oper_list.matrix[2][2]         1.0000000000 
_pdbx_struct_oper_list.matrix[2][3]         0.0000000000 
_pdbx_struct_oper_list.vector[2]            0.0000000000 
_pdbx_struct_oper_list.matrix[3][1]         0.0000000000 
_pdbx_struct_oper_list.matrix[3][2]         0.0000000000 
_pdbx_struct_oper_list.matrix[3][3]         1.0000000000 
_pdbx_struct_oper_list.vector[3]            0.0000000000 
# 
_struct_biol.id        1 
_struct_biol.details   ? 
# 
loop_
_struct_conf.conf_type_id 
_struct_conf.id 
_struct_conf.pdbx_PDB_helix_id 
_struct_conf.beg_label_comp_id 
_struct_conf.beg_label_asym_id 
_struct_conf.beg_label_seq_id 
_struct_conf.pdbx_beg_PDB_ins_code 
_struct_conf.end_label_comp_id 
_struct_conf.end_label_asym_id 
_struct_conf.end_label_seq_id 
_struct_conf.pdbx_end_PDB_ins_code 
_struct_conf.beg_auth_comp_id 
_struct_conf.beg_auth_asym_id 
_struct_conf.beg_auth_seq_id 
_struct_conf.end_auth_comp_id 
_struct_conf.end_auth_asym_id 
_struct_conf.end_auth_seq_id 
_struct_conf.pdbx_PDB_helix_class 
_struct_conf.details 
_struct_conf.pdbx_PDB_helix_length 
HELX_P HELX_P1 1 ASN A 17 ? ILE A 25 ? ASN A 14 ILE A 22 1 ? 9 
HELX_P HELX_P2 2 PRO A 28 ? LYS A 36 ? PRO A 25 LYS A 33 1 ? 9 
# 
_struct_conf_type.id          HELX_P 
_struct_conf_type.criteria    ? 
_struct_conf_type.reference   ? 
# 
loop_
_struct_sheet.id 
_struct_sheet.type 
_struct_sheet.number_strands 
_struct_sheet.details 
A ? 9 ? 
B ? 2 ? 
# 
loop_
_struct_sheet_order.sheet_id 
_struct_sheet_order.range_id_1 
_struct_sheet_order.range_id_2 
_struct_sheet_order.offset 
_struct_sheet_order.sense 
A 1 2 ? anti-parallel 
A 2 3 ? anti-parallel 
A 3 4 ? anti-parallel 
A 4 5 ? anti-parallel 
A 5 6 ? anti-parallel 
A 6 7 ? anti-parallel 
A 7 8 ? anti-parallel 
A 8 9 ? anti-parallel 
B 1 2 ? anti-parallel 
# 
loop_
_struct_sheet_range.sheet_id 
_struct_sheet_range.id 
_struct_sheet_range.beg_label_comp_id 
_struct_sheet_range.beg_label_asym_id 
_struct_sheet_range.beg_label_seq_id 
_struct_sheet_range.pdbx_beg_PDB_ins_code 
_struct_sheet_range.end_label_comp_id 
_struct_sheet_range.end_label_asym_id 
_struct_sheet_range.end_label_seq_id 
_struct_sheet_range.pdbx_end_PDB_ins_code 
_struct_sheet_range.beg_auth_comp_id 
_struct_sheet_range.beg_auth_asym_id 
_struct_sheet_range.beg_auth_seq_id 
_struct_sheet_range.end_auth_comp_id 
_struct_sheet_range.end_auth_asym_id 
_struct_sheet_range.end_auth_seq_id 
A 1 LYS A 60  ? THR A 67  ? LYS A 57  THR A 64  
A 2 HIS A 50  ? ALA A 57  ? HIS A 47  ALA A 54  
A 3 VAL A 41  ? ASN A 47  ? VAL A 38  ASN A 44  
A 4 GLY A 8   ? GLU A 16  ? GLY A 5   GLU A 13  
A 5 ILE A 121 ? ARG A 129 ? ILE A 118 ARG A 126 
A 6 ILE A 111 ? LEU A 118 ? ILE A 108 LEU A 115 
A 7 ILE A 101 ? ASN A 108 ? ILE A 98  ASN A 105 
A 8 LYS A 93  ? PHE A 98  ? LYS A 90  PHE A 95  
A 9 GLN A 87  ? LEU A 88  ? GLN A 84  LEU A 85  
B 1 GLU A 71  ? GLU A 75  ? GLU A 68  GLU A 72  
B 2 LYS A 81  ? VAL A 85  ? LYS A 78  VAL A 82  
# 
loop_
_pdbx_struct_sheet_hbond.sheet_id 
_pdbx_struct_sheet_hbond.range_id_1 
_pdbx_struct_sheet_hbond.range_id_2 
_pdbx_struct_sheet_hbond.range_1_label_atom_id 
_pdbx_struct_sheet_hbond.range_1_label_comp_id 
_pdbx_struct_sheet_hbond.range_1_label_asym_id 
_pdbx_struct_sheet_hbond.range_1_label_seq_id 
_pdbx_struct_sheet_hbond.range_1_PDB_ins_code 
_pdbx_struct_sheet_hbond.range_1_auth_atom_id 
_pdbx_struct_sheet_hbond.range_1_auth_comp_id 
_pdbx_struct_sheet_hbond.range_1_auth_asym_id 
_pdbx_struct_sheet_hbond.range_1_auth_seq_id 
_pdbx_struct_sheet_hbond.range_2_label_atom_id 
_pdbx_struct_sheet_hbond.range_2_label_comp_id 
_pdbx_struct_sheet_hbond.range_2_label_asym_id 
_pdbx_struct_sheet_hbond.range_2_label_seq_id 
_pdbx_struct_sheet_hbond.range_2_PDB_ins_code 
_pdbx_struct_sheet_hbond.range_2_auth_atom_id 
_pdbx_struct_sheet_hbond.range_2_auth_comp_id 
_pdbx_struct_sheet_hbond.range_2_auth_asym_id 
_pdbx_struct_sheet_hbond.range_2_auth_seq_id 
A 1 2 O ILE A 62  ? O ILE A 59  N ILE A 55  ? N ILE A 52  
A 2 3 O HIS A 50  ? O HIS A 47  N ASN A 47  ? N ASN A 44  
A 3 4 O SER A 42  ? O SER A 39  N TYR A 10  ? N TYR A 7   
A 4 5 N GLN A 13  ? N GLN A 10  O ILE A 126 ? O ILE A 123 
A 5 6 O PHE A 123 ? O PHE A 120 N MET A 116 ? N MET A 113 
A 6 7 O ILE A 111 ? O ILE A 108 N ASN A 108 ? N ASN A 105 
A 7 8 O SER A 103 ? O SER A 100 N THR A 96  ? N THR A 93  
A 8 9 O VAL A 95  ? O VAL A 92  N GLN A 87  ? N GLN A 84  
B 1 2 N LEU A 74  ? N LEU A 71  O VAL A 82  ? O VAL A 79  
# 
loop_
_struct_site.id 
_struct_site.pdbx_evidence_code 
_struct_site.pdbx_auth_asym_id 
_struct_site.pdbx_auth_comp_id 
_struct_site.pdbx_auth_seq_id 
_struct_site.pdbx_auth_ins_code 
_struct_site.pdbx_num_residues 
_struct_site.details 
AC1 Software A PLM 201 ? 12 'BINDING SITE FOR RESIDUE PLM A 201' 
AC2 Software A PLM 202 ? 9  'BINDING SITE FOR RESIDUE PLM A 202' 
# 
loop_
_struct_site_gen.id 
_struct_site_gen.site_id 
_struct_site_gen.pdbx_num_res 
_struct_site_gen.label_comp_id 
_struct_site_gen.label_asym_id 
_struct_site_gen.label_seq_id 
_struct_site_gen.pdbx_auth_ins_code 
_struct_site_gen.auth_comp_id 
_struct_site_gen.auth_asym_id 
_struct_site_gen.auth_seq_id 
_struct_site_gen.label_atom_id 
_struct_site_gen.label_alt_id 
_struct_site_gen.symmetry 
_struct_site_gen.details 
1  AC1 12 SER A 42  ? SER A 39  . ? 1_555 ? 
2  AC1 12 PHE A 53  ? PHE A 50  . ? 1_555 ? 
3  AC1 12 GLU A 75  ? GLU A 72  . ? 1_555 ? 
4  AC1 12 MET A 77  ? MET A 74  . ? 1_555 ? 
5  AC1 12 PHE A 98  ? PHE A 95  . ? 1_555 ? 
6  AC1 12 SER A 103 ? SER A 100 . ? 1_555 ? 
7  AC1 12 THR A 105 ? THR A 102 . ? 1_555 ? 
8  AC1 12 ASN A 114 ? ASN A 111 . ? 1_555 ? 
9  AC1 12 ARG A 125 ? ARG A 122 . ? 1_555 ? 
10 AC1 12 PLM C .   ? PLM A 202 . ? 1_555 ? 
11 AC1 12 HOH D .   ? HOH A 505 . ? 1_555 ? 
12 AC1 12 HOH D .   ? HOH A 688 . ? 1_555 ? 
13 AC2 9  LEU A 27  ? LEU A 24  . ? 1_555 ? 
14 AC2 9  LEU A 31  ? LEU A 28  . ? 1_555 ? 
15 AC2 9  ALA A 57  ? ALA A 54  . ? 1_555 ? 
16 AC2 9  GLY A 58  ? GLY A 55  . ? 1_555 ? 
17 AC2 9  SER A 59  ? SER A 56  . ? 1_555 ? 
18 AC2 9  ASN A 114 ? ASN A 111 . ? 1_555 ? 
19 AC2 9  ARG A 125 ? ARG A 122 . ? 1_555 ? 
20 AC2 9  PLM B .   ? PLM A 201 . ? 1_555 ? 
21 AC2 9  HOH D .   ? HOH A 688 . ? 1_555 ? 
# 
_pdbx_validate_rmsd_angle.id                         1 
_pdbx_validate_rmsd_angle.PDB_model_num              1 
_pdbx_validate_rmsd_angle.auth_atom_id_1             NE 
_pdbx_validate_rmsd_angle.auth_asym_id_1             A 
_pdbx_validate_rmsd_angle.auth_comp_id_1             ARG 
_pdbx_validate_rmsd_angle.auth_seq_id_1              122 
_pdbx_validate_rmsd_angle.PDB_ins_code_1             ? 
_pdbx_validate_rmsd_angle.label_alt_id_1             ? 
_pdbx_validate_rmsd_angle.auth_atom_id_2             CZ 
_pdbx_validate_rmsd_angle.auth_asym_id_2             A 
_pdbx_validate_rmsd_angle.auth_comp_id_2             ARG 
_pdbx_validate_rmsd_angle.auth_seq_id_2              122 
_pdbx_validate_rmsd_angle.PDB_ins_code_2             ? 
_pdbx_validate_rmsd_angle.label_alt_id_2             ? 
_pdbx_validate_rmsd_angle.auth_atom_id_3             NH1 
_pdbx_validate_rmsd_angle.auth_asym_id_3             A 
_pdbx_validate_rmsd_angle.auth_comp_id_3             ARG 
_pdbx_validate_rmsd_angle.auth_seq_id_3              122 
_pdbx_validate_rmsd_angle.PDB_ins_code_3             ? 
_pdbx_validate_rmsd_angle.label_alt_id_3             ? 
_pdbx_validate_rmsd_angle.angle_value                124.94 
_pdbx_validate_rmsd_angle.angle_target_value         120.30 
_pdbx_validate_rmsd_angle.angle_deviation            4.64 
_pdbx_validate_rmsd_angle.angle_standard_deviation   0.50 
_pdbx_validate_rmsd_angle.linker_flag                N 
# 
_pdbx_validate_torsion.id              1 
_pdbx_validate_torsion.PDB_model_num   1 
_pdbx_validate_torsion.auth_comp_id    SER 
_pdbx_validate_torsion.auth_asym_id    A 
_pdbx_validate_torsion.auth_seq_id     56 
_pdbx_validate_torsion.PDB_ins_code    ? 
_pdbx_validate_torsion.label_alt_id    A 
_pdbx_validate_torsion.phi             71.31 
_pdbx_validate_torsion.psi             -21.87 
# 
_phasing.method   SAD 
# 
loop_
_pdbx_unobs_or_zero_occ_residues.id 
_pdbx_unobs_or_zero_occ_residues.PDB_model_num 
_pdbx_unobs_or_zero_occ_residues.polymer_flag 
_pdbx_unobs_or_zero_occ_residues.occupancy_flag 
_pdbx_unobs_or_zero_occ_residues.auth_asym_id 
_pdbx_unobs_or_zero_occ_residues.auth_comp_id 
_pdbx_unobs_or_zero_occ_residues.auth_seq_id 
_pdbx_unobs_or_zero_occ_residues.PDB_ins_code 
_pdbx_unobs_or_zero_occ_residues.label_asym_id 
_pdbx_unobs_or_zero_occ_residues.label_comp_id 
_pdbx_unobs_or_zero_occ_residues.label_seq_id 
1 1 Y 1 A MET -2 ? A MET 1 
2 1 Y 1 A ALA -1 ? A ALA 2 
3 1 Y 1 A GLY 0  ? A GLY 3 
# 
loop_
_chem_comp_atom.comp_id 
_chem_comp_atom.atom_id 
_chem_comp_atom.type_symbol 
_chem_comp_atom.pdbx_aromatic_flag 
_chem_comp_atom.pdbx_stereo_config 
_chem_comp_atom.pdbx_ordinal 
ALA N    N N N 1   
ALA CA   C N S 2   
ALA C    C N N 3   
ALA O    O N N 4   
ALA CB   C N N 5   
ALA OXT  O N N 6   
ALA H    H N N 7   
ALA H2   H N N 8   
ALA HA   H N N 9   
ALA HB1  H N N 10  
ALA HB2  H N N 11  
ALA HB3  H N N 12  
ALA HXT  H N N 13  
ARG N    N N N 14  
ARG CA   C N S 15  
ARG C    C N N 16  
ARG O    O N N 17  
ARG CB   C N N 18  
ARG CG   C N N 19  
ARG CD   C N N 20  
ARG NE   N N N 21  
ARG CZ   C N N 22  
ARG NH1  N N N 23  
ARG NH2  N N N 24  
ARG OXT  O N N 25  
ARG H    H N N 26  
ARG H2   H N N 27  
ARG HA   H N N 28  
ARG HB2  H N N 29  
ARG HB3  H N N 30  
ARG HG2  H N N 31  
ARG HG3  H N N 32  
ARG HD2  H N N 33  
ARG HD3  H N N 34  
ARG HE   H N N 35  
ARG HH11 H N N 36  
ARG HH12 H N N 37  
ARG HH21 H N N 38  
ARG HH22 H N N 39  
ARG HXT  H N N 40  
ASN N    N N N 41  
ASN CA   C N S 42  
ASN C    C N N 43  
ASN O    O N N 44  
ASN CB   C N N 45  
ASN CG   C N N 46  
ASN OD1  O N N 47  
ASN ND2  N N N 48  
ASN OXT  O N N 49  
ASN H    H N N 50  
ASN H2   H N N 51  
ASN HA   H N N 52  
ASN HB2  H N N 53  
ASN HB3  H N N 54  
ASN HD21 H N N 55  
ASN HD22 H N N 56  
ASN HXT  H N N 57  
ASP N    N N N 58  
ASP CA   C N S 59  
ASP C    C N N 60  
ASP O    O N N 61  
ASP CB   C N N 62  
ASP CG   C N N 63  
ASP OD1  O N N 64  
ASP OD2  O N N 65  
ASP OXT  O N N 66  
ASP H    H N N 67  
ASP H2   H N N 68  
ASP HA   H N N 69  
ASP HB2  H N N 70  
ASP HB3  H N N 71  
ASP HD2  H N N 72  
ASP HXT  H N N 73  
CYS N    N N N 74  
CYS CA   C N R 75  
CYS C    C N N 76  
CYS O    O N N 77  
CYS CB   C N N 78  
CYS SG   S N N 79  
CYS OXT  O N N 80  
CYS H    H N N 81  
CYS H2   H N N 82  
CYS HA   H N N 83  
CYS HB2  H N N 84  
CYS HB3  H N N 85  
CYS HG   H N N 86  
CYS HXT  H N N 87  
GLN N    N N N 88  
GLN CA   C N S 89  
GLN C    C N N 90  
GLN O    O N N 91  
GLN CB   C N N 92  
GLN CG   C N N 93  
GLN CD   C N N 94  
GLN OE1  O N N 95  
GLN NE2  N N N 96  
GLN OXT  O N N 97  
GLN H    H N N 98  
GLN H2   H N N 99  
GLN HA   H N N 100 
GLN HB2  H N N 101 
GLN HB3  H N N 102 
GLN HG2  H N N 103 
GLN HG3  H N N 104 
GLN HE21 H N N 105 
GLN HE22 H N N 106 
GLN HXT  H N N 107 
GLU N    N N N 108 
GLU CA   C N S 109 
GLU C    C N N 110 
GLU O    O N N 111 
GLU CB   C N N 112 
GLU CG   C N N 113 
GLU CD   C N N 114 
GLU OE1  O N N 115 
GLU OE2  O N N 116 
GLU OXT  O N N 117 
GLU H    H N N 118 
GLU H2   H N N 119 
GLU HA   H N N 120 
GLU HB2  H N N 121 
GLU HB3  H N N 122 
GLU HG2  H N N 123 
GLU HG3  H N N 124 
GLU HE2  H N N 125 
GLU HXT  H N N 126 
GLY N    N N N 127 
GLY CA   C N N 128 
GLY C    C N N 129 
GLY O    O N N 130 
GLY OXT  O N N 131 
GLY H    H N N 132 
GLY H2   H N N 133 
GLY HA2  H N N 134 
GLY HA3  H N N 135 
GLY HXT  H N N 136 
HIS N    N N N 137 
HIS CA   C N S 138 
HIS C    C N N 139 
HIS O    O N N 140 
HIS CB   C N N 141 
HIS CG   C Y N 142 
HIS ND1  N Y N 143 
HIS CD2  C Y N 144 
HIS CE1  C Y N 145 
HIS NE2  N Y N 146 
HIS OXT  O N N 147 
HIS H    H N N 148 
HIS H2   H N N 149 
HIS HA   H N N 150 
HIS HB2  H N N 151 
HIS HB3  H N N 152 
HIS HD1  H N N 153 
HIS HD2  H N N 154 
HIS HE1  H N N 155 
HIS HE2  H N N 156 
HIS HXT  H N N 157 
HOH O    O N N 158 
HOH H1   H N N 159 
HOH H2   H N N 160 
ILE N    N N N 161 
ILE CA   C N S 162 
ILE C    C N N 163 
ILE O    O N N 164 
ILE CB   C N S 165 
ILE CG1  C N N 166 
ILE CG2  C N N 167 
ILE CD1  C N N 168 
ILE OXT  O N N 169 
ILE H    H N N 170 
ILE H2   H N N 171 
ILE HA   H N N 172 
ILE HB   H N N 173 
ILE HG12 H N N 174 
ILE HG13 H N N 175 
ILE HG21 H N N 176 
ILE HG22 H N N 177 
ILE HG23 H N N 178 
ILE HD11 H N N 179 
ILE HD12 H N N 180 
ILE HD13 H N N 181 
ILE HXT  H N N 182 
LEU N    N N N 183 
LEU CA   C N S 184 
LEU C    C N N 185 
LEU O    O N N 186 
LEU CB   C N N 187 
LEU CG   C N N 188 
LEU CD1  C N N 189 
LEU CD2  C N N 190 
LEU OXT  O N N 191 
LEU H    H N N 192 
LEU H2   H N N 193 
LEU HA   H N N 194 
LEU HB2  H N N 195 
LEU HB3  H N N 196 
LEU HG   H N N 197 
LEU HD11 H N N 198 
LEU HD12 H N N 199 
LEU HD13 H N N 200 
LEU HD21 H N N 201 
LEU HD22 H N N 202 
LEU HD23 H N N 203 
LEU HXT  H N N 204 
LYS N    N N N 205 
LYS CA   C N S 206 
LYS C    C N N 207 
LYS O    O N N 208 
LYS CB   C N N 209 
LYS CG   C N N 210 
LYS CD   C N N 211 
LYS CE   C N N 212 
LYS NZ   N N N 213 
LYS OXT  O N N 214 
LYS H    H N N 215 
LYS H2   H N N 216 
LYS HA   H N N 217 
LYS HB2  H N N 218 
LYS HB3  H N N 219 
LYS HG2  H N N 220 
LYS HG3  H N N 221 
LYS HD2  H N N 222 
LYS HD3  H N N 223 
LYS HE2  H N N 224 
LYS HE3  H N N 225 
LYS HZ1  H N N 226 
LYS HZ2  H N N 227 
LYS HZ3  H N N 228 
LYS HXT  H N N 229 
MET N    N N N 230 
MET CA   C N S 231 
MET C    C N N 232 
MET O    O N N 233 
MET CB   C N N 234 
MET CG   C N N 235 
MET SD   S N N 236 
MET CE   C N N 237 
MET OXT  O N N 238 
MET H    H N N 239 
MET H2   H N N 240 
MET HA   H N N 241 
MET HB2  H N N 242 
MET HB3  H N N 243 
MET HG2  H N N 244 
MET HG3  H N N 245 
MET HE1  H N N 246 
MET HE2  H N N 247 
MET HE3  H N N 248 
MET HXT  H N N 249 
PHE N    N N N 250 
PHE CA   C N S 251 
PHE C    C N N 252 
PHE O    O N N 253 
PHE CB   C N N 254 
PHE CG   C Y N 255 
PHE CD1  C Y N 256 
PHE CD2  C Y N 257 
PHE CE1  C Y N 258 
PHE CE2  C Y N 259 
PHE CZ   C Y N 260 
PHE OXT  O N N 261 
PHE H    H N N 262 
PHE H2   H N N 263 
PHE HA   H N N 264 
PHE HB2  H N N 265 
PHE HB3  H N N 266 
PHE HD1  H N N 267 
PHE HD2  H N N 268 
PHE HE1  H N N 269 
PHE HE2  H N N 270 
PHE HZ   H N N 271 
PHE HXT  H N N 272 
PLM C1   C N N 273 
PLM O1   O N N 274 
PLM O2   O N N 275 
PLM C2   C N N 276 
PLM C3   C N N 277 
PLM C4   C N N 278 
PLM C5   C N N 279 
PLM C6   C N N 280 
PLM C7   C N N 281 
PLM C8   C N N 282 
PLM C9   C N N 283 
PLM CA   C N N 284 
PLM CB   C N N 285 
PLM CC   C N N 286 
PLM CD   C N N 287 
PLM CE   C N N 288 
PLM CF   C N N 289 
PLM CG   C N N 290 
PLM H    H N N 291 
PLM H21  H N N 292 
PLM H22  H N N 293 
PLM H31  H N N 294 
PLM H32  H N N 295 
PLM H41  H N N 296 
PLM H42  H N N 297 
PLM H51  H N N 298 
PLM H52  H N N 299 
PLM H61  H N N 300 
PLM H62  H N N 301 
PLM H71  H N N 302 
PLM H72  H N N 303 
PLM H81  H N N 304 
PLM H82  H N N 305 
PLM H91  H N N 306 
PLM H92  H N N 307 
PLM HA1  H N N 308 
PLM HA2  H N N 309 
PLM HB1  H N N 310 
PLM HB2  H N N 311 
PLM HC1  H N N 312 
PLM HC2  H N N 313 
PLM HD1  H N N 314 
PLM HD2  H N N 315 
PLM HE1  H N N 316 
PLM HE2  H N N 317 
PLM HF1  H N N 318 
PLM HF2  H N N 319 
PLM HG1  H N N 320 
PLM HG2  H N N 321 
PLM HG3  H N N 322 
PRO N    N N N 323 
PRO CA   C N S 324 
PRO C    C N N 325 
PRO O    O N N 326 
PRO CB   C N N 327 
PRO CG   C N N 328 
PRO CD   C N N 329 
PRO OXT  O N N 330 
PRO H    H N N 331 
PRO HA   H N N 332 
PRO HB2  H N N 333 
PRO HB3  H N N 334 
PRO HG2  H N N 335 
PRO HG3  H N N 336 
PRO HD2  H N N 337 
PRO HD3  H N N 338 
PRO HXT  H N N 339 
SER N    N N N 340 
SER CA   C N S 341 
SER C    C N N 342 
SER O    O N N 343 
SER CB   C N N 344 
SER OG   O N N 345 
SER OXT  O N N 346 
SER H    H N N 347 
SER H2   H N N 348 
SER HA   H N N 349 
SER HB2  H N N 350 
SER HB3  H N N 351 
SER HG   H N N 352 
SER HXT  H N N 353 
THR N    N N N 354 
THR CA   C N S 355 
THR C    C N N 356 
THR O    O N N 357 
THR CB   C N R 358 
THR OG1  O N N 359 
THR CG2  C N N 360 
THR OXT  O N N 361 
THR H    H N N 362 
THR H2   H N N 363 
THR HA   H N N 364 
THR HB   H N N 365 
THR HG1  H N N 366 
THR HG21 H N N 367 
THR HG22 H N N 368 
THR HG23 H N N 369 
THR HXT  H N N 370 
TYR N    N N N 371 
TYR CA   C N S 372 
TYR C    C N N 373 
TYR O    O N N 374 
TYR CB   C N N 375 
TYR CG   C Y N 376 
TYR CD1  C Y N 377 
TYR CD2  C Y N 378 
TYR CE1  C Y N 379 
TYR CE2  C Y N 380 
TYR CZ   C Y N 381 
TYR OH   O N N 382 
TYR OXT  O N N 383 
TYR H    H N N 384 
TYR H2   H N N 385 
TYR HA   H N N 386 
TYR HB2  H N N 387 
TYR HB3  H N N 388 
TYR HD1  H N N 389 
TYR HD2  H N N 390 
TYR HE1  H N N 391 
TYR HE2  H N N 392 
TYR HH   H N N 393 
TYR HXT  H N N 394 
VAL N    N N N 395 
VAL CA   C N S 396 
VAL C    C N N 397 
VAL O    O N N 398 
VAL CB   C N N 399 
VAL CG1  C N N 400 
VAL CG2  C N N 401 
VAL OXT  O N N 402 
VAL H    H N N 403 
VAL H2   H N N 404 
VAL HA   H N N 405 
VAL HB   H N N 406 
VAL HG11 H N N 407 
VAL HG12 H N N 408 
VAL HG13 H N N 409 
VAL HG21 H N N 410 
VAL HG22 H N N 411 
VAL HG23 H N N 412 
VAL HXT  H N N 413 
# 
loop_
_chem_comp_bond.comp_id 
_chem_comp_bond.atom_id_1 
_chem_comp_bond.atom_id_2 
_chem_comp_bond.value_order 
_chem_comp_bond.pdbx_aromatic_flag 
_chem_comp_bond.pdbx_stereo_config 
_chem_comp_bond.pdbx_ordinal 
ALA N   CA   sing N N 1   
ALA N   H    sing N N 2   
ALA N   H2   sing N N 3   
ALA CA  C    sing N N 4   
ALA CA  CB   sing N N 5   
ALA CA  HA   sing N N 6   
ALA C   O    doub N N 7   
ALA C   OXT  sing N N 8   
ALA CB  HB1  sing N N 9   
ALA CB  HB2  sing N N 10  
ALA CB  HB3  sing N N 11  
ALA OXT HXT  sing N N 12  
ARG N   CA   sing N N 13  
ARG N   H    sing N N 14  
ARG N   H2   sing N N 15  
ARG CA  C    sing N N 16  
ARG CA  CB   sing N N 17  
ARG CA  HA   sing N N 18  
ARG C   O    doub N N 19  
ARG C   OXT  sing N N 20  
ARG CB  CG   sing N N 21  
ARG CB  HB2  sing N N 22  
ARG CB  HB3  sing N N 23  
ARG CG  CD   sing N N 24  
ARG CG  HG2  sing N N 25  
ARG CG  HG3  sing N N 26  
ARG CD  NE   sing N N 27  
ARG CD  HD2  sing N N 28  
ARG CD  HD3  sing N N 29  
ARG NE  CZ   sing N N 30  
ARG NE  HE   sing N N 31  
ARG CZ  NH1  sing N N 32  
ARG CZ  NH2  doub N N 33  
ARG NH1 HH11 sing N N 34  
ARG NH1 HH12 sing N N 35  
ARG NH2 HH21 sing N N 36  
ARG NH2 HH22 sing N N 37  
ARG OXT HXT  sing N N 38  
ASN N   CA   sing N N 39  
ASN N   H    sing N N 40  
ASN N   H2   sing N N 41  
ASN CA  C    sing N N 42  
ASN CA  CB   sing N N 43  
ASN CA  HA   sing N N 44  
ASN C   O    doub N N 45  
ASN C   OXT  sing N N 46  
ASN CB  CG   sing N N 47  
ASN CB  HB2  sing N N 48  
ASN CB  HB3  sing N N 49  
ASN CG  OD1  doub N N 50  
ASN CG  ND2  sing N N 51  
ASN ND2 HD21 sing N N 52  
ASN ND2 HD22 sing N N 53  
ASN OXT HXT  sing N N 54  
ASP N   CA   sing N N 55  
ASP N   H    sing N N 56  
ASP N   H2   sing N N 57  
ASP CA  C    sing N N 58  
ASP CA  CB   sing N N 59  
ASP CA  HA   sing N N 60  
ASP C   O    doub N N 61  
ASP C   OXT  sing N N 62  
ASP CB  CG   sing N N 63  
ASP CB  HB2  sing N N 64  
ASP CB  HB3  sing N N 65  
ASP CG  OD1  doub N N 66  
ASP CG  OD2  sing N N 67  
ASP OD2 HD2  sing N N 68  
ASP OXT HXT  sing N N 69  
CYS N   CA   sing N N 70  
CYS N   H    sing N N 71  
CYS N   H2   sing N N 72  
CYS CA  C    sing N N 73  
CYS CA  CB   sing N N 74  
CYS CA  HA   sing N N 75  
CYS C   O    doub N N 76  
CYS C   OXT  sing N N 77  
CYS CB  SG   sing N N 78  
CYS CB  HB2  sing N N 79  
CYS CB  HB3  sing N N 80  
CYS SG  HG   sing N N 81  
CYS OXT HXT  sing N N 82  
GLN N   CA   sing N N 83  
GLN N   H    sing N N 84  
GLN N   H2   sing N N 85  
GLN CA  C    sing N N 86  
GLN CA  CB   sing N N 87  
GLN CA  HA   sing N N 88  
GLN C   O    doub N N 89  
GLN C   OXT  sing N N 90  
GLN CB  CG   sing N N 91  
GLN CB  HB2  sing N N 92  
GLN CB  HB3  sing N N 93  
GLN CG  CD   sing N N 94  
GLN CG  HG2  sing N N 95  
GLN CG  HG3  sing N N 96  
GLN CD  OE1  doub N N 97  
GLN CD  NE2  sing N N 98  
GLN NE2 HE21 sing N N 99  
GLN NE2 HE22 sing N N 100 
GLN OXT HXT  sing N N 101 
GLU N   CA   sing N N 102 
GLU N   H    sing N N 103 
GLU N   H2   sing N N 104 
GLU CA  C    sing N N 105 
GLU CA  CB   sing N N 106 
GLU CA  HA   sing N N 107 
GLU C   O    doub N N 108 
GLU C   OXT  sing N N 109 
GLU CB  CG   sing N N 110 
GLU CB  HB2  sing N N 111 
GLU CB  HB3  sing N N 112 
GLU CG  CD   sing N N 113 
GLU CG  HG2  sing N N 114 
GLU CG  HG3  sing N N 115 
GLU CD  OE1  doub N N 116 
GLU CD  OE2  sing N N 117 
GLU OE2 HE2  sing N N 118 
GLU OXT HXT  sing N N 119 
GLY N   CA   sing N N 120 
GLY N   H    sing N N 121 
GLY N   H2   sing N N 122 
GLY CA  C    sing N N 123 
GLY CA  HA2  sing N N 124 
GLY CA  HA3  sing N N 125 
GLY C   O    doub N N 126 
GLY C   OXT  sing N N 127 
GLY OXT HXT  sing N N 128 
HIS N   CA   sing N N 129 
HIS N   H    sing N N 130 
HIS N   H2   sing N N 131 
HIS CA  C    sing N N 132 
HIS CA  CB   sing N N 133 
HIS CA  HA   sing N N 134 
HIS C   O    doub N N 135 
HIS C   OXT  sing N N 136 
HIS CB  CG   sing N N 137 
HIS CB  HB2  sing N N 138 
HIS CB  HB3  sing N N 139 
HIS CG  ND1  sing Y N 140 
HIS CG  CD2  doub Y N 141 
HIS ND1 CE1  doub Y N 142 
HIS ND1 HD1  sing N N 143 
HIS CD2 NE2  sing Y N 144 
HIS CD2 HD2  sing N N 145 
HIS CE1 NE2  sing Y N 146 
HIS CE1 HE1  sing N N 147 
HIS NE2 HE2  sing N N 148 
HIS OXT HXT  sing N N 149 
HOH O   H1   sing N N 150 
HOH O   H2   sing N N 151 
ILE N   CA   sing N N 152 
ILE N   H    sing N N 153 
ILE N   H2   sing N N 154 
ILE CA  C    sing N N 155 
ILE CA  CB   sing N N 156 
ILE CA  HA   sing N N 157 
ILE C   O    doub N N 158 
ILE C   OXT  sing N N 159 
ILE CB  CG1  sing N N 160 
ILE CB  CG2  sing N N 161 
ILE CB  HB   sing N N 162 
ILE CG1 CD1  sing N N 163 
ILE CG1 HG12 sing N N 164 
ILE CG1 HG13 sing N N 165 
ILE CG2 HG21 sing N N 166 
ILE CG2 HG22 sing N N 167 
ILE CG2 HG23 sing N N 168 
ILE CD1 HD11 sing N N 169 
ILE CD1 HD12 sing N N 170 
ILE CD1 HD13 sing N N 171 
ILE OXT HXT  sing N N 172 
LEU N   CA   sing N N 173 
LEU N   H    sing N N 174 
LEU N   H2   sing N N 175 
LEU CA  C    sing N N 176 
LEU CA  CB   sing N N 177 
LEU CA  HA   sing N N 178 
LEU C   O    doub N N 179 
LEU C   OXT  sing N N 180 
LEU CB  CG   sing N N 181 
LEU CB  HB2  sing N N 182 
LEU CB  HB3  sing N N 183 
LEU CG  CD1  sing N N 184 
LEU CG  CD2  sing N N 185 
LEU CG  HG   sing N N 186 
LEU CD1 HD11 sing N N 187 
LEU CD1 HD12 sing N N 188 
LEU CD1 HD13 sing N N 189 
LEU CD2 HD21 sing N N 190 
LEU CD2 HD22 sing N N 191 
LEU CD2 HD23 sing N N 192 
LEU OXT HXT  sing N N 193 
LYS N   CA   sing N N 194 
LYS N   H    sing N N 195 
LYS N   H2   sing N N 196 
LYS CA  C    sing N N 197 
LYS CA  CB   sing N N 198 
LYS CA  HA   sing N N 199 
LYS C   O    doub N N 200 
LYS C   OXT  sing N N 201 
LYS CB  CG   sing N N 202 
LYS CB  HB2  sing N N 203 
LYS CB  HB3  sing N N 204 
LYS CG  CD   sing N N 205 
LYS CG  HG2  sing N N 206 
LYS CG  HG3  sing N N 207 
LYS CD  CE   sing N N 208 
LYS CD  HD2  sing N N 209 
LYS CD  HD3  sing N N 210 
LYS CE  NZ   sing N N 211 
LYS CE  HE2  sing N N 212 
LYS CE  HE3  sing N N 213 
LYS NZ  HZ1  sing N N 214 
LYS NZ  HZ2  sing N N 215 
LYS NZ  HZ3  sing N N 216 
LYS OXT HXT  sing N N 217 
MET N   CA   sing N N 218 
MET N   H    sing N N 219 
MET N   H2   sing N N 220 
MET CA  C    sing N N 221 
MET CA  CB   sing N N 222 
MET CA  HA   sing N N 223 
MET C   O    doub N N 224 
MET C   OXT  sing N N 225 
MET CB  CG   sing N N 226 
MET CB  HB2  sing N N 227 
MET CB  HB3  sing N N 228 
MET CG  SD   sing N N 229 
MET CG  HG2  sing N N 230 
MET CG  HG3  sing N N 231 
MET SD  CE   sing N N 232 
MET CE  HE1  sing N N 233 
MET CE  HE2  sing N N 234 
MET CE  HE3  sing N N 235 
MET OXT HXT  sing N N 236 
PHE N   CA   sing N N 237 
PHE N   H    sing N N 238 
PHE N   H2   sing N N 239 
PHE CA  C    sing N N 240 
PHE CA  CB   sing N N 241 
PHE CA  HA   sing N N 242 
PHE C   O    doub N N 243 
PHE C   OXT  sing N N 244 
PHE CB  CG   sing N N 245 
PHE CB  HB2  sing N N 246 
PHE CB  HB3  sing N N 247 
PHE CG  CD1  doub Y N 248 
PHE CG  CD2  sing Y N 249 
PHE CD1 CE1  sing Y N 250 
PHE CD1 HD1  sing N N 251 
PHE CD2 CE2  doub Y N 252 
PHE CD2 HD2  sing N N 253 
PHE CE1 CZ   doub Y N 254 
PHE CE1 HE1  sing N N 255 
PHE CE2 CZ   sing Y N 256 
PHE CE2 HE2  sing N N 257 
PHE CZ  HZ   sing N N 258 
PHE OXT HXT  sing N N 259 
PLM C1  O1   sing N N 260 
PLM C1  O2   doub N N 261 
PLM C1  C2   sing N N 262 
PLM O1  H    sing N N 263 
PLM C2  C3   sing N N 264 
PLM C2  H21  sing N N 265 
PLM C2  H22  sing N N 266 
PLM C3  C4   sing N N 267 
PLM C3  H31  sing N N 268 
PLM C3  H32  sing N N 269 
PLM C4  C5   sing N N 270 
PLM C4  H41  sing N N 271 
PLM C4  H42  sing N N 272 
PLM C5  C6   sing N N 273 
PLM C5  H51  sing N N 274 
PLM C5  H52  sing N N 275 
PLM C6  C7   sing N N 276 
PLM C6  H61  sing N N 277 
PLM C6  H62  sing N N 278 
PLM C7  C8   sing N N 279 
PLM C7  H71  sing N N 280 
PLM C7  H72  sing N N 281 
PLM C8  C9   sing N N 282 
PLM C8  H81  sing N N 283 
PLM C8  H82  sing N N 284 
PLM C9  CA   sing N N 285 
PLM C9  H91  sing N N 286 
PLM C9  H92  sing N N 287 
PLM CA  CB   sing N N 288 
PLM CA  HA1  sing N N 289 
PLM CA  HA2  sing N N 290 
PLM CB  CC   sing N N 291 
PLM CB  HB1  sing N N 292 
PLM CB  HB2  sing N N 293 
PLM CC  CD   sing N N 294 
PLM CC  HC1  sing N N 295 
PLM CC  HC2  sing N N 296 
PLM CD  CE   sing N N 297 
PLM CD  HD1  sing N N 298 
PLM CD  HD2  sing N N 299 
PLM CE  CF   sing N N 300 
PLM CE  HE1  sing N N 301 
PLM CE  HE2  sing N N 302 
PLM CF  CG   sing N N 303 
PLM CF  HF1  sing N N 304 
PLM CF  HF2  sing N N 305 
PLM CG  HG1  sing N N 306 
PLM CG  HG2  sing N N 307 
PLM CG  HG3  sing N N 308 
PRO N   CA   sing N N 309 
PRO N   CD   sing N N 310 
PRO N   H    sing N N 311 
PRO CA  C    sing N N 312 
PRO CA  CB   sing N N 313 
PRO CA  HA   sing N N 314 
PRO C   O    doub N N 315 
PRO C   OXT  sing N N 316 
PRO CB  CG   sing N N 317 
PRO CB  HB2  sing N N 318 
PRO CB  HB3  sing N N 319 
PRO CG  CD   sing N N 320 
PRO CG  HG2  sing N N 321 
PRO CG  HG3  sing N N 322 
PRO CD  HD2  sing N N 323 
PRO CD  HD3  sing N N 324 
PRO OXT HXT  sing N N 325 
SER N   CA   sing N N 326 
SER N   H    sing N N 327 
SER N   H2   sing N N 328 
SER CA  C    sing N N 329 
SER CA  CB   sing N N 330 
SER CA  HA   sing N N 331 
SER C   O    doub N N 332 
SER C   OXT  sing N N 333 
SER CB  OG   sing N N 334 
SER CB  HB2  sing N N 335 
SER CB  HB3  sing N N 336 
SER OG  HG   sing N N 337 
SER OXT HXT  sing N N 338 
THR N   CA   sing N N 339 
THR N   H    sing N N 340 
THR N   H2   sing N N 341 
THR CA  C    sing N N 342 
THR CA  CB   sing N N 343 
THR CA  HA   sing N N 344 
THR C   O    doub N N 345 
THR C   OXT  sing N N 346 
THR CB  OG1  sing N N 347 
THR CB  CG2  sing N N 348 
THR CB  HB   sing N N 349 
THR OG1 HG1  sing N N 350 
THR CG2 HG21 sing N N 351 
THR CG2 HG22 sing N N 352 
THR CG2 HG23 sing N N 353 
THR OXT HXT  sing N N 354 
TYR N   CA   sing N N 355 
TYR N   H    sing N N 356 
TYR N   H2   sing N N 357 
TYR CA  C    sing N N 358 
TYR CA  CB   sing N N 359 
TYR CA  HA   sing N N 360 
TYR C   O    doub N N 361 
TYR C   OXT  sing N N 362 
TYR CB  CG   sing N N 363 
TYR CB  HB2  sing N N 364 
TYR CB  HB3  sing N N 365 
TYR CG  CD1  doub Y N 366 
TYR CG  CD2  sing Y N 367 
TYR CD1 CE1  sing Y N 368 
TYR CD1 HD1  sing N N 369 
TYR CD2 CE2  doub Y N 370 
TYR CD2 HD2  sing N N 371 
TYR CE1 CZ   doub Y N 372 
TYR CE1 HE1  sing N N 373 
TYR CE2 CZ   sing Y N 374 
TYR CE2 HE2  sing N N 375 
TYR CZ  OH   sing N N 376 
TYR OH  HH   sing N N 377 
TYR OXT HXT  sing N N 378 
VAL N   CA   sing N N 379 
VAL N   H    sing N N 380 
VAL N   H2   sing N N 381 
VAL CA  C    sing N N 382 
VAL CA  CB   sing N N 383 
VAL CA  HA   sing N N 384 
VAL C   O    doub N N 385 
VAL C   OXT  sing N N 386 
VAL CB  CG1  sing N N 387 
VAL CB  CG2  sing N N 388 
VAL CB  HB   sing N N 389 
VAL CG1 HG11 sing N N 390 
VAL CG1 HG12 sing N N 391 
VAL CG1 HG13 sing N N 392 
VAL CG2 HG21 sing N N 393 
VAL CG2 HG22 sing N N 394 
VAL CG2 HG23 sing N N 395 
VAL OXT HXT  sing N N 396 
# 
_atom_sites.entry_id                    3VG7 
_atom_sites.fract_transf_matrix[1][1]   -0.01669212 
_atom_sites.fract_transf_matrix[1][2]   -0.01920497 
_atom_sites.fract_transf_matrix[1][3]   -0.02108821 
_atom_sites.fract_transf_matrix[2][1]   0.01510215 
_atom_sites.fract_transf_matrix[2][2]   -0.00502467 
_atom_sites.fract_transf_matrix[2][3]   -0.00737798 
_atom_sites.fract_transf_matrix[3][1]   0.00082546 
_atom_sites.fract_transf_matrix[3][2]   -0.01020208 
_atom_sites.fract_transf_matrix[3][3]   0.00863763 
_atom_sites.fract_transf_vector[1]      0.221138 
_atom_sites.fract_transf_vector[2]      -0.151377 
_atom_sites.fract_transf_vector[3]      -0.204421 
# 
loop_
_atom_type.symbol 
C 
N 
O 
S 
# 
loop_
_atom_site.group_PDB 
_atom_site.id 
_atom_site.type_symbol 
_atom_site.label_atom_id 
_atom_site.label_alt_id 
_atom_site.label_comp_id 
_atom_site.label_asym_id 
_atom_site.label_entity_id 
_atom_site.label_seq_id 
_atom_site.pdbx_PDB_ins_code 
_atom_site.Cartn_x 
_atom_site.Cartn_y 
_atom_site.Cartn_z 
_atom_site.occupancy 
_atom_site.B_iso_or_equiv 
_atom_site.pdbx_formal_charge 
_atom_site.auth_seq_id 
_atom_site.auth_comp_id 
_atom_site.auth_asym_id 
_atom_site.auth_atom_id 
_atom_site.pdbx_PDB_model_num 
ATOM   1    N N   . SER A 1 4   ? 6.573   -15.129 7.460   1.00 23.80 ? 1   SER A N   1 
ATOM   2    C CA  . SER A 1 4   ? 7.053   -13.837 7.012   1.00 21.44 ? 1   SER A CA  1 
ATOM   3    C C   . SER A 1 4   ? 7.097   -13.684 5.507   0.98 20.86 ? 1   SER A C   1 
ATOM   4    O O   . SER A 1 4   ? 7.984   -13.017 4.937   0.97 20.92 ? 1   SER A O   1 
ATOM   5    C CB  . SER A 1 4   ? 8.471   -13.589 7.555   1.00 27.65 ? 1   SER A CB  1 
ATOM   6    O OG  . SER A 1 4   ? 9.366   -14.569 7.050   1.00 35.40 ? 1   SER A OG  1 
ATOM   7    N N   . SER A 1 5   ? 6.096   -14.225 4.851   1.00 22.39 ? 2   SER A N   1 
ATOM   8    C CA  A SER A 1 5   ? 6.026   -14.205 3.397   0.50 20.44 ? 2   SER A CA  1 
ATOM   9    C CA  B SER A 1 5   ? 6.049   -14.216 3.393   0.50 20.58 ? 2   SER A CA  1 
ATOM   10   C C   . SER A 1 5   ? 6.268   -12.851 2.738   1.00 19.69 ? 2   SER A C   1 
ATOM   11   O O   . SER A 1 5   ? 6.943   -12.761 1.713   1.00 22.17 ? 2   SER A O   1 
ATOM   12   C CB  A SER A 1 5   ? 4.620   -14.693 2.988   0.50 22.48 ? 2   SER A CB  1 
ATOM   13   C CB  B SER A 1 5   ? 4.683   -14.741 2.913   0.50 22.47 ? 2   SER A CB  1 
ATOM   14   O OG  A SER A 1 5   ? 4.442   -16.010 3.483   0.50 25.94 ? 2   SER A OG  1 
ATOM   15   O OG  B SER A 1 5   ? 4.619   -14.672 1.495   0.50 29.32 ? 2   SER A OG  1 
ATOM   16   N N   . PHE A 1 6   ? 5.697   -11.796 3.357   1.00 19.74 ? 3   PHE A N   1 
ATOM   17   C CA  . PHE A 1 6   ? 5.783   -10.490 2.740   1.00 18.29 ? 3   PHE A CA  1 
ATOM   18   C C   . PHE A 1 6   ? 7.006   -9.679  3.122   1.00 17.69 ? 3   PHE A C   1 
ATOM   19   O O   . PHE A 1 6   ? 7.271   -8.631  2.499   1.00 19.35 ? 3   PHE A O   1 
ATOM   20   C CB  . PHE A 1 6   ? 4.548   -9.684  3.203   1.00 17.83 ? 3   PHE A CB  1 
ATOM   21   C CG  . PHE A 1 6   ? 3.328   -9.862  2.315   1.00 17.00 ? 3   PHE A CG  1 
ATOM   22   C CD1 . PHE A 1 6   ? 3.154   -9.070  1.191   1.00 17.54 ? 3   PHE A CD1 1 
ATOM   23   C CD2 . PHE A 1 6   ? 2.350   -10.783 2.634   1.00 17.90 ? 3   PHE A CD2 1 
ATOM   24   C CE1 . PHE A 1 6   ? 2.048   -9.183  0.360   1.00 18.42 ? 3   PHE A CE1 1 
ATOM   25   C CE2 . PHE A 1 6   ? 1.252   -10.949 1.804   1.00 17.96 ? 3   PHE A CE2 1 
ATOM   26   C CZ  . PHE A 1 6   ? 1.073   -10.128 0.698   1.00 18.37 ? 3   PHE A CZ  1 
ATOM   27   N N   . SER A 1 7   ? 7.756   -10.099 4.114   1.00 17.27 ? 4   SER A N   1 
ATOM   28   C CA  . SER A 1 7   ? 8.854   -9.251  4.601   1.00 17.06 ? 4   SER A CA  1 
ATOM   29   C C   . SER A 1 7   ? 9.851   -8.902  3.506   1.00 16.97 ? 4   SER A C   1 
ATOM   30   O O   . SER A 1 7   ? 10.240  -9.706  2.661   1.00 18.28 ? 4   SER A O   1 
ATOM   31   C CB  . SER A 1 7   ? 9.606   -9.961  5.718   1.00 17.88 ? 4   SER A CB  1 
ATOM   32   O OG  . SER A 1 7   ? 8.771   -10.118 6.834   1.00 19.36 ? 4   SER A OG  1 
ATOM   33   N N   . GLY A 1 8   ? 10.257  -7.635  3.528   1.00 16.28 ? 5   GLY A N   1 
ATOM   34   C CA  . GLY A 1 8   ? 11.258  -7.151  2.603   1.00 17.21 ? 5   GLY A CA  1 
ATOM   35   C C   . GLY A 1 8   ? 11.192  -5.681  2.292   1.00 17.36 ? 5   GLY A C   1 
ATOM   36   O O   . GLY A 1 8   ? 10.326  -4.979  2.792   1.00 18.86 ? 5   GLY A O   1 
ATOM   37   N N   . LYS A 1 9   ? 12.130  -5.240  1.461   1.00 16.95 ? 6   LYS A N   1 
ATOM   38   C CA  . LYS A 1 9   ? 12.113  -3.872  0.936   1.00 16.95 ? 6   LYS A CA  1 
ATOM   39   C C   . LYS A 1 9   ? 11.867  -3.907  -0.564  1.00 16.53 ? 6   LYS A C   1 
ATOM   40   O O   . LYS A 1 9   ? 12.479  -4.678  -1.293  1.00 18.19 ? 6   LYS A O   1 
ATOM   41   C CB  . LYS A 1 9   ? 13.445  -3.201  1.259   1.00 18.92 ? 6   LYS A CB  1 
ATOM   42   C CG  . LYS A 1 9   ? 13.484  -1.715  0.985   1.00 22.83 ? 6   LYS A CG  1 
ATOM   43   C CD  . LYS A 1 9   ? 14.837  -1.094  1.232   1.00 24.37 ? 6   LYS A CD  1 
ATOM   44   C CE  . LYS A 1 9   ? 15.008  -0.919  2.724   1.00 28.00 ? 6   LYS A CE  1 
ATOM   45   N NZ  . LYS A 1 9   ? 16.185  -0.054  3.024   1.00 32.98 ? 6   LYS A NZ  1 
ATOM   46   N N   . TYR A 1 10  ? 10.935  -3.066  -1.028  1.00 17.20 ? 7   TYR A N   1 
ATOM   47   C CA  . TYR A 1 10  ? 10.510  -3.067  -2.427  1.00 16.82 ? 7   TYR A CA  1 
ATOM   48   C C   . TYR A 1 10  ? 10.410  -1.647  -2.929  1.00 17.42 ? 7   TYR A C   1 
ATOM   49   O O   . TYR A 1 10  ? 10.053  -0.747  -2.154  1.00 24.02 ? 7   TYR A O   1 
ATOM   50   C CB  . TYR A 1 10  ? 9.111   -3.692  -2.578  1.00 16.80 ? 7   TYR A CB  1 
ATOM   51   C CG  . TYR A 1 10  ? 8.932   -5.040  -1.888  1.00 16.75 ? 7   TYR A CG  1 
ATOM   52   C CD1 . TYR A 1 10  ? 8.622   -5.125  -0.530  1.00 16.61 ? 7   TYR A CD1 1 
ATOM   53   C CD2 . TYR A 1 10  ? 9.078   -6.250  -2.581  1.00 15.81 ? 7   TYR A CD2 1 
ATOM   54   C CE1 . TYR A 1 10  ? 8.476   -6.368  0.092   1.00 15.80 ? 7   TYR A CE1 1 
ATOM   55   C CE2 . TYR A 1 10  ? 8.909   -7.465  -1.971  1.00 14.85 ? 7   TYR A CE2 1 
ATOM   56   C CZ  . TYR A 1 10  ? 8.595   -7.528  -0.629  1.00 15.89 ? 7   TYR A CZ  1 
ATOM   57   O OH  . TYR A 1 10  ? 8.442   -8.745  -0.010  1.00 17.73 ? 7   TYR A OH  1 
ATOM   58   N N   . GLN A 1 11  ? 10.711  -1.463  -4.202  1.00 15.56 ? 8   GLN A N   1 
ATOM   59   C CA  . GLN A 1 11  ? 10.589  -0.128  -4.805  1.00 15.67 ? 8   GLN A CA  1 
ATOM   60   C C   . GLN A 1 11  ? 9.688   -0.183  -6.027  1.00 15.15 ? 8   GLN A C   1 
ATOM   61   O O   . GLN A 1 11  ? 9.735   -1.115  -6.854  1.00 17.04 ? 8   GLN A O   1 
ATOM   62   C CB  . GLN A 1 11  ? 11.966  0.419   -5.162  1.00 16.86 ? 8   GLN A CB  1 
ATOM   63   C CG  . GLN A 1 11  ? 11.892  1.821   -5.781  1.00 17.33 ? 8   GLN A CG  1 
ATOM   64   C CD  . GLN A 1 11  ? 13.249  2.457   -5.896  1.00 17.48 ? 8   GLN A CD  1 
ATOM   65   O OE1 . GLN A 1 11  ? 14.242  1.791   -6.265  1.00 19.10 ? 8   GLN A OE1 1 
ATOM   66   N NE2 . GLN A 1 11  ? 13.321  3.753   -5.615  1.00 19.14 ? 8   GLN A NE2 1 
ATOM   67   N N   . LEU A 1 12  ? 8.859   0.823   -6.113  1.00 17.05 ? 9   LEU A N   1 
ATOM   68   C CA  . LEU A 1 12  ? 7.985   1.006   -7.269  1.00 17.99 ? 9   LEU A CA  1 
ATOM   69   C C   . LEU A 1 12  ? 8.799   0.957   -8.563  1.00 18.22 ? 9   LEU A C   1 
ATOM   70   O O   . LEU A 1 12  ? 9.810   1.669   -8.656  1.00 19.51 ? 9   LEU A O   1 
ATOM   71   C CB  . LEU A 1 12  ? 7.253   2.340   -7.184  1.00 18.57 ? 9   LEU A CB  1 
ATOM   72   C CG  . LEU A 1 12  ? 6.095   2.541   -8.146  1.00 19.77 ? 9   LEU A CG  1 
ATOM   73   C CD1 . LEU A 1 12  ? 4.930   1.621   -7.797  1.00 18.55 ? 9   LEU A CD1 1 
ATOM   74   C CD2 . LEU A 1 12  ? 5.644   3.991   -8.115  1.00 22.75 ? 9   LEU A CD2 1 
ATOM   75   N N   . GLN A 1 13  ? 8.310   0.169   -9.511  1.00 18.45 ? 10  GLN A N   1 
ATOM   76   C CA  . GLN A 1 13  ? 8.776   0.194   -10.894 1.00 19.12 ? 10  GLN A CA  1 
ATOM   77   C C   . GLN A 1 13  ? 7.893   1.052   -11.820 1.00 18.97 ? 10  GLN A C   1 
ATOM   78   O O   . GLN A 1 13  ? 8.422   1.762   -12.675 1.00 22.23 ? 10  GLN A O   1 
ATOM   79   C CB  . GLN A 1 13  ? 8.844   -1.231  -11.450 1.00 20.33 ? 10  GLN A CB  1 
ATOM   80   C CG  . GLN A 1 13  ? 9.697   -2.162  -10.608 1.00 19.53 ? 10  GLN A CG  1 
ATOM   81   C CD  . GLN A 1 13  ? 11.116  -1.613  -10.437 1.00 20.54 ? 10  GLN A CD  1 
ATOM   82   O OE1 . GLN A 1 13  ? 11.904  -1.602  -11.376 1.00 24.16 ? 10  GLN A OE1 1 
ATOM   83   N NE2 . GLN A 1 13  ? 11.433  -1.165  -9.218  1.00 22.51 ? 10  GLN A NE2 1 
ATOM   84   N N   . SER A 1 14  ? 6.585   0.921   -11.615 1.00 18.89 ? 11  SER A N   1 
ATOM   85   C CA  . SER A 1 14  ? 5.649   1.646   -12.473 1.00 20.68 ? 11  SER A CA  1 
ATOM   86   C C   . SER A 1 14  ? 4.248   1.672   -11.871 1.00 19.31 ? 11  SER A C   1 
ATOM   87   O O   . SER A 1 14  ? 3.981   0.829   -11.017 1.00 20.44 ? 11  SER A O   1 
ATOM   88   C CB  . SER A 1 14  ? 5.564   1.002   -13.851 1.00 23.23 ? 11  SER A CB  1 
ATOM   89   O OG  . SER A 1 14  ? 5.116   -0.350  -13.745 1.00 27.27 ? 11  SER A OG  1 
ATOM   90   N N   . GLN A 1 15  ? 3.384   2.572   -12.319 1.00 23.14 ? 12  GLN A N   1 
ATOM   91   C CA  . GLN A 1 15  ? 2.016   2.628   -11.813 1.00 23.37 ? 12  GLN A CA  1 
ATOM   92   C C   . GLN A 1 15  ? 1.087   3.274   -12.832 1.00 24.10 ? 12  GLN A C   1 
ATOM   93   O O   . GLN A 1 15  ? 1.493   4.007   -13.730 1.00 28.50 ? 12  GLN A O   1 
ATOM   94   C CB  . GLN A 1 15  ? 1.923   3.408   -10.500 1.00 23.90 ? 12  GLN A CB  1 
ATOM   95   C CG  . GLN A 1 15  ? 2.383   4.885   -10.667 1.00 25.16 ? 12  GLN A CG  1 
ATOM   96   C CD  . GLN A 1 15  ? 2.530   5.527   -9.309  1.00 25.03 ? 12  GLN A CD  1 
ATOM   97   O OE1 . GLN A 1 15  ? 2.047   5.042   -8.293  1.00 25.75 ? 12  GLN A OE1 1 
ATOM   98   N NE2 . GLN A 1 15  ? 3.225   6.662   -9.238  1.00 27.53 ? 12  GLN A NE2 1 
ATOM   99   N N   . GLU A 1 16  ? -0.201  2.995   -12.694 1.00 24.52 ? 13  GLU A N   1 
ATOM   100  C CA  . GLU A 1 16  ? -1.259  3.425   -13.586 1.00 26.33 ? 13  GLU A CA  1 
ATOM   101  C C   . GLU A 1 16  ? -2.337  4.203   -12.834 1.00 25.11 ? 13  GLU A C   1 
ATOM   102  O O   . GLU A 1 16  ? -2.755  3.683   -11.795 1.00 24.44 ? 13  GLU A O   1 
ATOM   103  C CB  . GLU A 1 16  ? -1.921  2.217   -14.225 1.00 29.08 ? 13  GLU A CB  1 
ATOM   104  C CG  . GLU A 1 16  ? -1.069  1.450   -15.202 1.00 33.93 ? 13  GLU A CG  1 
ATOM   105  C CD  . GLU A 1 16  ? -1.530  0.074   -15.620 1.00 36.87 ? 13  GLU A CD  1 
ATOM   106  O OE1 . GLU A 1 16  ? -2.710  -0.280  -15.416 1.00 38.96 ? 13  GLU A OE1 1 
ATOM   107  O OE2 . GLU A 1 16  ? -0.697  -0.682  -16.176 1.00 44.09 ? 13  GLU A OE2 1 
ATOM   108  N N   . ASN A 1 17  ? -2.750  5.359   -13.328 1.00 25.36 ? 14  ASN A N   1 
ATOM   109  C CA  . ASN A 1 17  ? -3.787  6.246   -12.830 1.00 24.91 ? 14  ASN A CA  1 
ATOM   110  C C   . ASN A 1 17  ? -3.506  6.921   -11.487 1.00 24.74 ? 14  ASN A C   1 
ATOM   111  O O   . ASN A 1 17  ? -4.453  7.254   -10.749 1.00 25.43 ? 14  ASN A O   1 
ATOM   112  C CB  . ASN A 1 17  ? -5.141  5.522   -12.764 1.00 25.51 ? 14  ASN A CB  1 
ATOM   113  C CG  . ASN A 1 17  ? -5.445  4.928   -14.132 1.00 26.55 ? 14  ASN A CG  1 
ATOM   114  O OD1 . ASN A 1 17  ? -5.296  5.596   -15.147 1.00 27.90 ? 14  ASN A OD1 1 
ATOM   115  N ND2 . ASN A 1 17  ? -5.882  3.668   -14.110 1.00 26.88 ? 14  ASN A ND2 1 
ATOM   116  N N   . PHE A 1 18  ? -2.229  7.172   -11.183 1.00 25.73 ? 15  PHE A N   1 
ATOM   117  C CA  . PHE A 1 18  ? -1.892  7.858   -9.946  1.00 25.93 ? 15  PHE A CA  1 
ATOM   118  C C   . PHE A 1 18  ? -2.637  9.182   -9.849  1.00 27.70 ? 15  PHE A C   1 
ATOM   119  O O   . PHE A 1 18  ? -3.232  9.521   -8.829  1.00 28.78 ? 15  PHE A O   1 
ATOM   120  C CB  . PHE A 1 18  ? -0.396  8.131   -9.840  1.00 25.62 ? 15  PHE A CB  1 
ATOM   121  C CG  . PHE A 1 18  ? 0.118   8.923   -8.648  1.00 25.84 ? 15  PHE A CG  1 
ATOM   122  C CD1 . PHE A 1 18  ? 0.567   8.265   -7.509  1.00 24.35 ? 15  PHE A CD1 1 
ATOM   123  C CD2 . PHE A 1 18  ? 0.205   10.321  -8.673  1.00 25.13 ? 15  PHE A CD2 1 
ATOM   124  C CE1 . PHE A 1 18  ? 1.090   8.940   -6.427  1.00 24.65 ? 15  PHE A CE1 1 
ATOM   125  C CE2 . PHE A 1 18  ? 0.712   10.984  -7.573  1.00 25.84 ? 15  PHE A CE2 1 
ATOM   126  C CZ  . PHE A 1 18  ? 1.171   10.319  -6.468  1.00 25.16 ? 15  PHE A CZ  1 
ATOM   127  N N   . GLU A 1 19  ? -2.510  10.003  -10.890 1.00 29.07 ? 16  GLU A N   1 
ATOM   128  C CA  . GLU A 1 19  ? -3.071  11.353  -10.772 1.00 30.42 ? 16  GLU A CA  1 
ATOM   129  C C   . GLU A 1 19  ? -4.575  11.354  -10.569 1.00 29.99 ? 16  GLU A C   1 
ATOM   130  O O   . GLU A 1 19  ? -5.087  12.001  -9.648  1.00 30.47 ? 16  GLU A O   1 
ATOM   131  C CB  . GLU A 1 19  ? -2.747  12.133  -12.046 1.00 33.33 ? 16  GLU A CB  1 
ATOM   132  C CG  . GLU A 1 19  ? -1.255  12.296  -12.262 1.00 37.81 ? 16  GLU A CG  1 
ATOM   133  C CD  . GLU A 1 19  ? -0.917  12.915  -13.596 1.00 39.33 ? 16  GLU A CD  1 
ATOM   134  O OE1 . GLU A 1 19  ? -0.572  12.175  -14.549 1.00 47.96 ? 16  GLU A OE1 1 
ATOM   135  O OE2 . GLU A 1 19  ? -0.991  14.161  -13.666 1.00 44.15 ? 16  GLU A OE2 1 
ATOM   136  N N   . ALA A 1 20  ? -5.262  10.654  -11.460 1.00 28.90 ? 17  ALA A N   1 
ATOM   137  C CA  . ALA A 1 20  ? -6.720  10.569  -11.334 1.00 29.27 ? 17  ALA A CA  1 
ATOM   138  C C   . ALA A 1 20  ? -7.109  10.064  -9.964  1.00 29.80 ? 17  ALA A C   1 
ATOM   139  O O   . ALA A 1 20  ? -7.964  10.606  -9.280  1.00 31.38 ? 17  ALA A O   1 
ATOM   140  C CB  . ALA A 1 20  ? -7.290  9.694   -12.443 1.00 30.12 ? 17  ALA A CB  1 
ATOM   141  N N   . PHE A 1 21  ? -6.490  8.997   -9.463  1.00 27.68 ? 18  PHE A N   1 
ATOM   142  C CA  . PHE A 1 21  ? -6.859  8.442   -8.174  1.00 24.67 ? 18  PHE A CA  1 
ATOM   143  C C   . PHE A 1 21  ? -6.582  9.408   -7.029  1.00 25.46 ? 18  PHE A C   1 
ATOM   144  O O   . PHE A 1 21  ? -7.400  9.607   -6.132  1.00 27.05 ? 18  PHE A O   1 
ATOM   145  C CB  . PHE A 1 21  ? -6.072  7.129   -8.013  1.00 23.65 ? 18  PHE A CB  1 
ATOM   146  C CG  . PHE A 1 21  ? -6.401  6.424   -6.719  1.00 21.94 ? 18  PHE A CG  1 
ATOM   147  C CD1 . PHE A 1 21  ? -7.516  5.581   -6.607  1.00 24.34 ? 18  PHE A CD1 1 
ATOM   148  C CD2 . PHE A 1 21  ? -5.637  6.607   -5.592  1.00 23.20 ? 18  PHE A CD2 1 
ATOM   149  C CE1 . PHE A 1 21  ? -7.846  4.935   -5.440  1.00 24.66 ? 18  PHE A CE1 1 
ATOM   150  C CE2 . PHE A 1 21  ? -5.952  5.943   -4.430  1.00 24.02 ? 18  PHE A CE2 1 
ATOM   151  C CZ  . PHE A 1 21  ? -7.057  5.118   -4.332  1.00 24.77 ? 18  PHE A CZ  1 
ATOM   152  N N   . MET A 1 22  ? -5.382  9.997   -7.041  1.00 25.45 ? 19  MET A N   1 
ATOM   153  C CA  . MET A 1 22  ? -4.989  10.824  -5.889  1.00 25.59 ? 19  MET A CA  1 
ATOM   154  C C   . MET A 1 22  ? -5.814  12.096  -5.808  1.00 26.27 ? 19  MET A C   1 
ATOM   155  O O   . MET A 1 22  ? -6.097  12.597  -4.707  1.00 27.78 ? 19  MET A O   1 
ATOM   156  C CB  . MET A 1 22  ? -3.494  11.132  -5.942  1.00 24.47 ? 19  MET A CB  1 
ATOM   157  C CG  . MET A 1 22  ? -2.639  9.884   -5.695  1.00 22.46 ? 19  MET A CG  1 
ATOM   158  S SD  . MET A 1 22  ? -2.851  9.213   -4.047  1.00 25.37 ? 19  MET A SD  1 
ATOM   159  C CE  . MET A 1 22  ? -1.786  7.766   -4.152  1.00 27.60 ? 19  MET A CE  1 
ATOM   160  N N   . LYS A 1 23  ? -6.181  12.621  -6.968  1.00 27.93 ? 20  LYS A N   1 
ATOM   161  C CA  . LYS A 1 23  ? -7.000  13.859  -6.902  1.00 29.50 ? 20  LYS A CA  1 
ATOM   162  C C   . LYS A 1 23  ? -8.349  13.527  -6.288  1.00 30.19 ? 20  LYS A C   1 
ATOM   163  O O   . LYS A 1 23  ? -8.898  14.260  -5.459  1.00 30.62 ? 20  LYS A O   1 
ATOM   164  C CB  . LYS A 1 23  ? -7.152  14.468  -8.288  1.00 33.21 ? 20  LYS A CB  1 
ATOM   165  C CG  . LYS A 1 23  ? -7.878  15.805  -8.317  1.00 37.38 ? 20  LYS A CG  1 
ATOM   166  C CD  . LYS A 1 23  ? -7.972  16.325  -9.749  1.00 40.58 ? 20  LYS A CD  1 
ATOM   167  C CE  . LYS A 1 23  ? -9.167  17.267  -9.897  1.00 41.49 ? 20  LYS A CE  1 
ATOM   168  N NZ  . LYS A 1 23  ? -8.751  18.676  -9.651  1.00 47.99 ? 20  LYS A NZ  1 
ATOM   169  N N   . ALA A 1 24  ? -8.886  12.383  -6.719  1.00 30.38 ? 21  ALA A N   1 
ATOM   170  C CA  . ALA A 1 24  ? -10.214 12.005  -6.270  1.00 31.34 ? 21  ALA A CA  1 
ATOM   171  C C   . ALA A 1 24  ? -10.259 11.840  -4.758  1.00 31.72 ? 21  ALA A C   1 
ATOM   172  O O   . ALA A 1 24  ? -11.263 12.184  -4.151  1.00 34.45 ? 21  ALA A O   1 
ATOM   173  C CB  . ALA A 1 24  ? -10.679 10.718  -6.939  1.00 28.22 ? 21  ALA A CB  1 
ATOM   174  N N   . ILE A 1 25  ? -9.189  11.311  -4.151  1.00 28.74 ? 22  ILE A N   1 
ATOM   175  C CA  . ILE A 1 25  ? -9.297  11.009  -2.723  1.00 26.97 ? 22  ILE A CA  1 
ATOM   176  C C   . ILE A 1 25  ? -8.838  12.146  -1.835  1.00 27.07 ? 22  ILE A C   1 
ATOM   177  O O   . ILE A 1 25  ? -8.742  11.949  -0.606  1.00 30.12 ? 22  ILE A O   1 
ATOM   178  C CB  . ILE A 1 25  ? -8.488  9.737   -2.397  1.00 25.34 ? 22  ILE A CB  1 
ATOM   179  C CG1 . ILE A 1 25  ? -6.997  9.803   -2.715  1.00 27.77 ? 22  ILE A CG1 1 
ATOM   180  C CG2 . ILE A 1 25  ? -9.092  8.557   -3.155  1.00 26.01 ? 22  ILE A CG2 1 
ATOM   181  C CD1 . ILE A 1 25  ? -6.084  10.337  -1.657  1.00 29.23 ? 22  ILE A CD1 1 
ATOM   182  N N   . GLY A 1 26  ? -8.540  13.309  -2.390  1.00 29.81 ? 23  GLY A N   1 
ATOM   183  C CA  . GLY A 1 26  ? -8.205  14.467  -1.567  1.00 30.44 ? 23  GLY A CA  1 
ATOM   184  C C   . GLY A 1 26  ? -6.732  14.780  -1.417  1.00 29.30 ? 23  GLY A C   1 
ATOM   185  O O   . GLY A 1 26  ? -6.410  15.668  -0.595  1.00 29.37 ? 23  GLY A O   1 
ATOM   186  N N   . LEU A 1 27  ? -5.824  14.129  -2.159  1.00 28.68 ? 24  LEU A N   1 
ATOM   187  C CA  . LEU A 1 27  ? -4.418  14.515  -2.085  1.00 30.47 ? 24  LEU A CA  1 
ATOM   188  C C   . LEU A 1 27  ? -4.322  15.950  -2.629  1.00 31.96 ? 24  LEU A C   1 
ATOM   189  O O   . LEU A 1 27  ? -4.849  16.198  -3.716  1.00 31.33 ? 24  LEU A O   1 
ATOM   190  C CB  . LEU A 1 27  ? -3.448  13.637  -2.874  1.00 31.07 ? 24  LEU A CB  1 
ATOM   191  C CG  . LEU A 1 27  ? -2.213  12.995  -2.237  1.00 33.83 ? 24  LEU A CG  1 
ATOM   192  C CD1 . LEU A 1 27  ? -1.005  12.891  -3.172  1.00 25.71 ? 24  LEU A CD1 1 
ATOM   193  C CD2 . LEU A 1 27  ? -1.795  13.693  -0.954  1.00 36.06 ? 24  LEU A CD2 1 
ATOM   194  N N   . PRO A 1 28  ? -3.693  16.883  -1.925  1.00 33.51 ? 25  PRO A N   1 
ATOM   195  C CA  . PRO A 1 28  ? -3.495  18.236  -2.472  1.00 34.05 ? 25  PRO A CA  1 
ATOM   196  C C   . PRO A 1 28  ? -2.684  18.202  -3.762  1.00 34.22 ? 25  PRO A C   1 
ATOM   197  O O   . PRO A 1 28  ? -1.773  17.379  -3.963  1.00 32.62 ? 25  PRO A O   1 
ATOM   198  C CB  . PRO A 1 28  ? -2.715  18.951  -1.365  1.00 34.56 ? 25  PRO A CB  1 
ATOM   199  C CG  . PRO A 1 28  ? -3.069  18.198  -0.115  1.00 34.39 ? 25  PRO A CG  1 
ATOM   200  C CD  . PRO A 1 28  ? -3.134  16.757  -0.569  1.00 34.05 ? 25  PRO A CD  1 
ATOM   201  N N   . GLU A 1 29  ? -3.017  19.118  -4.676  1.00 35.90 ? 26  GLU A N   1 
ATOM   202  C CA  . GLU A 1 29  ? -2.459  18.914  -6.018  1.00 37.80 ? 26  GLU A CA  1 
ATOM   203  C C   . GLU A 1 29  ? -0.965  19.199  -6.024  1.00 37.58 ? 26  GLU A C   1 
ATOM   204  O O   . GLU A 1 29  ? -0.265  18.614  -6.857  1.00 40.91 ? 26  GLU A O   1 
ATOM   205  C CB  . GLU A 1 29  ? -3.214  19.717  -7.078  1.00 42.24 ? 26  GLU A CB  1 
ATOM   206  C CG  . GLU A 1 29  ? -3.980  18.836  -8.066  1.00 45.26 ? 26  GLU A CG  1 
ATOM   207  C CD  . GLU A 1 29  ? -3.320  18.590  -9.400  1.00 47.33 ? 26  GLU A CD  1 
ATOM   208  O OE1 . GLU A 1 29  ? -3.337  17.420  -9.868  1.00 48.25 ? 26  GLU A OE1 1 
ATOM   209  O OE2 . GLU A 1 29  ? -2.769  19.511  -10.056 1.00 47.64 ? 26  GLU A OE2 1 
ATOM   210  N N   . GLU A 1 30  ? -0.424  20.007  -5.122  1.00 39.05 ? 27  GLU A N   1 
ATOM   211  C CA  . GLU A 1 30  ? 1.038   20.146  -5.120  1.00 39.71 ? 27  GLU A CA  1 
ATOM   212  C C   . GLU A 1 30  ? 1.679   18.807  -4.796  1.00 38.38 ? 27  GLU A C   1 
ATOM   213  O O   . GLU A 1 30  ? 2.707   18.445  -5.367  1.00 39.07 ? 27  GLU A O   1 
ATOM   214  C CB  . GLU A 1 30  ? 1.486   21.199  -4.116  1.00 43.79 ? 27  GLU A CB  1 
ATOM   215  C CG  . GLU A 1 30  ? 2.880   21.766  -4.351  1.00 48.70 ? 27  GLU A CG  1 
ATOM   216  C CD  . GLU A 1 30  ? 3.085   22.206  -5.790  1.00 52.17 ? 27  GLU A CD  1 
ATOM   217  O OE1 . GLU A 1 30  ? 3.351   21.360  -6.679  1.00 56.86 ? 27  GLU A OE1 1 
ATOM   218  O OE2 . GLU A 1 30  ? 2.980   23.431  -6.024  1.00 57.73 ? 27  GLU A OE2 1 
ATOM   219  N N   . LEU A 1 31  ? 1.073   18.046  -3.885  1.00 36.73 ? 28  LEU A N   1 
ATOM   220  C CA  . LEU A 1 31  ? 1.574   16.697  -3.605  1.00 35.79 ? 28  LEU A CA  1 
ATOM   221  C C   . LEU A 1 31  ? 1.434   15.755  -4.798  1.00 33.65 ? 28  LEU A C   1 
ATOM   222  O O   . LEU A 1 31  ? 2.300   14.898  -5.049  1.00 33.26 ? 28  LEU A O   1 
ATOM   223  C CB  . LEU A 1 31  ? 0.835   16.122  -2.399  1.00 37.29 ? 28  LEU A CB  1 
ATOM   224  C CG  . LEU A 1 31  ? 1.063   16.839  -1.067  1.00 40.29 ? 28  LEU A CG  1 
ATOM   225  C CD1 . LEU A 1 31  ? 1.197   15.820  0.059   1.00 41.88 ? 28  LEU A CD1 1 
ATOM   226  C CD2 . LEU A 1 31  ? 2.274   17.740  -1.156  1.00 40.67 ? 28  LEU A CD2 1 
ATOM   227  N N   . ILE A 1 32  ? 0.344   15.899  -5.554  1.00 31.36 ? 29  ILE A N   1 
ATOM   228  C CA  . ILE A 1 32  ? 0.177   15.044  -6.732  1.00 29.30 ? 29  ILE A CA  1 
ATOM   229  C C   . ILE A 1 32  ? 1.312   15.296  -7.715  1.00 29.24 ? 29  ILE A C   1 
ATOM   230  O O   . ILE A 1 32  ? 1.936   14.388  -8.261  1.00 30.10 ? 29  ILE A O   1 
ATOM   231  C CB  . ILE A 1 32  ? -1.185  15.283  -7.388  1.00 28.24 ? 29  ILE A CB  1 
ATOM   232  C CG1 . ILE A 1 32  ? -2.343  14.950  -6.419  1.00 28.10 ? 29  ILE A CG1 1 
ATOM   233  C CG2 . ILE A 1 32  ? -1.348  14.526  -8.695  1.00 28.72 ? 29  ILE A CG2 1 
ATOM   234  C CD1 . ILE A 1 32  ? -3.699  15.186  -7.065  1.00 27.77 ? 29  ILE A CD1 1 
ATOM   235  N N   . GLN A 1 33  ? 1.561   16.585  -7.953  1.00 31.44 ? 30  GLN A N   1 
ATOM   236  C CA  . GLN A 1 33  ? 2.546   16.980  -8.963  1.00 34.34 ? 30  GLN A CA  1 
ATOM   237  C C   . GLN A 1 33  ? 3.940   16.534  -8.569  1.00 33.85 ? 30  GLN A C   1 
ATOM   238  O O   . GLN A 1 33  ? 4.706   16.052  -9.408  1.00 35.18 ? 30  GLN A O   1 
ATOM   239  C CB  . GLN A 1 33  ? 2.420   18.483  -9.199  1.00 36.43 ? 30  GLN A CB  1 
ATOM   240  C CG  . GLN A 1 33  ? 1.071   18.879  -9.794  1.00 41.67 ? 30  GLN A CG  1 
ATOM   241  C CD  . GLN A 1 33  ? 0.506   17.980  -10.869 1.00 43.45 ? 30  GLN A CD  1 
ATOM   242  O OE1 . GLN A 1 33  ? 1.214   17.410  -11.712 1.00 47.51 ? 30  GLN A OE1 1 
ATOM   243  N NE2 . GLN A 1 33  ? -0.821  17.828  -10.872 1.00 46.73 ? 30  GLN A NE2 1 
ATOM   244  N N   . LYS A 1 34  ? 4.298   16.649  -7.292  1.00 33.96 ? 31  LYS A N   1 
ATOM   245  C CA  . LYS A 1 34  ? 5.641   16.248  -6.884  1.00 34.67 ? 31  LYS A CA  1 
ATOM   246  C C   . LYS A 1 34  ? 5.726   14.731  -6.808  1.00 34.20 ? 31  LYS A C   1 
ATOM   247  O O   . LYS A 1 34  ? 6.814   14.159  -6.925  1.00 35.49 ? 31  LYS A O   1 
ATOM   248  C CB  . LYS A 1 34  ? 6.042   16.830  -5.531  1.00 36.54 ? 31  LYS A CB  1 
ATOM   249  N N   . GLY A 1 35  ? 4.567   14.089  -6.589  1.00 32.07 ? 32  GLY A N   1 
ATOM   250  C CA  . GLY A 1 35  ? 4.607   12.676  -6.324  1.00 30.77 ? 32  GLY A CA  1 
ATOM   251  C C   . GLY A 1 35  ? 4.471   11.709  -7.493  1.00 27.18 ? 32  GLY A C   1 
ATOM   252  O O   . GLY A 1 35  ? 4.866   10.547  -7.375  1.00 24.57 ? 32  GLY A O   1 
ATOM   253  N N   . LYS A 1 36  ? 3.908   12.150  -8.608  1.00 27.27 ? 33  LYS A N   1 
ATOM   254  C CA  A LYS A 1 36  ? 3.553   11.263  -9.716  0.50 26.46 ? 33  LYS A CA  1 
ATOM   255  C CA  B LYS A 1 36  ? 3.554   11.265  -9.718  0.50 26.45 ? 33  LYS A CA  1 
ATOM   256  C C   . LYS A 1 36  ? 4.710   10.489  -10.335 1.00 26.75 ? 33  LYS A C   1 
ATOM   257  O O   . LYS A 1 36  ? 4.467   9.400   -10.903 1.00 27.84 ? 33  LYS A O   1 
ATOM   258  C CB  A LYS A 1 36  ? 2.828   12.088  -10.799 0.50 27.58 ? 33  LYS A CB  1 
ATOM   259  C CB  B LYS A 1 36  ? 2.831   12.090  -10.803 0.50 27.56 ? 33  LYS A CB  1 
ATOM   260  C CG  A LYS A 1 36  ? 3.632   13.251  -11.342 0.50 27.10 ? 33  LYS A CG  1 
ATOM   261  C CG  B LYS A 1 36  ? 3.651   13.209  -11.410 0.50 27.21 ? 33  LYS A CG  1 
ATOM   262  C CD  A LYS A 1 36  ? 3.079   13.718  -12.687 0.50 28.26 ? 33  LYS A CD  1 
ATOM   263  C CD  B LYS A 1 36  ? 2.756   14.272  -12.021 0.50 28.23 ? 33  LYS A CD  1 
ATOM   264  C CE  A LYS A 1 36  ? 3.700   15.058  -13.061 0.50 28.01 ? 33  LYS A CE  1 
ATOM   265  C CE  B LYS A 1 36  ? 2.636   14.195  -13.525 0.50 29.28 ? 33  LYS A CE  1 
ATOM   266  N NZ  A LYS A 1 36  ? 2.786   15.909  -13.882 0.50 27.70 ? 33  LYS A NZ  1 
ATOM   267  N NZ  B LYS A 1 36  ? 3.892   13.872  -14.243 0.50 33.47 ? 33  LYS A NZ  1 
ATOM   268  N N   . ASP A 1 37  ? 5.939   10.996  -10.247 1.00 25.01 ? 34  ASP A N   1 
ATOM   269  C CA  . ASP A 1 37  ? 7.026   10.206  -10.833 1.00 25.05 ? 34  ASP A CA  1 
ATOM   270  C C   . ASP A 1 37  ? 7.963   9.664   -9.765  1.00 24.24 ? 34  ASP A C   1 
ATOM   271  O O   . ASP A 1 37  ? 9.058   9.147   -10.020 1.00 25.00 ? 34  ASP A O   1 
ATOM   272  C CB  . ASP A 1 37  ? 7.787   11.074  -11.841 1.00 29.79 ? 34  ASP A CB  1 
ATOM   273  C CG  . ASP A 1 37  ? 6.971   11.470  -13.047 1.00 31.03 ? 34  ASP A CG  1 
ATOM   274  O OD1 . ASP A 1 37  ? 6.370   10.598  -13.704 1.00 39.07 ? 34  ASP A OD1 1 
ATOM   275  O OD2 . ASP A 1 37  ? 6.915   12.678  -13.367 1.00 38.60 ? 34  ASP A OD2 1 
ATOM   276  N N   . ILE A 1 38  ? 7.555   9.758   -8.500  1.00 20.96 ? 35  ILE A N   1 
ATOM   277  C CA  . ILE A 1 38  ? 8.414   9.233   -7.424  1.00 19.37 ? 35  ILE A CA  1 
ATOM   278  C C   . ILE A 1 38  ? 8.357   7.718   -7.401  1.00 19.00 ? 35  ILE A C   1 
ATOM   279  O O   . ILE A 1 38  ? 7.260   7.134   -7.504  1.00 21.61 ? 35  ILE A O   1 
ATOM   280  C CB  . ILE A 1 38  ? 8.052   9.805   -6.058  1.00 22.04 ? 35  ILE A CB  1 
ATOM   281  C CG1 . ILE A 1 38  ? 8.349   11.318  -5.974  1.00 25.85 ? 35  ILE A CG1 1 
ATOM   282  C CG2 . ILE A 1 38  ? 8.759   9.037   -4.976  1.00 23.07 ? 35  ILE A CG2 1 
ATOM   283  C CD1 . ILE A 1 38  ? 7.832   11.943  -4.693  1.00 31.35 ? 35  ILE A CD1 1 
ATOM   284  N N   . LYS A 1 39  ? 9.523   7.084   -7.308  1.00 18.92 ? 36  LYS A N   1 
ATOM   285  C CA  . LYS A 1 39  ? 9.524   5.605   -7.200  1.00 20.06 ? 36  LYS A CA  1 
ATOM   286  C C   . LYS A 1 39  ? 9.625   5.296   -5.710  1.00 19.81 ? 36  LYS A C   1 
ATOM   287  O O   . LYS A 1 39  ? 10.724  5.168   -5.155  1.00 20.79 ? 36  LYS A O   1 
ATOM   288  C CB  . LYS A 1 39  ? 10.673  4.987   -7.976  1.00 20.20 ? 36  LYS A CB  1 
ATOM   289  C CG  . LYS A 1 39  ? 10.667  5.337   -9.455  1.00 20.62 ? 36  LYS A CG  1 
ATOM   290  C CD  . LYS A 1 39  ? 9.554   4.757   -10.253 1.00 20.71 ? 36  LYS A CD  1 
ATOM   291  C CE  . LYS A 1 39  ? 9.510   5.290   -11.673 1.00 22.24 ? 36  LYS A CE  1 
ATOM   292  N NZ  . LYS A 1 39  ? 9.281   6.762   -11.797 1.00 21.74 ? 36  LYS A NZ  1 
ATOM   293  N N   . GLY A 1 40  ? 8.487   5.240   -5.034  1.00 20.41 ? 37  GLY A N   1 
ATOM   294  C CA  . GLY A 1 40  ? 8.556   5.108   -3.565  1.00 20.10 ? 37  GLY A CA  1 
ATOM   295  C C   . GLY A 1 40  ? 9.007   3.726   -3.153  1.00 19.16 ? 37  GLY A C   1 
ATOM   296  O O   . GLY A 1 40  ? 8.968   2.719   -3.903  1.00 21.46 ? 37  GLY A O   1 
ATOM   297  N N   . VAL A 1 41  ? 9.429   3.646   -1.900  1.00 17.54 ? 38  VAL A N   1 
ATOM   298  C CA  . VAL A 1 41  ? 9.937   2.435   -1.278  1.00 16.23 ? 38  VAL A CA  1 
ATOM   299  C C   . VAL A 1 41  ? 8.980   1.972   -0.186  1.00 15.96 ? 38  VAL A C   1 
ATOM   300  O O   . VAL A 1 41  ? 8.605   2.776   0.650   1.00 19.48 ? 38  VAL A O   1 
ATOM   301  C CB  . VAL A 1 41  ? 11.373  2.605   -0.735  1.00 17.99 ? 38  VAL A CB  1 
ATOM   302  C CG1 . VAL A 1 41  ? 11.800  1.363   0.054   1.00 22.01 ? 38  VAL A CG1 1 
ATOM   303  C CG2 . VAL A 1 41  ? 12.309  2.785   -1.905  1.00 21.90 ? 38  VAL A CG2 1 
ATOM   304  N N   . SER A 1 42  ? 8.661   0.680   -0.207  1.00 17.56 ? 39  SER A N   1 
ATOM   305  C CA  . SER A 1 42  ? 7.824   0.052   0.786   1.00 18.05 ? 39  SER A CA  1 
ATOM   306  C C   . SER A 1 42  ? 8.702   -0.935  1.579   1.00 17.66 ? 39  SER A C   1 
ATOM   307  O O   . SER A 1 42  ? 9.364   -1.765  0.955   1.00 22.96 ? 39  SER A O   1 
ATOM   308  C CB  . SER A 1 42  ? 6.643   -0.638  0.116   1.00 22.05 ? 39  SER A CB  1 
ATOM   309  O OG  . SER A 1 42  ? 5.781   0.356   -0.438  1.00 27.42 ? 39  SER A OG  1 
ATOM   310  N N   . GLU A 1 43  ? 8.701   -0.789  2.902   1.00 17.40 ? 40  GLU A N   1 
ATOM   311  C CA  . GLU A 1 43  ? 9.372   -1.779  3.757   1.00 18.75 ? 40  GLU A CA  1 
ATOM   312  C C   . GLU A 1 43  ? 8.331   -2.512  4.607   1.00 18.91 ? 40  GLU A C   1 
ATOM   313  O O   . GLU A 1 43  ? 7.580   -1.845  5.297   1.00 21.47 ? 40  GLU A O   1 
ATOM   314  C CB  . GLU A 1 43  ? 10.468  -1.131  4.604   1.00 23.52 ? 40  GLU A CB  1 
ATOM   315  C CG  . GLU A 1 43  ? 11.407  -0.244  3.794   1.00 26.28 ? 40  GLU A CG  1 
ATOM   316  C CD  . GLU A 1 43  ? 12.102  0.794   4.646   1.00 30.33 ? 40  GLU A CD  1 
ATOM   317  O OE1 . GLU A 1 43  ? 12.878  0.392   5.538   1.00 39.77 ? 40  GLU A OE1 1 
ATOM   318  O OE2 . GLU A 1 43  ? 11.877  1.997   4.438   1.00 40.42 ? 40  GLU A OE2 1 
ATOM   319  N N   . ILE A 1 44  ? 8.326   -3.834  4.508   1.00 17.99 ? 41  ILE A N   1 
ATOM   320  C CA  . ILE A 1 44  ? 7.317   -4.654  5.170   1.00 17.17 ? 41  ILE A CA  1 
ATOM   321  C C   . ILE A 1 44  ? 7.974   -5.627  6.137   1.00 17.31 ? 41  ILE A C   1 
ATOM   322  O O   . ILE A 1 44  ? 8.904   -6.308  5.719   1.00 18.33 ? 41  ILE A O   1 
ATOM   323  C CB  . ILE A 1 44  ? 6.470   -5.485  4.201   1.00 17.36 ? 41  ILE A CB  1 
ATOM   324  C CG1 . ILE A 1 44  ? 5.908   -4.597  3.086   1.00 20.23 ? 41  ILE A CG1 1 
ATOM   325  C CG2 . ILE A 1 44  ? 5.422   -6.261  4.979   1.00 19.34 ? 41  ILE A CG2 1 
ATOM   326  C CD1 . ILE A 1 44  ? 5.200   -5.333  1.959   1.00 21.67 ? 41  ILE A CD1 1 
ATOM   327  N N   . VAL A 1 45  ? 7.533   -5.642  7.380   1.00 16.80 ? 42  VAL A N   1 
ATOM   328  C CA  . VAL A 1 45  ? 7.981   -6.704  8.302   1.00 17.09 ? 42  VAL A CA  1 
ATOM   329  C C   . VAL A 1 45  ? 6.736   -7.510  8.678   1.00 16.75 ? 42  VAL A C   1 
ATOM   330  O O   . VAL A 1 45  ? 5.842   -6.932  9.326   1.00 18.58 ? 42  VAL A O   1 
ATOM   331  C CB  . VAL A 1 45  ? 8.668   -6.169  9.556   1.00 18.86 ? 42  VAL A CB  1 
ATOM   332  C CG1 . VAL A 1 45  ? 9.058   -7.334  10.465  1.00 19.69 ? 42  VAL A CG1 1 
ATOM   333  C CG2 . VAL A 1 45  ? 9.888   -5.360  9.157   1.00 23.36 ? 42  VAL A CG2 1 
ATOM   334  N N   . GLN A 1 46  ? 6.679   -8.774  8.289   1.00 17.75 ? 43  GLN A N   1 
ATOM   335  C CA  . GLN A 1 46  ? 5.584   -9.654  8.676   1.00 18.28 ? 43  GLN A CA  1 
ATOM   336  C C   . GLN A 1 46  ? 6.072   -10.632 9.744   1.00 18.17 ? 43  GLN A C   1 
ATOM   337  O O   . GLN A 1 46  ? 7.134   -11.228 9.530   1.00 19.56 ? 43  GLN A O   1 
ATOM   338  C CB  . GLN A 1 46  ? 5.052   -10.427 7.455   1.00 17.78 ? 43  GLN A CB  1 
ATOM   339  C CG  . GLN A 1 46  ? 3.943   -11.408 7.842   1.00 18.77 ? 43  GLN A CG  1 
ATOM   340  C CD  . GLN A 1 46  ? 3.425   -12.260 6.687   1.00 21.14 ? 43  GLN A CD  1 
ATOM   341  O OE1 . GLN A 1 46  ? 3.912   -12.099 5.546   1.00 21.29 ? 43  GLN A OE1 1 
ATOM   342  N NE2 . GLN A 1 46  ? 2.416   -13.080 6.965   1.00 19.88 ? 43  GLN A NE2 1 
ATOM   343  N N   . ASN A 1 47  ? 5.295   -10.765 10.819  1.00 19.03 ? 44  ASN A N   1 
ATOM   344  C CA  A ASN A 1 47  ? 5.627   -11.756 11.833  0.50 20.80 ? 44  ASN A CA  1 
ATOM   345  C CA  B ASN A 1 47  ? 5.605   -11.685 11.906  0.50 20.81 ? 44  ASN A CA  1 
ATOM   346  C C   . ASN A 1 47  ? 4.322   -12.450 12.207  1.00 21.01 ? 44  ASN A C   1 
ATOM   347  O O   . ASN A 1 47  ? 3.562   -11.993 13.057  1.00 20.60 ? 44  ASN A O   1 
ATOM   348  C CB  A ASN A 1 47  ? 6.282   -11.163 13.072  0.50 22.88 ? 44  ASN A CB  1 
ATOM   349  C CB  B ASN A 1 47  ? 6.069   -10.970 13.167  0.50 22.63 ? 44  ASN A CB  1 
ATOM   350  C CG  A ASN A 1 47  ? 6.884   -12.279 13.916  0.50 22.94 ? 44  ASN A CG  1 
ATOM   351  C CG  B ASN A 1 47  ? 6.315   -11.896 14.344  0.50 23.80 ? 44  ASN A CG  1 
ATOM   352  O OD1 A ASN A 1 47  ? 6.580   -13.453 13.655  0.50 29.22 ? 44  ASN A OD1 1 
ATOM   353  O OD1 B ASN A 1 47  ? 6.333   -13.124 14.208  0.50 27.34 ? 44  ASN A OD1 1 
ATOM   354  N ND2 A ASN A 1 47  ? 7.702   -11.943 14.906  0.50 24.85 ? 44  ASN A ND2 1 
ATOM   355  N ND2 B ASN A 1 47  ? 6.482   -11.326 15.532  0.50 27.55 ? 44  ASN A ND2 1 
ATOM   356  N N   . GLY A 1 48  ? 4.092   -13.541 11.469  1.00 21.14 ? 45  GLY A N   1 
ATOM   357  C CA  . GLY A 1 48  ? 2.791   -14.205 11.640  1.00 22.28 ? 45  GLY A CA  1 
ATOM   358  C C   . GLY A 1 48  ? 1.677   -13.340 11.068  1.00 20.60 ? 45  GLY A C   1 
ATOM   359  O O   . GLY A 1 48  ? 1.661   -12.878 9.939   1.00 22.61 ? 45  GLY A O   1 
ATOM   360  N N   . LYS A 1 49  ? 0.703   -13.082 11.937  1.00 19.22 ? 46  LYS A N   1 
ATOM   361  C CA  A LYS A 1 49  ? -0.417  -12.218 11.570  0.50 18.32 ? 46  LYS A CA  1 
ATOM   362  C CA  B LYS A 1 49  ? -0.413  -12.218 11.548  0.50 18.37 ? 46  LYS A CA  1 
ATOM   363  C C   . LYS A 1 49  ? -0.106  -10.734 11.745  1.00 16.14 ? 46  LYS A C   1 
ATOM   364  O O   . LYS A 1 49  ? -0.895  -9.886  11.336  1.00 19.43 ? 46  LYS A O   1 
ATOM   365  C CB  A LYS A 1 49  ? -1.644  -12.564 12.423  0.50 20.00 ? 46  LYS A CB  1 
ATOM   366  C CB  B LYS A 1 49  ? -1.678  -12.551 12.347  0.50 20.07 ? 46  LYS A CB  1 
ATOM   367  C CG  A LYS A 1 49  ? -1.955  -14.059 12.432  0.50 21.91 ? 46  LYS A CG  1 
ATOM   368  C CG  B LYS A 1 49  ? -2.355  -13.841 11.890  0.50 21.52 ? 46  LYS A CG  1 
ATOM   369  C CD  A LYS A 1 49  ? -3.080  -14.371 13.422  0.50 23.37 ? 46  LYS A CD  1 
ATOM   370  C CD  B LYS A 1 49  ? -3.785  -13.930 12.421  0.50 23.67 ? 46  LYS A CD  1 
ATOM   371  C CE  A LYS A 1 49  ? -4.368  -13.638 13.053  0.50 23.85 ? 46  LYS A CE  1 
ATOM   372  C CE  B LYS A 1 49  ? -3.809  -14.729 13.723  0.50 24.42 ? 46  LYS A CE  1 
ATOM   373  N NZ  A LYS A 1 49  ? -5.531  -14.196 13.792  0.50 24.60 ? 46  LYS A NZ  1 
ATOM   374  N NZ  B LYS A 1 49  ? -5.080  -14.529 14.485  0.50 19.00 ? 46  LYS A NZ  1 
ATOM   375  N N   . HIS A 1 50  ? 0.991   -10.370 12.368  1.00 16.97 ? 47  HIS A N   1 
ATOM   376  C CA  . HIS A 1 50  ? 1.345   -8.981  12.672  1.00 16.85 ? 47  HIS A CA  1 
ATOM   377  C C   . HIS A 1 50  ? 2.219   -8.367  11.568  1.00 15.75 ? 47  HIS A C   1 
ATOM   378  O O   . HIS A 1 50  ? 3.269   -8.910  11.218  1.00 19.98 ? 47  HIS A O   1 
ATOM   379  C CB  . HIS A 1 50  ? 2.106   -8.972  13.991  1.00 19.10 ? 47  HIS A CB  1 
ATOM   380  C CG  . HIS A 1 50  ? 1.257   -9.542  15.098  1.00 21.00 ? 47  HIS A CG  1 
ATOM   381  N ND1 . HIS A 1 50  ? 1.487   -10.658 15.840  1.00 22.44 ? 47  HIS A ND1 1 
ATOM   382  C CD2 . HIS A 1 50  ? 0.070   -9.057  15.559  1.00 20.44 ? 47  HIS A CD2 1 
ATOM   383  C CE1 . HIS A 1 50  ? 0.489   -10.836 16.720  1.00 21.77 ? 47  HIS A CE1 1 
ATOM   384  N NE2 . HIS A 1 50  ? -0.390  -9.851  16.543  1.00 23.08 ? 47  HIS A NE2 1 
ATOM   385  N N   . PHE A 1 51  ? 1.768   -7.241  11.056  1.00 15.87 ? 48  PHE A N   1 
ATOM   386  C CA  . PHE A 1 51  ? 2.443   -6.512  9.989   1.00 16.41 ? 48  PHE A CA  1 
ATOM   387  C C   . PHE A 1 51  ? 2.807   -5.104  10.418  1.00 16.61 ? 48  PHE A C   1 
ATOM   388  O O   . PHE A 1 51  ? 1.996   -4.482  11.102  1.00 18.52 ? 48  PHE A O   1 
ATOM   389  C CB  . PHE A 1 51  ? 1.542   -6.386  8.750   1.00 16.58 ? 48  PHE A CB  1 
ATOM   390  C CG  . PHE A 1 51  ? 1.444   -7.640  7.911   1.00 16.66 ? 48  PHE A CG  1 
ATOM   391  C CD1 . PHE A 1 51  ? 0.661   -8.713  8.341   1.00 17.83 ? 48  PHE A CD1 1 
ATOM   392  C CD2 . PHE A 1 51  ? 2.120   -7.753  6.707   1.00 17.69 ? 48  PHE A CD2 1 
ATOM   393  C CE1 . PHE A 1 51  ? 0.557   -9.846  7.564   1.00 18.04 ? 48  PHE A CE1 1 
ATOM   394  C CE2 . PHE A 1 51  ? 1.951   -8.858  5.915   1.00 17.84 ? 48  PHE A CE2 1 
ATOM   395  C CZ  . PHE A 1 51  ? 1.164   -9.912  6.321   1.00 17.91 ? 48  PHE A CZ  1 
ATOM   396  N N   . LYS A 1 52  ? 4.017   -4.688  9.981   1.00 17.03 ? 49  LYS A N   1 
ATOM   397  C CA  . LYS A 1 52  ? 4.409   -3.294  10.037  1.00 18.00 ? 49  LYS A CA  1 
ATOM   398  C C   . LYS A 1 52  ? 4.851   -2.907  8.631   1.00 18.40 ? 49  LYS A C   1 
ATOM   399  O O   . LYS A 1 52  ? 5.589   -3.664  8.008   1.00 21.50 ? 49  LYS A O   1 
ATOM   400  C CB  . LYS A 1 52  ? 5.567   -3.055  11.004  1.00 22.61 ? 49  LYS A CB  1 
ATOM   401  C CG  . LYS A 1 52  ? 5.190   -3.229  12.462  1.00 28.20 ? 49  LYS A CG  1 
ATOM   402  C CD  . LYS A 1 52  ? 6.432   -3.228  13.341  1.00 32.74 ? 49  LYS A CD  1 
ATOM   403  C CE  . LYS A 1 52  ? 6.134   -3.266  14.828  1.00 35.98 ? 49  LYS A CE  1 
ATOM   404  N NZ  . LYS A 1 52  ? 7.145   -2.501  15.621  1.00 41.33 ? 49  LYS A NZ  1 
ATOM   405  N N   . PHE A 1 53  ? 4.448   -1.728  8.168   1.00 19.97 ? 50  PHE A N   1 
ATOM   406  C CA  A PHE A 1 53  ? 5.003   -1.324  6.877   0.70 20.88 ? 50  PHE A CA  1 
ATOM   407  C CA  B PHE A 1 53  ? 4.738   -1.249  6.839   0.30 21.07 ? 50  PHE A CA  1 
ATOM   408  C C   . PHE A 1 53  ? 5.227   0.189   6.899   1.00 19.45 ? 50  PHE A C   1 
ATOM   409  O O   . PHE A 1 53  ? 4.554   0.945   7.582   1.00 21.30 ? 50  PHE A O   1 
ATOM   410  C CB  A PHE A 1 53  ? 4.119   -1.809  5.745   0.70 22.22 ? 50  PHE A CB  1 
ATOM   411  C CB  B PHE A 1 53  ? 3.505   -1.150  5.934   0.30 21.61 ? 50  PHE A CB  1 
ATOM   412  C CG  A PHE A 1 53  ? 2.694   -1.309  5.728   0.70 22.88 ? 50  PHE A CG  1 
ATOM   413  C CG  B PHE A 1 53  ? 3.002   -2.489  5.456   0.30 22.99 ? 50  PHE A CG  1 
ATOM   414  C CD1 A PHE A 1 53  ? 1.706   -1.768  6.589   0.70 22.60 ? 50  PHE A CD1 1 
ATOM   415  C CD1 B PHE A 1 53  ? 3.186   -2.867  4.140   0.30 23.94 ? 50  PHE A CD1 1 
ATOM   416  C CD2 A PHE A 1 53  ? 2.347   -0.323  4.817   0.70 22.31 ? 50  PHE A CD2 1 
ATOM   417  C CD2 B PHE A 1 53  ? 2.364   -3.343  6.331   0.30 23.46 ? 50  PHE A CD2 1 
ATOM   418  C CE1 A PHE A 1 53  ? 0.425   -1.223  6.532   0.70 21.84 ? 50  PHE A CE1 1 
ATOM   419  C CE1 B PHE A 1 53  ? 2.717   -4.100  3.728   0.30 25.40 ? 50  PHE A CE1 1 
ATOM   420  C CE2 A PHE A 1 53  ? 1.087   0.230   4.744   0.70 24.04 ? 50  PHE A CE2 1 
ATOM   421  C CE2 B PHE A 1 53  ? 1.918   -4.571  5.897   0.30 24.86 ? 50  PHE A CE2 1 
ATOM   422  C CZ  A PHE A 1 53  ? 0.118   -0.233  5.612   0.70 22.61 ? 50  PHE A CZ  1 
ATOM   423  C CZ  B PHE A 1 53  ? 2.098   -4.971  4.593   0.30 24.98 ? 50  PHE A CZ  1 
ATOM   424  N N   . THR A 1 54  ? 6.256   0.543   6.179   1.00 19.60 ? 51  THR A N   1 
ATOM   425  C CA  . THR A 1 54  ? 6.649   1.925   5.988   1.00 19.61 ? 51  THR A CA  1 
ATOM   426  C C   . THR A 1 54  ? 6.648   2.191   4.488   1.00 19.72 ? 51  THR A C   1 
ATOM   427  O O   . THR A 1 54  ? 7.251   1.431   3.728   1.00 23.93 ? 51  THR A O   1 
ATOM   428  C CB  . THR A 1 54  ? 8.019   2.225   6.624   1.00 24.71 ? 51  THR A CB  1 
ATOM   429  O OG1 . THR A 1 54  ? 7.896   1.761   7.987   1.00 31.37 ? 51  THR A OG1 1 
ATOM   430  C CG2 . THR A 1 54  ? 8.341   3.697   6.640   1.00 27.08 ? 51  THR A CG2 1 
ATOM   431  N N   . ILE A 1 55  ? 5.953   3.245   4.082   1.00 18.76 ? 52  ILE A N   1 
ATOM   432  C CA  . ILE A 1 55  ? 5.951   3.721   2.686   1.00 19.94 ? 52  ILE A CA  1 
ATOM   433  C C   . ILE A 1 55  ? 6.640   5.067   2.668   1.00 20.79 ? 52  ILE A C   1 
ATOM   434  O O   . ILE A 1 55  ? 6.231   5.976   3.391   1.00 24.53 ? 52  ILE A O   1 
ATOM   435  C CB  . ILE A 1 55  ? 4.525   3.790   2.133   1.00 23.50 ? 52  ILE A CB  1 
ATOM   436  C CG1 . ILE A 1 55  ? 3.845   2.427   2.323   1.00 25.02 ? 52  ILE A CG1 1 
ATOM   437  C CG2 . ILE A 1 55  ? 4.442   4.246   0.693   1.00 27.78 ? 52  ILE A CG2 1 
ATOM   438  C CD1 . ILE A 1 55  ? 4.715   1.256   1.989   1.00 35.79 ? 52  ILE A CD1 1 
ATOM   439  N N   . THR A 1 56  ? 7.684   5.159   1.850   1.00 20.40 ? 53  THR A N   1 
ATOM   440  C CA  . THR A 1 56  ? 8.387   6.420   1.679   1.00 21.09 ? 53  THR A CA  1 
ATOM   441  C C   . THR A 1 56  ? 8.238   6.927   0.240   1.00 20.31 ? 53  THR A C   1 
ATOM   442  O O   . THR A 1 56  ? 8.448   6.154   -0.695  1.00 22.47 ? 53  THR A O   1 
ATOM   443  C CB  . THR A 1 56  ? 9.874   6.285   2.023   1.00 23.01 ? 53  THR A CB  1 
ATOM   444  O OG1 . THR A 1 56  ? 9.979   5.778   3.373   1.00 26.60 ? 53  THR A OG1 1 
ATOM   445  C CG2 . THR A 1 56  ? 10.596  7.623   2.018   1.00 32.33 ? 53  THR A CG2 1 
ATOM   446  N N   . ALA A 1 57  ? 7.880   8.196   0.110   1.00 21.71 ? 54  ALA A N   1 
ATOM   447  C CA  . ALA A 1 57  ? 7.738   8.844   -1.204  1.00 23.35 ? 54  ALA A CA  1 
ATOM   448  C C   . ALA A 1 57  ? 8.203   10.286  -0.983  1.00 27.63 ? 54  ALA A C   1 
ATOM   449  O O   . ALA A 1 57  ? 7.434   11.057  -0.423  1.00 31.64 ? 54  ALA A O   1 
ATOM   450  C CB  . ALA A 1 57  ? 6.340   8.814   -1.755  1.00 27.87 ? 54  ALA A CB  1 
ATOM   451  N N   A GLY A 1 58  ? 9.423   10.591  -1.382  0.50 30.82 ? 55  GLY A N   1 
ATOM   452  N N   B GLY A 1 58  ? 9.416   10.564  -1.438  0.50 30.50 ? 55  GLY A N   1 
ATOM   453  C CA  A GLY A 1 58  ? 10.145  11.829  -1.197  0.50 32.59 ? 55  GLY A CA  1 
ATOM   454  C CA  B GLY A 1 58  ? 10.034  11.864  -1.183  0.50 32.57 ? 55  GLY A CA  1 
ATOM   455  C C   A GLY A 1 58  ? 9.593   12.782  -0.149  0.50 35.23 ? 55  GLY A C   1 
ATOM   456  C C   B GLY A 1 58  ? 10.304  12.030  0.301   0.50 34.52 ? 55  GLY A C   1 
ATOM   457  O O   A GLY A 1 58  ? 8.512   13.341  -0.390  0.50 38.14 ? 55  GLY A O   1 
ATOM   458  O O   B GLY A 1 58  ? 10.836  11.132  0.948   0.50 30.91 ? 55  GLY A O   1 
ATOM   459  N N   A SER A 1 59  ? 10.253  12.960  0.976   0.50 36.27 ? 56  SER A N   1 
ATOM   460  N N   B SER A 1 59  ? 9.958   13.176  0.908   0.50 36.25 ? 56  SER A N   1 
ATOM   461  C CA  A SER A 1 59  ? 9.902   13.775  2.123   0.50 37.53 ? 56  SER A CA  1 
ATOM   462  C CA  B SER A 1 59  ? 10.202  13.209  2.360   0.50 37.46 ? 56  SER A CA  1 
ATOM   463  C C   A SER A 1 59  ? 8.735   13.195  2.923   0.50 38.11 ? 56  SER A C   1 
ATOM   464  C C   B SER A 1 59  ? 8.962   12.696  3.081   0.50 38.30 ? 56  SER A C   1 
ATOM   465  O O   A SER A 1 59  ? 8.574   13.511  4.105   0.50 39.19 ? 56  SER A O   1 
ATOM   466  O O   B SER A 1 59  ? 8.918   12.588  4.309   0.50 39.51 ? 56  SER A O   1 
ATOM   467  C CB  A SER A 1 59  ? 9.556   15.218  1.728   0.50 37.67 ? 56  SER A CB  1 
ATOM   468  C CB  B SER A 1 59  ? 10.615  14.600  2.829   0.50 37.99 ? 56  SER A CB  1 
ATOM   469  O OG  A SER A 1 59  ? 8.172   15.369  1.454   0.50 39.16 ? 56  SER A OG  1 
ATOM   470  O OG  B SER A 1 59  ? 12.021  14.648  3.054   0.50 41.29 ? 56  SER A OG  1 
ATOM   471  N N   . LYS A 1 60  ? 7.925   12.356  2.309   1.00 37.22 ? 57  LYS A N   1 
ATOM   472  C CA  . LYS A 1 60  ? 6.730   11.789  2.952   1.00 36.11 ? 57  LYS A CA  1 
ATOM   473  C C   . LYS A 1 60  ? 6.881   10.320  3.336   1.00 34.26 ? 57  LYS A C   1 
ATOM   474  O O   . LYS A 1 60  ? 7.047   9.450   2.488   1.00 32.98 ? 57  LYS A O   1 
ATOM   475  C CB  . LYS A 1 60  ? 5.557   11.946  1.991   1.00 37.78 ? 57  LYS A CB  1 
ATOM   476  C CG  . LYS A 1 60  ? 4.368   11.029  2.143   1.00 39.25 ? 57  LYS A CG  1 
ATOM   477  C CD  . LYS A 1 60  ? 3.079   11.845  2.199   1.00 42.01 ? 57  LYS A CD  1 
ATOM   478  C CE  . LYS A 1 60  ? 1.951   11.088  2.875   1.00 42.74 ? 57  LYS A CE  1 
ATOM   479  N NZ  . LYS A 1 60  ? 0.939   11.948  3.545   1.00 49.08 ? 57  LYS A NZ  1 
ATOM   480  N N   . VAL A 1 61  ? 6.819   10.024  4.615   1.00 32.61 ? 58  VAL A N   1 
ATOM   481  C CA  . VAL A 1 61  ? 6.987   8.708   5.221   1.00 28.55 ? 58  VAL A CA  1 
ATOM   482  C C   . VAL A 1 61  ? 5.744   8.339   6.014   1.00 27.77 ? 58  VAL A C   1 
ATOM   483  O O   . VAL A 1 61  ? 5.353   9.007   6.976   1.00 32.58 ? 58  VAL A O   1 
ATOM   484  C CB  . VAL A 1 61  ? 8.232   8.707   6.132   1.00 30.23 ? 58  VAL A CB  1 
ATOM   485  C CG1 . VAL A 1 61  ? 8.470   7.346   6.752   1.00 28.97 ? 58  VAL A CG1 1 
ATOM   486  C CG2 . VAL A 1 61  ? 9.463   9.163   5.350   1.00 32.64 ? 58  VAL A CG2 1 
ATOM   487  N N   . ILE A 1 62  ? 5.066   7.278   5.619   1.00 24.88 ? 59  ILE A N   1 
ATOM   488  C CA  . ILE A 1 62  ? 3.868   6.815   6.289   1.00 24.72 ? 59  ILE A CA  1 
ATOM   489  C C   . ILE A 1 62  ? 4.211   5.478   6.941   1.00 21.68 ? 59  ILE A C   1 
ATOM   490  O O   . ILE A 1 62  ? 4.615   4.566   6.206   1.00 22.50 ? 59  ILE A O   1 
ATOM   491  C CB  . ILE A 1 62  ? 2.692   6.654   5.320   1.00 27.77 ? 59  ILE A CB  1 
ATOM   492  C CG1 . ILE A 1 62  ? 2.342   7.957   4.576   1.00 30.47 ? 59  ILE A CG1 1 
ATOM   493  C CG2 . ILE A 1 62  ? 1.422   6.180   6.006   1.00 30.45 ? 59  ILE A CG2 1 
ATOM   494  C CD1 . ILE A 1 62  ? 1.373   7.736   3.426   1.00 35.22 ? 59  ILE A CD1 1 
ATOM   495  N N   . GLN A 1 63  ? 4.061   5.368   8.249   1.00 22.26 ? 60  GLN A N   1 
ATOM   496  C CA  . GLN A 1 63  ? 4.200   4.072   8.932   1.00 21.89 ? 60  GLN A CA  1 
ATOM   497  C C   . GLN A 1 63  ? 2.844   3.571   9.390   1.00 20.43 ? 60  GLN A C   1 
ATOM   498  O O   . GLN A 1 63  ? 2.033   4.287   9.941   1.00 23.44 ? 60  GLN A O   1 
ATOM   499  C CB  . GLN A 1 63  ? 5.161   4.174   10.117  1.00 26.16 ? 60  GLN A CB  1 
ATOM   500  C CG  . GLN A 1 63  ? 5.383   2.803   10.743  1.00 28.54 ? 60  GLN A CG  1 
ATOM   501  C CD  . GLN A 1 63  ? 6.213   2.808   11.999  1.00 32.70 ? 60  GLN A CD  1 
ATOM   502  O OE1 . GLN A 1 63  ? 6.993   3.719   12.211  1.00 37.78 ? 60  GLN A OE1 1 
ATOM   503  N NE2 . GLN A 1 63  ? 6.028   1.781   12.825  1.00 39.69 ? 60  GLN A NE2 1 
ATOM   504  N N   . ASN A 1 64  ? 2.633   2.277   9.191   1.00 20.01 ? 61  ASN A N   1 
ATOM   505  C CA  . ASN A 1 64  ? 1.396   1.646   9.632   1.00 19.70 ? 61  ASN A CA  1 
ATOM   506  C C   . ASN A 1 64  ? 1.616   0.268   10.223  1.00 18.16 ? 61  ASN A C   1 
ATOM   507  O O   . ASN A 1 64  ? 2.660   -0.351  10.004  1.00 19.89 ? 61  ASN A O   1 
ATOM   508  C CB  . ASN A 1 64  ? 0.446   1.471   8.429   1.00 19.80 ? 61  ASN A CB  1 
ATOM   509  C CG  . ASN A 1 64  ? -0.348  2.735   8.142   1.00 21.68 ? 61  ASN A CG  1 
ATOM   510  O OD1 . ASN A 1 64  ? -1.077  3.218   9.001   1.00 24.10 ? 61  ASN A OD1 1 
ATOM   511  N ND2 . ASN A 1 64  ? -0.229  3.276   6.924   1.00 24.11 ? 61  ASN A ND2 1 
ATOM   512  N N   . GLU A 1 65  ? 0.622   -0.245  10.940  1.00 18.31 ? 62  GLU A N   1 
ATOM   513  C CA  A GLU A 1 65  ? 0.729   -1.595  11.486  0.50 19.05 ? 62  GLU A CA  1 
ATOM   514  C CA  B GLU A 1 65  ? 0.736   -1.614  11.441  0.50 18.98 ? 62  GLU A CA  1 
ATOM   515  C C   . GLU A 1 65  ? -0.667  -2.202  11.529  1.00 17.83 ? 62  GLU A C   1 
ATOM   516  O O   . GLU A 1 65  ? -1.644  -1.446  11.647  1.00 19.72 ? 62  GLU A O   1 
ATOM   517  C CB  A GLU A 1 65  ? 1.339   -1.596  12.891  0.50 21.53 ? 62  GLU A CB  1 
ATOM   518  C CB  B GLU A 1 65  ? 1.409   -1.695  12.810  0.50 21.44 ? 62  GLU A CB  1 
ATOM   519  C CG  A GLU A 1 65  ? 0.537   -0.757  13.879  0.50 23.78 ? 62  GLU A CG  1 
ATOM   520  C CG  B GLU A 1 65  ? 0.594   -1.035  13.913  0.50 23.81 ? 62  GLU A CG  1 
ATOM   521  C CD  A GLU A 1 65  ? 1.382   -0.262  15.042  0.50 25.61 ? 62  GLU A CD  1 
ATOM   522  C CD  B GLU A 1 65  ? 1.429   -0.814  15.163  0.50 25.17 ? 62  GLU A CD  1 
ATOM   523  O OE1 A GLU A 1 65  ? 2.331   -0.971  15.441  0.50 26.79 ? 62  GLU A OE1 1 
ATOM   524  O OE1 B GLU A 1 65  ? 2.275   0.099   15.156  0.50 28.90 ? 62  GLU A OE1 1 
ATOM   525  O OE2 A GLU A 1 65  ? 1.089   0.846   15.544  0.50 30.45 ? 62  GLU A OE2 1 
ATOM   526  O OE2 B GLU A 1 65  ? 1.239   -1.562  16.142  0.50 29.67 ? 62  GLU A OE2 1 
ATOM   527  N N   . PHE A 1 66  ? -0.762  -3.523  11.488  1.00 17.10 ? 63  PHE A N   1 
ATOM   528  C CA  . PHE A 1 66  ? -2.073  -4.137  11.629  1.00 16.62 ? 63  PHE A CA  1 
ATOM   529  C C   . PHE A 1 66  ? -1.855  -5.606  12.006  1.00 15.76 ? 63  PHE A C   1 
ATOM   530  O O   . PHE A 1 66  ? -0.817  -6.164  11.696  1.00 17.14 ? 63  PHE A O   1 
ATOM   531  C CB  . PHE A 1 66  ? -2.958  -4.067  10.405  1.00 16.58 ? 63  PHE A CB  1 
ATOM   532  C CG  . PHE A 1 66  ? -2.353  -4.653  9.133   1.00 15.90 ? 63  PHE A CG  1 
ATOM   533  C CD1 . PHE A 1 66  ? -2.519  -5.988  8.806   1.00 16.82 ? 63  PHE A CD1 1 
ATOM   534  C CD2 . PHE A 1 66  ? -1.620  -3.835  8.274   1.00 18.27 ? 63  PHE A CD2 1 
ATOM   535  C CE1 . PHE A 1 66  ? -2.005  -6.579  7.664   1.00 18.56 ? 63  PHE A CE1 1 
ATOM   536  C CE2 . PHE A 1 66  ? -1.134  -4.396  7.113   1.00 19.09 ? 63  PHE A CE2 1 
ATOM   537  C CZ  . PHE A 1 66  ? -1.329  -5.747  6.784   1.00 19.98 ? 63  PHE A CZ  1 
ATOM   538  N N   . THR A 1 67  ? -2.851  -6.215  12.597  1.00 16.32 ? 64  THR A N   1 
ATOM   539  C CA  . THR A 1 67  ? -2.903  -7.652  12.786  1.00 15.60 ? 64  THR A CA  1 
ATOM   540  C C   . THR A 1 67  ? -3.980  -8.215  11.880  1.00 15.67 ? 64  THR A C   1 
ATOM   541  O O   . THR A 1 67  ? -5.117  -7.732  11.902  1.00 15.41 ? 64  THR A O   1 
ATOM   542  C CB  . THR A 1 67  ? -3.198  -8.002  14.276  1.00 16.57 ? 64  THR A CB  1 
ATOM   543  O OG1 . THR A 1 67  ? -2.214  -7.366  15.087  1.00 19.08 ? 64  THR A OG1 1 
ATOM   544  C CG2 . THR A 1 67  ? -3.177  -9.506  14.471  1.00 17.62 ? 64  THR A CG2 1 
ATOM   545  N N   . VAL A 1 68  ? -3.645  -9.192  11.047  1.00 16.14 ? 65  VAL A N   1 
ATOM   546  C CA  . VAL A 1 68  ? -4.644  -9.778  10.149  1.00 16.40 ? 65  VAL A CA  1 
ATOM   547  C C   . VAL A 1 68  ? -5.908  -10.196 10.893  1.00 15.24 ? 65  VAL A C   1 
ATOM   548  O O   . VAL A 1 68  ? -5.811  -10.867 11.941  1.00 17.85 ? 65  VAL A O   1 
ATOM   549  C CB  . VAL A 1 68  ? -4.015  -11.002 9.432   1.00 17.18 ? 65  VAL A CB  1 
ATOM   550  C CG1 . VAL A 1 68  ? -5.047  -11.764 8.654   1.00 18.62 ? 65  VAL A CG1 1 
ATOM   551  C CG2 . VAL A 1 68  ? -2.916  -10.509 8.486   1.00 23.50 ? 65  VAL A CG2 1 
ATOM   552  N N   . GLY A 1 69  ? -7.067  -9.827  10.338  1.00 15.71 ? 66  GLY A N   1 
ATOM   553  C CA  . GLY A 1 69  ? -8.325  -10.271 10.906  1.00 16.60 ? 66  GLY A CA  1 
ATOM   554  C C   . GLY A 1 69  ? -8.855  -9.449  12.048  1.00 15.94 ? 66  GLY A C   1 
ATOM   555  O O   . GLY A 1 69  ? -9.958  -9.712  12.564  1.00 20.52 ? 66  GLY A O   1 
ATOM   556  N N   . GLU A 1 70  ? -8.053  -8.458  12.468  1.00 17.28 ? 67  GLU A N   1 
ATOM   557  C CA  . GLU A 1 70  ? -8.463  -7.605  13.579  1.00 16.83 ? 67  GLU A CA  1 
ATOM   558  C C   . GLU A 1 70  ? -8.683  -6.163  13.117  1.00 16.85 ? 67  GLU A C   1 
ATOM   559  O O   . GLU A 1 70  ? -8.188  -5.765  12.047  1.00 18.86 ? 67  GLU A O   1 
ATOM   560  C CB  . GLU A 1 70  ? -7.367  -7.584  14.654  1.00 17.35 ? 67  GLU A CB  1 
ATOM   561  C CG  . GLU A 1 70  ? -6.966  -8.958  15.133  1.00 18.93 ? 67  GLU A CG  1 
ATOM   562  C CD  . GLU A 1 70  ? -8.001  -9.637  16.007  1.00 19.63 ? 67  GLU A CD  1 
ATOM   563  O OE1 . GLU A 1 70  ? -8.992  -9.010  16.416  1.00 21.27 ? 67  GLU A OE1 1 
ATOM   564  O OE2 . GLU A 1 70  ? -7.820  -10.840 16.273  1.00 22.97 ? 67  GLU A OE2 1 
ATOM   565  N N   . GLU A 1 71  ? -9.412  -5.400  13.927  1.00 18.16 ? 68  GLU A N   1 
ATOM   566  C CA  . GLU A 1 71  ? -9.541  -3.975  13.619  1.00 18.69 ? 68  GLU A CA  1 
ATOM   567  C C   . GLU A 1 71  ? -8.167  -3.341  13.680  1.00 16.72 ? 68  GLU A C   1 
ATOM   568  O O   . GLU A 1 71  ? -7.371  -3.639  14.578  1.00 19.41 ? 68  GLU A O   1 
ATOM   569  C CB  . GLU A 1 71  ? -10.539 -3.256  14.547  1.00 20.30 ? 68  GLU A CB  1 
ATOM   570  C CG  . GLU A 1 71  ? -10.782 -1.806  14.152  1.00 24.20 ? 68  GLU A CG  1 
ATOM   571  C CD  . GLU A 1 71  ? -11.719 -0.989  15.008  1.00 26.51 ? 68  GLU A CD  1 
ATOM   572  O OE1 . GLU A 1 71  ? -11.433 -0.720  16.211  1.00 30.53 ? 68  GLU A OE1 1 
ATOM   573  O OE2 . GLU A 1 71  ? -12.796 -0.574  14.518  1.00 33.55 ? 68  GLU A OE2 1 
ATOM   574  N N   . CYS A 1 72  ? -7.910  -2.449  12.738  1.00 17.65 ? 69  CYS A N   1 
ATOM   575  C CA  . CYS A 1 72  ? -6.663  -1.695  12.772  1.00 17.78 ? 69  CYS A CA  1 
ATOM   576  C C   . CYS A 1 72  ? -7.001  -0.260  12.405  1.00 16.76 ? 69  CYS A C   1 
ATOM   577  O O   . CYS A 1 72  ? -8.133  0.077   12.002  1.00 18.53 ? 69  CYS A O   1 
ATOM   578  C CB  . CYS A 1 72  ? -5.644  -2.258  11.779  1.00 19.08 ? 69  CYS A CB  1 
ATOM   579  S SG  . CYS A 1 72  ? -6.182  -2.124  10.049  1.00 19.75 ? 69  CYS A SG  1 
ATOM   580  N N   . GLU A 1 73  ? -5.999  0.603   12.575  1.00 18.65 ? 70  GLU A N   1 
ATOM   581  C CA  . GLU A 1 73  ? -6.140  1.997   12.206  1.00 18.74 ? 70  GLU A CA  1 
ATOM   582  C C   . GLU A 1 73  ? -5.070  2.358   11.184  1.00 19.67 ? 70  GLU A C   1 
ATOM   583  O O   . GLU A 1 73  ? -3.906  2.432   11.545  1.00 23.54 ? 70  GLU A O   1 
ATOM   584  C CB  . GLU A 1 73  ? -5.978  2.903   13.423  1.00 18.74 ? 70  GLU A CB  1 
ATOM   585  C CG  . GLU A 1 73  ? -6.146  4.375   13.011  1.00 20.73 ? 70  GLU A CG  1 
ATOM   586  C CD  . GLU A 1 73  ? -6.212  5.244   14.260  1.00 22.01 ? 70  GLU A CD  1 
ATOM   587  O OE1 . GLU A 1 73  ? -7.156  6.042   14.353  1.00 22.43 ? 70  GLU A OE1 1 
ATOM   588  O OE2 . GLU A 1 73  ? -5.311  5.139   15.141  1.00 24.94 ? 70  GLU A OE2 1 
ATOM   589  N N   . LEU A 1 74  ? -5.408  2.586   9.923   1.00 21.00 ? 71  LEU A N   1 
ATOM   590  C CA  . LEU A 1 74  ? -4.431  2.823   8.869   1.00 19.68 ? 71  LEU A CA  1 
ATOM   591  C C   . LEU A 1 74  ? -4.419  4.301   8.491   1.00 19.01 ? 71  LEU A C   1 
ATOM   592  O O   . LEU A 1 74  ? -5.483  4.884   8.230   1.00 20.55 ? 71  LEU A O   1 
ATOM   593  C CB  . LEU A 1 74  ? -4.759  2.025   7.603   1.00 19.60 ? 71  LEU A CB  1 
ATOM   594  C CG  . LEU A 1 74  ? -4.783  0.502   7.824   1.00 19.09 ? 71  LEU A CG  1 
ATOM   595  C CD1 . LEU A 1 74  ? -5.174  -0.226  6.560   1.00 22.90 ? 71  LEU A CD1 1 
ATOM   596  C CD2 . LEU A 1 74  ? -3.404  0.051   8.317   1.00 22.27 ? 71  LEU A CD2 1 
ATOM   597  N N   . GLU A 1 75  ? -3.232  4.877   8.465   1.00 19.81 ? 72  GLU A N   1 
ATOM   598  C CA  . GLU A 1 75  ? -3.030  6.216   7.943   1.00 20.54 ? 72  GLU A CA  1 
ATOM   599  C C   . GLU A 1 75  ? -2.898  6.123   6.417   1.00 22.53 ? 72  GLU A C   1 
ATOM   600  O O   . GLU A 1 75  ? -2.030  5.401   5.889   1.00 23.64 ? 72  GLU A O   1 
ATOM   601  C CB  . GLU A 1 75  ? -1.775  6.808   8.594   1.00 21.87 ? 72  GLU A CB  1 
ATOM   602  C CG  . GLU A 1 75  ? -1.570  8.230   8.095   1.00 22.75 ? 72  GLU A CG  1 
ATOM   603  C CD  . GLU A 1 75  ? -0.301  8.875   8.591   1.00 26.36 ? 72  GLU A CD  1 
ATOM   604  O OE1 . GLU A 1 75  ? 0.273   8.351   9.571   1.00 31.99 ? 72  GLU A OE1 1 
ATOM   605  O OE2 . GLU A 1 75  ? 0.105   9.878   7.961   1.00 32.55 ? 72  GLU A OE2 1 
ATOM   606  N N   . THR A 1 76  ? -3.788  6.853   5.743   1.00 21.02 ? 73  THR A N   1 
ATOM   607  C CA  . THR A 1 76  ? -3.875  6.723   4.292   1.00 22.33 ? 73  THR A CA  1 
ATOM   608  C C   . THR A 1 76  ? -3.152  7.896   3.652   1.00 23.45 ? 73  THR A C   1 
ATOM   609  O O   . THR A 1 76  ? -2.530  8.692   4.364   1.00 23.29 ? 73  THR A O   1 
ATOM   610  C CB  . THR A 1 76  ? -5.320  6.590   3.824   1.00 23.71 ? 73  THR A CB  1 
ATOM   611  O OG1 . THR A 1 76  ? -6.035  7.797   4.116   1.00 24.67 ? 73  THR A OG1 1 
ATOM   612  C CG2 . THR A 1 76  ? -5.990  5.429   4.574   1.00 24.84 ? 73  THR A CG2 1 
ATOM   613  N N   . MET A 1 77  ? -3.235  7.924   2.333   1.00 26.08 ? 74  MET A N   1 
ATOM   614  C CA  . MET A 1 77  ? -2.465  8.859   1.512   1.00 26.92 ? 74  MET A CA  1 
ATOM   615  C C   . MET A 1 77  ? -2.589  10.296  1.969   1.00 26.60 ? 74  MET A C   1 
ATOM   616  O O   . MET A 1 77  ? -1.595  11.050  1.999   1.00 29.14 ? 74  MET A O   1 
ATOM   617  C CB  . MET A 1 77  ? -2.984  8.703   0.082   1.00 31.69 ? 74  MET A CB  1 
ATOM   618  C CG  . MET A 1 77  ? -2.740  7.356   -0.541  1.00 30.84 ? 74  MET A CG  1 
ATOM   619  S SD  . MET A 1 77  ? -3.877  6.061   -0.059  1.00 36.87 ? 74  MET A SD  1 
ATOM   620  C CE  . MET A 1 77  ? -5.471  6.685   -0.556  1.00 45.93 ? 74  MET A CE  1 
ATOM   621  N N   . THR A 1 78  ? -3.798  10.761  2.322   1.00 26.45 ? 75  THR A N   1 
ATOM   622  C CA  . THR A 1 78  ? -3.976  12.164  2.712   1.00 27.09 ? 75  THR A CA  1 
ATOM   623  C C   . THR A 1 78  ? -3.605  12.447  4.161   1.00 25.61 ? 75  THR A C   1 
ATOM   624  O O   . THR A 1 78  ? -3.552  13.598  4.615   1.00 28.27 ? 75  THR A O   1 
ATOM   625  C CB  . THR A 1 78  ? -5.450  12.601  2.663   1.00 27.95 ? 75  THR A CB  1 
ATOM   626  O OG1 . THR A 1 78  ? -6.148  11.790  3.622   1.00 28.71 ? 75  THR A OG1 1 
ATOM   627  C CG2 . THR A 1 78  ? -6.060  12.360  1.299   1.00 30.71 ? 75  THR A CG2 1 
ATOM   628  N N   . GLY A 1 79  ? -3.374  11.399  4.926   1.00 23.46 ? 76  GLY A N   1 
ATOM   629  C CA  . GLY A 1 79  ? -3.162  11.552  6.359   1.00 22.67 ? 76  GLY A CA  1 
ATOM   630  C C   . GLY A 1 79  ? -4.401  11.054  7.087   1.00 19.87 ? 76  GLY A C   1 
ATOM   631  O O   . GLY A 1 79  ? -4.288  10.761  8.276   1.00 22.77 ? 76  GLY A O   1 
ATOM   632  N N   . GLU A 1 80  ? -5.546  10.930  6.396   1.00 20.81 ? 77  GLU A N   1 
ATOM   633  C CA  . GLU A 1 80  ? -6.734  10.414  7.091   1.00 19.44 ? 77  GLU A CA  1 
ATOM   634  C C   . GLU A 1 80  ? -6.471  9.022   7.668   1.00 19.08 ? 77  GLU A C   1 
ATOM   635  O O   . GLU A 1 80  ? -6.023  8.139   6.924   1.00 21.81 ? 77  GLU A O   1 
ATOM   636  C CB  . GLU A 1 80  ? -7.961  10.307  6.187   1.00 20.53 ? 77  GLU A CB  1 
ATOM   637  C CG  . GLU A 1 80  ? -9.206  9.886   6.938   1.00 20.49 ? 77  GLU A CG  1 
ATOM   638  C CD  . GLU A 1 80  ? -10.536 9.895   6.223   1.00 22.22 ? 77  GLU A CD  1 
ATOM   639  O OE1 . GLU A 1 80  ? -10.569 10.427  5.106   1.00 26.83 ? 77  GLU A OE1 1 
ATOM   640  O OE2 . GLU A 1 80  ? -11.548 9.383   6.792   1.00 24.99 ? 77  GLU A OE2 1 
ATOM   641  N N   . LYS A 1 81  ? -6.810  8.854   8.944   1.00 18.57 ? 78  LYS A N   1 
ATOM   642  C CA  . LYS A 1 81  ? -6.692  7.546   9.608   1.00 18.46 ? 78  LYS A CA  1 
ATOM   643  C C   . LYS A 1 81  ? -8.056  6.861   9.556   1.00 16.74 ? 78  LYS A C   1 
ATOM   644  O O   . LYS A 1 81  ? -9.052  7.458   9.973   1.00 18.80 ? 78  LYS A O   1 
ATOM   645  C CB  . LYS A 1 81  ? -6.137  7.699   11.030  1.00 18.18 ? 78  LYS A CB  1 
ATOM   646  C CG  . LYS A 1 81  ? -4.655  8.038   11.091  1.00 20.41 ? 78  LYS A CG  1 
ATOM   647  C CD  . LYS A 1 81  ? -4.201  8.306   12.504  1.00 21.27 ? 78  LYS A CD  1 
ATOM   648  C CE  . LYS A 1 81  ? -2.727  8.680   12.618  1.00 23.22 ? 78  LYS A CE  1 
ATOM   649  N NZ  . LYS A 1 81  ? -2.203  8.643   13.989  1.00 26.28 ? 78  LYS A NZ  1 
ATOM   650  N N   . VAL A 1 82  ? -8.063  5.625   9.044   1.00 16.72 ? 79  VAL A N   1 
ATOM   651  C CA  A VAL A 1 82  ? -9.304  4.888   8.864   0.50 16.58 ? 79  VAL A CA  1 
ATOM   652  C CA  B VAL A 1 82  ? -9.323  4.906   8.894   0.50 16.70 ? 79  VAL A CA  1 
ATOM   653  C C   . VAL A 1 82  ? -9.284  3.610   9.694   1.00 17.33 ? 79  VAL A C   1 
ATOM   654  O O   . VAL A 1 82  ? -8.225  2.967   9.853   1.00 22.85 ? 79  VAL A O   1 
ATOM   655  C CB  A VAL A 1 82  ? -9.558  4.470   7.398   0.50 18.35 ? 79  VAL A CB  1 
ATOM   656  C CB  B VAL A 1 82  ? -9.618  4.644   7.405   0.50 18.66 ? 79  VAL A CB  1 
ATOM   657  C CG1 A VAL A 1 82  ? -9.691  5.693   6.502   0.50 19.84 ? 79  VAL A CG1 1 
ATOM   658  C CG1 B VAL A 1 82  ? -11.034 4.140   7.218   0.50 21.62 ? 79  VAL A CG1 1 
ATOM   659  C CG2 A VAL A 1 82  ? -8.442  3.542   6.944   0.50 15.21 ? 79  VAL A CG2 1 
ATOM   660  C CG2 B VAL A 1 82  ? -9.399  5.923   6.599   0.50 19.45 ? 79  VAL A CG2 1 
ATOM   661  N N   . LYS A 1 83  ? -10.452 3.245   10.200  1.00 16.72 ? 80  LYS A N   1 
ATOM   662  C CA  . LYS A 1 83  ? -10.552 1.982   10.974  1.00 18.50 ? 80  LYS A CA  1 
ATOM   663  C C   . LYS A 1 83  ? -11.058 0.911   9.999   1.00 17.84 ? 80  LYS A C   1 
ATOM   664  O O   . LYS A 1 83  ? -12.089 1.105   9.334   1.00 18.25 ? 80  LYS A O   1 
ATOM   665  C CB  . LYS A 1 83  ? -11.483 2.106   12.147  1.00 19.06 ? 80  LYS A CB  1 
ATOM   666  C CG  . LYS A 1 83  ? -11.058 3.142   13.172  1.00 23.24 ? 80  LYS A CG  1 
ATOM   667  C CD  . LYS A 1 83  ? -10.278 2.564   14.315  1.00 25.92 ? 80  LYS A CD  1 
ATOM   668  C CE  . LYS A 1 83  ? -9.686  3.597   15.253  1.00 25.28 ? 80  LYS A CE  1 
ATOM   669  N NZ  . LYS A 1 83  ? -10.648 4.350   16.128  1.00 25.84 ? 80  LYS A NZ  1 
ATOM   670  N N   . THR A 1 84  ? -10.317 -0.177  9.887   1.00 18.12 ? 81  THR A N   1 
ATOM   671  C CA  . THR A 1 84  ? -10.724 -1.228  8.969   1.00 17.08 ? 81  THR A CA  1 
ATOM   672  C C   . THR A 1 84  ? -10.139 -2.564  9.410   1.00 16.43 ? 81  THR A C   1 
ATOM   673  O O   . THR A 1 84  ? -9.518  -2.627  10.469  1.00 19.89 ? 81  THR A O   1 
ATOM   674  C CB  . THR A 1 84  ? -10.359 -0.835  7.516   1.00 17.63 ? 81  THR A CB  1 
ATOM   675  O OG1 . THR A 1 84  ? -10.959 -1.778  6.612   1.00 18.87 ? 81  THR A OG1 1 
ATOM   676  C CG2 . THR A 1 84  ? -8.842  -0.855  7.326   1.00 18.42 ? 81  THR A CG2 1 
ATOM   677  N N   . VAL A 1 85  ? -10.345 -3.619  8.628   1.00 16.32 ? 82  VAL A N   1 
ATOM   678  C CA  . VAL A 1 85  ? -9.752  -4.919  8.888   1.00 16.83 ? 82  VAL A CA  1 
ATOM   679  C C   . VAL A 1 85  ? -8.984  -5.338  7.621   1.00 16.18 ? 82  VAL A C   1 
ATOM   680  O O   . VAL A 1 85  ? -9.575  -5.218  6.544   1.00 18.00 ? 82  VAL A O   1 
ATOM   681  C CB  . VAL A 1 85  ? -10.800 -5.979  9.245   1.00 18.36 ? 82  VAL A CB  1 
ATOM   682  C CG1 . VAL A 1 85  ? -10.202 -7.360  9.456   1.00 18.06 ? 82  VAL A CG1 1 
ATOM   683  C CG2 . VAL A 1 85  ? -11.559 -5.565  10.517  1.00 19.12 ? 82  VAL A CG2 1 
ATOM   684  N N   . VAL A 1 86  ? -7.749  -5.801  7.774   1.00 15.62 ? 83  VAL A N   1 
ATOM   685  C CA  . VAL A 1 86  ? -6.998  -6.372  6.676   1.00 15.29 ? 83  VAL A CA  1 
ATOM   686  C C   . VAL A 1 86  ? -7.020  -7.904  6.781   1.00 13.76 ? 83  VAL A C   1 
ATOM   687  O O   . VAL A 1 86  ? -6.747  -8.413  7.853   1.00 15.90 ? 83  VAL A O   1 
ATOM   688  C CB  . VAL A 1 86  ? -5.532  -5.893  6.638   1.00 15.49 ? 83  VAL A CB  1 
ATOM   689  C CG1 . VAL A 1 86  ? -4.808  -6.431  5.396   1.00 16.47 ? 83  VAL A CG1 1 
ATOM   690  C CG2 . VAL A 1 86  ? -5.445  -4.366  6.683   1.00 16.55 ? 83  VAL A CG2 1 
ATOM   691  N N   . GLN A 1 87  ? -7.363  -8.580  5.668   1.00 15.14 ? 84  GLN A N   1 
ATOM   692  C CA  . GLN A 1 87  ? -7.396  -10.020 5.668   1.00 15.65 ? 84  GLN A CA  1 
ATOM   693  C C   . GLN A 1 87  ? -6.321  -10.597 4.750   1.00 15.08 ? 84  GLN A C   1 
ATOM   694  O O   . GLN A 1 87  ? -5.934  -9.952  3.750   1.00 17.27 ? 84  GLN A O   1 
ATOM   695  C CB  . GLN A 1 87  ? -8.766  -10.530 5.172   1.00 18.16 ? 84  GLN A CB  1 
ATOM   696  C CG  . GLN A 1 87  ? -9.943  -9.994  5.959   1.00 20.84 ? 84  GLN A CG  1 
ATOM   697  C CD  . GLN A 1 87  ? -10.245 -10.684 7.263   1.00 20.84 ? 84  GLN A CD  1 
ATOM   698  O OE1 . GLN A 1 87  ? -11.165 -10.228 7.948   1.00 25.51 ? 84  GLN A OE1 1 
ATOM   699  N NE2 . GLN A 1 87  ? -9.511  -11.722 7.670   1.00 20.35 ? 84  GLN A NE2 1 
ATOM   700  N N   . LEU A 1 88  ? -5.845  -11.776 5.027   1.00 16.78 ? 85  LEU A N   1 
ATOM   701  C CA  . LEU A 1 88  ? -5.091  -12.574 4.101   1.00 16.37 ? 85  LEU A CA  1 
ATOM   702  C C   . LEU A 1 88  ? -6.042  -13.450 3.272   1.00 16.99 ? 85  LEU A C   1 
ATOM   703  O O   . LEU A 1 88  ? -6.944  -14.053 3.874   1.00 19.07 ? 85  LEU A O   1 
ATOM   704  C CB  . LEU A 1 88  ? -4.060  -13.471 4.799   1.00 16.29 ? 85  LEU A CB  1 
ATOM   705  C CG  . LEU A 1 88  ? -2.772  -12.808 5.263   1.00 18.84 ? 85  LEU A CG  1 
ATOM   706  C CD1 . LEU A 1 88  ? -2.051  -13.610 6.331   1.00 22.49 ? 85  LEU A CD1 1 
ATOM   707  C CD2 . LEU A 1 88  ? -1.862  -12.604 4.045   1.00 20.23 ? 85  LEU A CD2 1 
ATOM   708  N N   . GLU A 1 89  ? -5.797  -13.537 1.966   1.00 17.25 ? 86  GLU A N   1 
ATOM   709  C CA  . GLU A 1 89  ? -6.422  -14.532 1.097   1.00 17.21 ? 86  GLU A CA  1 
ATOM   710  C C   . GLU A 1 89  ? -5.297  -15.419 0.549   1.00 17.93 ? 86  GLU A C   1 
ATOM   711  O O   . GLU A 1 89  ? -4.741  -15.197 -0.531  1.00 21.68 ? 86  GLU A O   1 
ATOM   712  C CB  . GLU A 1 89  ? -7.243  -13.876 -0.002  1.00 20.30 ? 86  GLU A CB  1 
ATOM   713  C CG  . GLU A 1 89  ? -8.414  -13.100 0.580   1.00 21.65 ? 86  GLU A CG  1 
ATOM   714  C CD  . GLU A 1 89  ? -9.355  -12.559 -0.480  1.00 23.49 ? 86  GLU A CD  1 
ATOM   715  O OE1 . GLU A 1 89  ? -10.165 -11.672 -0.131  1.00 28.15 ? 86  GLU A OE1 1 
ATOM   716  O OE2 . GLU A 1 89  ? -9.341  -13.005 -1.654  1.00 30.12 ? 86  GLU A OE2 1 
ATOM   717  N N   . GLY A 1 90  ? -4.928  -16.393 1.390   1.00 18.24 ? 87  GLY A N   1 
ATOM   718  C CA  . GLY A 1 90  ? -3.706  -17.142 1.162   1.00 19.51 ? 87  GLY A CA  1 
ATOM   719  C C   . GLY A 1 90  ? -2.489  -16.338 1.620   1.00 18.67 ? 87  GLY A C   1 
ATOM   720  O O   . GLY A 1 90  ? -2.563  -15.189 2.051   1.00 20.59 ? 87  GLY A O   1 
ATOM   721  N N   . ASP A 1 91  ? -1.329  -16.963 1.561   1.00 18.42 ? 88  ASP A N   1 
ATOM   722  C CA  . ASP A 1 91  ? -0.158  -16.423 2.213   1.00 19.11 ? 88  ASP A CA  1 
ATOM   723  C C   . ASP A 1 91  ? 0.349   -15.120 1.571   1.00 19.11 ? 88  ASP A C   1 
ATOM   724  O O   . ASP A 1 91  ? 1.145   -14.407 2.216   1.00 20.10 ? 88  ASP A O   1 
ATOM   725  C CB  . ASP A 1 91  ? 1.067   -17.361 2.186   1.00 22.56 ? 88  ASP A CB  1 
ATOM   726  C CG  . ASP A 1 91  ? 1.003   -18.656 2.940   1.00 25.58 ? 88  ASP A CG  1 
ATOM   727  O OD1 . ASP A 1 91  ? 0.118   -18.732 3.817   1.00 31.86 ? 88  ASP A OD1 1 
ATOM   728  O OD2 . ASP A 1 91  ? 1.819   -19.569 2.671   1.00 31.02 ? 88  ASP A OD2 1 
ATOM   729  N N   . ASN A 1 92  ? -0.044  -14.909 0.325   1.00 17.74 ? 89  ASN A N   1 
ATOM   730  C CA  A ASN A 1 92  ? 0.609   -13.876 -0.474  0.50 17.62 ? 89  ASN A CA  1 
ATOM   731  C CA  B ASN A 1 92  ? 0.596   -13.873 -0.473  0.50 17.65 ? 89  ASN A CA  1 
ATOM   732  C C   . ASN A 1 92  ? -0.349  -12.772 -0.912  1.00 17.20 ? 89  ASN A C   1 
ATOM   733  O O   . ASN A 1 92  ? -0.002  -12.032 -1.861  1.00 17.33 ? 89  ASN A O   1 
ATOM   734  C CB  A ASN A 1 92  ? 1.284   -14.513 -1.686  0.50 19.66 ? 89  ASN A CB  1 
ATOM   735  C CB  B ASN A 1 92  ? 1.232   -14.511 -1.714  0.50 19.54 ? 89  ASN A CB  1 
ATOM   736  C CG  A ASN A 1 92  ? 2.390   -15.507 -1.524  0.50 21.07 ? 89  ASN A CG  1 
ATOM   737  C CG  B ASN A 1 92  ? 2.471   -15.319 -1.436  0.50 20.36 ? 89  ASN A CG  1 
ATOM   738  O OD1 A ASN A 1 92  ? 2.187   -16.740 -1.550  0.50 24.10 ? 89  ASN A OD1 1 
ATOM   739  O OD1 B ASN A 1 92  ? 3.152   -15.120 -0.435  0.50 23.59 ? 89  ASN A OD1 1 
ATOM   740  N ND2 A ASN A 1 92  ? 3.641   -15.037 -1.414  0.50 23.60 ? 89  ASN A ND2 1 
ATOM   741  N ND2 B ASN A 1 92  ? 2.757   -16.243 -2.364  0.50 26.43 ? 89  ASN A ND2 1 
ATOM   742  N N   . LYS A 1 93  ? -1.500  -12.630 -0.275  1.00 16.67 ? 90  LYS A N   1 
ATOM   743  C CA  A LYS A 1 93  ? -2.438  -11.598 -0.737  0.50 16.34 ? 90  LYS A CA  1 
ATOM   744  C CA  B LYS A 1 93  ? -2.459  -11.619 -0.737  0.50 16.27 ? 90  LYS A CA  1 
ATOM   745  C C   . LYS A 1 93  ? -3.148  -10.963 0.442   1.00 15.54 ? 90  LYS A C   1 
ATOM   746  O O   . LYS A 1 93  ? -3.801  -11.646 1.240   1.00 17.68 ? 90  LYS A O   1 
ATOM   747  C CB  A LYS A 1 93  ? -3.417  -12.213 -1.754  0.50 17.59 ? 90  LYS A CB  1 
ATOM   748  C CB  B LYS A 1 93  ? -3.424  -12.321 -1.706  0.50 17.62 ? 90  LYS A CB  1 
ATOM   749  C CG  A LYS A 1 93  ? -4.419  -11.155 -2.241  0.50 18.42 ? 90  LYS A CG  1 
ATOM   750  C CG  B LYS A 1 93  ? -4.435  -11.349 -2.328  0.50 18.76 ? 90  LYS A CG  1 
ATOM   751  C CD  A LYS A 1 93  ? -5.592  -11.799 -2.964  0.50 20.23 ? 90  LYS A CD  1 
ATOM   752  C CD  B LYS A 1 93  ? -5.140  -12.065 -3.476  0.50 20.42 ? 90  LYS A CD  1 
ATOM   753  C CE  A LYS A 1 93  ? -5.203  -12.509 -4.241  0.50 22.01 ? 90  LYS A CE  1 
ATOM   754  C CE  B LYS A 1 93  ? -6.477  -11.437 -3.830  0.50 20.35 ? 90  LYS A CE  1 
ATOM   755  N NZ  A LYS A 1 93  ? -6.424  -12.739 -5.095  0.50 22.67 ? 90  LYS A NZ  1 
ATOM   756  N NZ  B LYS A 1 93  ? -7.009  -12.022 -5.103  0.50 18.22 ? 90  LYS A NZ  1 
ATOM   757  N N   . LEU A 1 94  ? -2.970  -9.635  0.556   1.00 15.20 ? 91  LEU A N   1 
ATOM   758  C CA  . LEU A 1 94  ? -3.639  -8.806  1.581   1.00 16.26 ? 91  LEU A CA  1 
ATOM   759  C C   . LEU A 1 94  ? -4.791  -8.021  0.967   1.00 15.48 ? 91  LEU A C   1 
ATOM   760  O O   . LEU A 1 94  ? -4.565  -7.415  -0.080  1.00 16.54 ? 91  LEU A O   1 
ATOM   761  C CB  . LEU A 1 94  ? -2.625  -7.846  2.199   1.00 16.52 ? 91  LEU A CB  1 
ATOM   762  C CG  . LEU A 1 94  ? -1.539  -8.527  3.065   1.00 16.51 ? 91  LEU A CG  1 
ATOM   763  C CD1 . LEU A 1 94  ? -0.327  -7.614  3.187   1.00 18.66 ? 91  LEU A CD1 1 
ATOM   764  C CD2 . LEU A 1 94  ? -2.110  -8.937  4.434   1.00 15.69 ? 91  LEU A CD2 1 
ATOM   765  N N   . VAL A 1 95  ? -5.949  -8.019  1.615   1.00 15.81 ? 92  VAL A N   1 
ATOM   766  C CA  . VAL A 1 95  ? -7.145  -7.401  1.094   1.00 17.10 ? 92  VAL A CA  1 
ATOM   767  C C   . VAL A 1 95  ? -7.815  -6.557  2.165   1.00 16.48 ? 92  VAL A C   1 
ATOM   768  O O   . VAL A 1 95  ? -8.025  -7.041  3.277   1.00 16.80 ? 92  VAL A O   1 
ATOM   769  C CB  . VAL A 1 95  ? -8.140  -8.451  0.564   1.00 18.11 ? 92  VAL A CB  1 
ATOM   770  C CG1 . VAL A 1 95  ? -9.415  -7.819  0.042   1.00 18.81 ? 92  VAL A CG1 1 
ATOM   771  C CG2 . VAL A 1 95  ? -7.449  -9.296  -0.521  1.00 17.50 ? 92  VAL A CG2 1 
ATOM   772  N N   . THR A 1 96  ? -8.153  -5.341  1.790   1.00 17.29 ? 93  THR A N   1 
ATOM   773  C CA  . THR A 1 96  ? -8.875  -4.494  2.753   1.00 17.88 ? 93  THR A CA  1 
ATOM   774  C C   . THR A 1 96  ? -9.708  -3.487  1.975   1.00 16.78 ? 93  THR A C   1 
ATOM   775  O O   . THR A 1 96  ? -9.487  -3.296  0.791   1.00 18.87 ? 93  THR A O   1 
ATOM   776  C CB  . THR A 1 96  ? -7.926  -3.790  3.732   1.00 19.62 ? 93  THR A CB  1 
ATOM   777  O OG1 . THR A 1 96  ? -8.685  -3.205  4.773   1.00 21.04 ? 93  THR A OG1 1 
ATOM   778  C CG2 . THR A 1 96  ? -7.161  -2.654  3.065   1.00 19.77 ? 93  THR A CG2 1 
ATOM   779  N N   . THR A 1 97  ? -10.619 -2.818  2.650   1.00 20.04 ? 94  THR A N   1 
ATOM   780  C CA  A THR A 1 97  ? -11.493 -1.781  2.096   0.50 20.96 ? 94  THR A CA  1 
ATOM   781  C CA  B THR A 1 97  ? -11.432 -1.752  2.068   0.50 21.02 ? 94  THR A CA  1 
ATOM   782  C C   . THR A 1 97  ? -11.504 -0.594  3.053   1.00 21.04 ? 94  THR A C   1 
ATOM   783  O O   . THR A 1 97  ? -11.583 -0.787  4.271   1.00 30.96 ? 94  THR A O   1 
ATOM   784  C CB  A THR A 1 97  ? -12.908 -2.339  1.853   0.50 22.59 ? 94  THR A CB  1 
ATOM   785  C CB  B THR A 1 97  ? -12.881 -2.142  1.735   0.50 21.93 ? 94  THR A CB  1 
ATOM   786  O OG1 A THR A 1 97  ? -12.913 -3.220  0.702   0.50 21.78 ? 94  THR A OG1 1 
ATOM   787  O OG1 B THR A 1 97  ? -13.424 -1.241  0.759   0.50 24.91 ? 94  THR A OG1 1 
ATOM   788  C CG2 A THR A 1 97  ? -13.923 -1.241  1.580   0.50 24.12 ? 94  THR A CG2 1 
ATOM   789  C CG2 B THR A 1 97  ? -13.728 -2.037  3.000   0.50 24.48 ? 94  THR A CG2 1 
ATOM   790  N N   . PHE A 1 98  ? -11.430 0.637   2.579   1.00 20.56 ? 95  PHE A N   1 
ATOM   791  C CA  . PHE A 1 98  ? -11.587 1.831   3.432   1.00 22.19 ? 95  PHE A CA  1 
ATOM   792  C C   . PHE A 1 98  ? -12.046 2.951   2.508   1.00 20.18 ? 95  PHE A C   1 
ATOM   793  O O   . PHE A 1 98  ? -11.575 3.026   1.370   1.00 20.73 ? 95  PHE A O   1 
ATOM   794  C CB  . PHE A 1 98  ? -10.303 2.163   4.177   1.00 23.96 ? 95  PHE A CB  1 
ATOM   795  C CG  . PHE A 1 98  ? -9.063  2.290   3.306   1.00 26.11 ? 95  PHE A CG  1 
ATOM   796  C CD1 . PHE A 1 98  ? -8.796  3.482   2.659   1.00 26.25 ? 95  PHE A CD1 1 
ATOM   797  C CD2 . PHE A 1 98  ? -8.208  1.212   3.151   1.00 27.20 ? 95  PHE A CD2 1 
ATOM   798  C CE1 . PHE A 1 98  ? -7.682  3.611   1.851   1.00 27.89 ? 95  PHE A CE1 1 
ATOM   799  C CE2 . PHE A 1 98  ? -7.072  1.334   2.365   1.00 29.18 ? 95  PHE A CE2 1 
ATOM   800  C CZ  . PHE A 1 98  ? -6.802  2.541   1.732   1.00 30.05 ? 95  PHE A CZ  1 
ATOM   801  N N   . LYS A 1 99  ? -12.951 3.801   2.984   1.00 20.13 ? 96  LYS A N   1 
ATOM   802  C CA  . LYS A 1 99  ? -13.421 4.915   2.174   1.00 21.03 ? 96  LYS A CA  1 
ATOM   803  C C   . LYS A 1 99  ? -13.891 4.475   0.788   1.00 19.83 ? 96  LYS A C   1 
ATOM   804  O O   . LYS A 1 99  ? -13.773 5.214   -0.191  1.00 21.92 ? 96  LYS A O   1 
ATOM   805  C CB  . LYS A 1 99  ? -12.327 5.977   2.065   1.00 23.25 ? 96  LYS A CB  1 
ATOM   806  C CG  . LYS A 1 99  ? -11.880 6.535   3.387   1.00 24.71 ? 96  LYS A CG  1 
ATOM   807  C CD  . LYS A 1 99  ? -12.985 7.171   4.198   1.00 28.46 ? 96  LYS A CD  1 
ATOM   808  C CE  . LYS A 1 99  ? -13.485 8.490   3.643   1.00 28.46 ? 96  LYS A CE  1 
ATOM   809  N NZ  . LYS A 1 99  ? -12.423 9.541   3.458   1.00 34.72 ? 96  LYS A NZ  1 
ATOM   810  N N   . ASN A 1 100 ? -14.418 3.270   0.701   1.00 19.70 ? 97  ASN A N   1 
ATOM   811  C CA  . ASN A 1 100 ? -15.046 2.718   -0.509  1.00 19.02 ? 97  ASN A CA  1 
ATOM   812  C C   . ASN A 1 100 ? -13.985 2.297   -1.533  1.00 18.86 ? 97  ASN A C   1 
ATOM   813  O O   . ASN A 1 100 ? -14.273 1.946   -2.668  1.00 24.68 ? 97  ASN A O   1 
ATOM   814  C CB  . ASN A 1 100 ? -16.059 3.659   -1.194  1.00 20.96 ? 97  ASN A CB  1 
ATOM   815  C CG  . ASN A 1 100 ? -17.266 3.938   -0.313  1.00 21.28 ? 97  ASN A CG  1 
ATOM   816  O OD1 . ASN A 1 100 ? -17.789 5.062   -0.207  1.00 26.07 ? 97  ASN A OD1 1 
ATOM   817  N ND2 . ASN A 1 100 ? -17.647 2.862   0.385   1.00 22.58 ? 97  ASN A ND2 1 
ATOM   818  N N   . ILE A 1 101 ? -12.736 2.300   -1.071  1.00 19.00 ? 98  ILE A N   1 
ATOM   819  C CA  . ILE A 1 101 ? -11.607 1.869   -1.863  1.00 19.02 ? 98  ILE A CA  1 
ATOM   820  C C   . ILE A 1 101 ? -11.309 0.409   -1.517  1.00 18.29 ? 98  ILE A C   1 
ATOM   821  O O   . ILE A 1 101 ? -11.177 0.043   -0.348  1.00 21.00 ? 98  ILE A O   1 
ATOM   822  C CB  . ILE A 1 101 ? -10.361 2.715   -1.558  1.00 19.50 ? 98  ILE A CB  1 
ATOM   823  C CG1 . ILE A 1 101 ? -10.593 4.215   -1.753  1.00 20.85 ? 98  ILE A CG1 1 
ATOM   824  C CG2 . ILE A 1 101 ? -9.184  2.157   -2.361  1.00 23.00 ? 98  ILE A CG2 1 
ATOM   825  C CD1 . ILE A 1 101 ? -9.569  5.116   -1.071  1.00 23.98 ? 98  ILE A CD1 1 
ATOM   826  N N   . LYS A 1 102 ? -11.157 -0.415  -2.564  1.00 18.41 ? 99  LYS A N   1 
ATOM   827  C CA  . LYS A 1 102 ? -10.746 -1.791  -2.318  1.00 19.37 ? 99  LYS A CA  1 
ATOM   828  C C   . LYS A 1 102 ? -9.249  -1.896  -2.605  1.00 19.00 ? 99  LYS A C   1 
ATOM   829  O O   . LYS A 1 102 ? -8.835  -1.549  -3.726  1.00 22.01 ? 99  LYS A O   1 
ATOM   830  C CB  . LYS A 1 102 ? -11.468 -2.838  -3.167  1.00 21.36 ? 99  LYS A CB  1 
ATOM   831  C CG  . LYS A 1 102 ? -10.900 -4.229  -2.948  1.00 23.57 ? 99  LYS A CG  1 
ATOM   832  C CD  . LYS A 1 102 ? -11.657 -5.318  -3.678  1.00 28.72 ? 99  LYS A CD  1 
ATOM   833  C CE  . LYS A 1 102 ? -11.381 -6.686  -3.068  1.00 31.09 ? 99  LYS A CE  1 
ATOM   834  N NZ  . LYS A 1 102 ? -12.038 -7.834  -3.717  1.00 40.28 ? 99  LYS A NZ  1 
ATOM   835  N N   . SER A 1 103 ? -8.479  -2.364  -1.637  1.00 18.69 ? 100 SER A N   1 
ATOM   836  C CA  . SER A 1 103 ? -7.039  -2.451  -1.839  1.00 18.68 ? 100 SER A CA  1 
ATOM   837  C C   . SER A 1 103 ? -6.598  -3.901  -1.787  1.00 17.60 ? 100 SER A C   1 
ATOM   838  O O   . SER A 1 103 ? -6.903  -4.586  -0.784  1.00 18.92 ? 100 SER A O   1 
ATOM   839  C CB  . SER A 1 103 ? -6.319  -1.599  -0.771  1.00 20.33 ? 100 SER A CB  1 
ATOM   840  O OG  . SER A 1 103 ? -4.905  -1.712  -0.936  1.00 22.99 ? 100 SER A OG  1 
ATOM   841  N N   . VAL A 1 104 ? -5.896  -4.337  -2.833  1.00 16.54 ? 101 VAL A N   1 
ATOM   842  C CA  . VAL A 1 104 ? -5.344  -5.695  -2.863  1.00 17.85 ? 101 VAL A CA  1 
ATOM   843  C C   . VAL A 1 104 ? -3.860  -5.636  -3.093  1.00 16.85 ? 101 VAL A C   1 
ATOM   844  O O   . VAL A 1 104 ? -3.433  -5.060  -4.071  1.00 21.42 ? 101 VAL A O   1 
ATOM   845  C CB  . VAL A 1 104 ? -5.997  -6.505  -4.010  1.00 18.28 ? 101 VAL A CB  1 
ATOM   846  C CG1 . VAL A 1 104 ? -5.437  -7.905  -4.110  1.00 18.84 ? 101 VAL A CG1 1 
ATOM   847  C CG2 . VAL A 1 104 ? -7.506  -6.539  -3.807  1.00 21.00 ? 101 VAL A CG2 1 
ATOM   848  N N   . THR A 1 105 ? -3.090  -6.250  -2.199  1.00 17.15 ? 102 THR A N   1 
ATOM   849  C CA  . THR A 1 105 ? -1.641  -6.291  -2.253  1.00 17.77 ? 102 THR A CA  1 
ATOM   850  C C   . THR A 1 105 ? -1.209  -7.722  -2.439  1.00 16.98 ? 102 THR A C   1 
ATOM   851  O O   . THR A 1 105 ? -1.522  -8.527  -1.567  1.00 20.43 ? 102 THR A O   1 
ATOM   852  C CB  . THR A 1 105 ? -1.031  -5.784  -0.929  1.00 19.31 ? 102 THR A CB  1 
ATOM   853  O OG1 . THR A 1 105 ? -1.578  -4.491  -0.650  1.00 21.11 ? 102 THR A OG1 1 
ATOM   854  C CG2 . THR A 1 105 ? 0.455   -5.601  -1.058  1.00 19.71 ? 102 THR A CG2 1 
ATOM   855  N N   . GLU A 1 106 ? -0.572  -8.047  -3.556  1.00 18.34 ? 103 GLU A N   1 
ATOM   856  C CA  . GLU A 1 106 ? -0.244  -9.448  -3.850  1.00 17.44 ? 103 GLU A CA  1 
ATOM   857  C C   . GLU A 1 106 ? 1.236   -9.596  -4.147  1.00 17.07 ? 103 GLU A C   1 
ATOM   858  O O   . GLU A 1 106 ? 1.751   -8.842  -4.967  1.00 17.87 ? 103 GLU A O   1 
ATOM   859  C CB  . GLU A 1 106 ? -1.081  -9.951  -5.010  1.00 20.65 ? 103 GLU A CB  1 
ATOM   860  C CG  . GLU A 1 106 ? -0.847  -11.416 -5.389  1.00 25.12 ? 103 GLU A CG  1 
ATOM   861  C CD  . GLU A 1 106 ? -2.080  -11.882 -6.183  1.00 29.51 ? 103 GLU A CD  1 
ATOM   862  O OE1 . GLU A 1 106 ? -2.724  -11.013 -6.811  1.00 35.21 ? 103 GLU A OE1 1 
ATOM   863  O OE2 . GLU A 1 106 ? -2.378  -13.082 -6.139  1.00 35.13 ? 103 GLU A OE2 1 
ATOM   864  N N   . LEU A 1 107 ? 1.874   -10.548 -3.497  1.00 16.83 ? 104 LEU A N   1 
ATOM   865  C CA  . LEU A 1 107 ? 3.284   -10.814 -3.711  1.00 17.50 ? 104 LEU A CA  1 
ATOM   866  C C   . LEU A 1 107 ? 3.481   -12.064 -4.573  1.00 18.04 ? 104 LEU A C   1 
ATOM   867  O O   . LEU A 1 107 ? 2.913   -13.114 -4.242  1.00 22.33 ? 104 LEU A O   1 
ATOM   868  C CB  . LEU A 1 107 ? 3.963   -11.046 -2.354  1.00 18.55 ? 104 LEU A CB  1 
ATOM   869  C CG  . LEU A 1 107 ? 5.460   -11.379 -2.430  1.00 18.43 ? 104 LEU A CG  1 
ATOM   870  C CD1 . LEU A 1 107 ? 6.311   -10.278 -3.064  1.00 19.29 ? 104 LEU A CD1 1 
ATOM   871  C CD2 . LEU A 1 107 ? 5.999   -11.733 -1.037  1.00 21.40 ? 104 LEU A CD2 1 
ATOM   872  N N   . ASN A 1 108 ? 4.288   -11.902 -5.607  1.00 19.24 ? 105 ASN A N   1 
ATOM   873  C CA  A ASN A 1 108 ? 4.617   -13.009 -6.516  0.50 21.18 ? 105 ASN A CA  1 
ATOM   874  C CA  B ASN A 1 108 ? 4.620   -13.002 -6.512  0.50 21.19 ? 105 ASN A CA  1 
ATOM   875  C C   . ASN A 1 108 ? 6.136   -13.041 -6.622  1.00 19.74 ? 105 ASN A C   1 
ATOM   876  O O   . ASN A 1 108 ? 6.690   -12.296 -7.434  1.00 20.30 ? 105 ASN A O   1 
ATOM   877  C CB  A ASN A 1 108 ? 3.878   -12.785 -7.822  0.50 22.88 ? 105 ASN A CB  1 
ATOM   878  C CB  B ASN A 1 108 ? 3.941   -12.803 -7.860  0.50 22.65 ? 105 ASN A CB  1 
ATOM   879  C CG  A ASN A 1 108 ? 2.372   -12.764 -7.674  0.50 23.83 ? 105 ASN A CG  1 
ATOM   880  C CG  B ASN A 1 108 ? 4.123   -14.055 -8.712  0.50 23.93 ? 105 ASN A CG  1 
ATOM   881  O OD1 A ASN A 1 108 ? 1.697   -13.781 -7.458  0.50 32.13 ? 105 ASN A OD1 1 
ATOM   882  O OD1 B ASN A 1 108 ? 4.750   -15.007 -8.241  0.50 29.53 ? 105 ASN A OD1 1 
ATOM   883  N ND2 A ASN A 1 108 ? 1.786   -11.577 -7.817  0.50 23.64 ? 105 ASN A ND2 1 
ATOM   884  N ND2 B ASN A 1 108 ? 3.587   -14.005 -9.915  0.50 27.73 ? 105 ASN A ND2 1 
ATOM   885  N N   . GLY A 1 109 ? 6.779   -13.858 -5.752  1.00 20.53 ? 106 GLY A N   1 
ATOM   886  C CA  . GLY A 1 109 ? 8.242   -13.901 -5.712  1.00 19.89 ? 106 GLY A CA  1 
ATOM   887  C C   . GLY A 1 109 ? 8.832   -12.623 -5.144  1.00 20.18 ? 106 GLY A C   1 
ATOM   888  O O   . GLY A 1 109 ? 8.813   -12.409 -3.913  1.00 20.51 ? 106 GLY A O   1 
ATOM   889  N N   . ASP A 1 110 ? 9.367   -11.778 -6.018  1.00 18.29 ? 107 ASP A N   1 
ATOM   890  C CA  . ASP A 1 110 ? 9.948   -10.506 -5.651  1.00 17.13 ? 107 ASP A CA  1 
ATOM   891  C C   . ASP A 1 110 ? 9.138   -9.294  -6.118  1.00 16.31 ? 107 ASP A C   1 
ATOM   892  O O   . ASP A 1 110 ? 9.588   -8.188  -5.972  1.00 18.20 ? 107 ASP A O   1 
ATOM   893  C CB  . ASP A 1 110 ? 11.348  -10.417 -6.280  1.00 17.77 ? 107 ASP A CB  1 
ATOM   894  C CG  . ASP A 1 110 ? 12.250  -11.546 -5.794  1.00 18.49 ? 107 ASP A CG  1 
ATOM   895  O OD1 . ASP A 1 110 ? 12.169  -11.912 -4.608  1.00 19.72 ? 107 ASP A OD1 1 
ATOM   896  O OD2 . ASP A 1 110 ? 13.048  -12.054 -6.610  1.00 18.87 ? 107 ASP A OD2 1 
ATOM   897  N N   . ILE A 1 111 ? 7.978   -9.582  -6.725  1.00 16.41 ? 108 ILE A N   1 
ATOM   898  C CA  . ILE A 1 111 ? 7.173   -8.499  -7.277  1.00 15.85 ? 108 ILE A CA  1 
ATOM   899  C C   . ILE A 1 111 ? 5.891   -8.359  -6.470  1.00 16.06 ? 108 ILE A C   1 
ATOM   900  O O   . ILE A 1 111 ? 5.146   -9.324  -6.272  1.00 18.73 ? 108 ILE A O   1 
ATOM   901  C CB  . ILE A 1 111 ? 6.811   -8.771  -8.749  1.00 18.38 ? 108 ILE A CB  1 
ATOM   902  C CG1 . ILE A 1 111 ? 8.041   -8.978  -9.649  1.00 20.56 ? 108 ILE A CG1 1 
ATOM   903  C CG2 . ILE A 1 111 ? 5.907   -7.687  -9.330  1.00 19.59 ? 108 ILE A CG2 1 
ATOM   904  C CD1 . ILE A 1 111 ? 8.882   -7.706  -9.700  1.00 22.58 ? 108 ILE A CD1 1 
ATOM   905  N N   . ILE A 1 112 ? 5.644   -7.126  -6.004  1.00 16.05 ? 109 ILE A N   1 
ATOM   906  C CA  A ILE A 1 112 ? 4.380   -6.863  -5.342  0.50 16.97 ? 109 ILE A CA  1 
ATOM   907  C CA  B ILE A 1 112 ? 4.370   -6.882  -5.344  0.50 16.96 ? 109 ILE A CA  1 
ATOM   908  C C   . ILE A 1 112 ? 3.504   -6.009  -6.247  1.00 17.00 ? 109 ILE A C   1 
ATOM   909  O O   . ILE A 1 112 ? 3.965   -4.973  -6.722  1.00 21.84 ? 109 ILE A O   1 
ATOM   910  C CB  A ILE A 1 112 ? 4.580   -6.084  -4.035  0.50 18.86 ? 109 ILE A CB  1 
ATOM   911  C CB  B ILE A 1 112 ? 4.509   -6.166  -3.994  0.50 19.36 ? 109 ILE A CB  1 
ATOM   912  C CG1 A ILE A 1 112 ? 5.351   -6.866  -2.988  0.50 18.39 ? 109 ILE A CG1 1 
ATOM   913  C CG1 B ILE A 1 112 ? 5.719   -5.251  -3.837  0.50 20.39 ? 109 ILE A CG1 1 
ATOM   914  C CG2 A ILE A 1 112 ? 3.232   -5.611  -3.508  0.50 19.08 ? 109 ILE A CG2 1 
ATOM   915  C CG2 B ILE A 1 112 ? 4.480   -7.197  -2.885  0.50 22.38 ? 109 ILE A CG2 1 
ATOM   916  C CD1 A ILE A 1 112 ? 5.170   -6.360  -1.574  0.50 24.97 ? 109 ILE A CD1 1 
ATOM   917  C CD1 B ILE A 1 112 ? 5.749   -4.482  -2.532  0.50 26.50 ? 109 ILE A CD1 1 
ATOM   918  N N   . THR A 1 113 ? 2.267   -6.414  -6.446  1.00 17.83 ? 110 THR A N   1 
ATOM   919  C CA  . THR A 1 113 ? 1.297   -5.656  -7.218  1.00 18.68 ? 110 THR A CA  1 
ATOM   920  C C   . THR A 1 113 ? 0.229   -5.184  -6.242  1.00 19.06 ? 110 THR A C   1 
ATOM   921  O O   . THR A 1 113 ? -0.412  -5.999  -5.551  1.00 21.46 ? 110 THR A O   1 
ATOM   922  C CB  . THR A 1 113 ? 0.687   -6.524  -8.336  1.00 20.51 ? 110 THR A CB  1 
ATOM   923  O OG1 . THR A 1 113 ? 1.774   -7.026  -9.133  1.00 21.85 ? 110 THR A OG1 1 
ATOM   924  C CG2 . THR A 1 113 ? -0.256  -5.768  -9.255  1.00 21.10 ? 110 THR A CG2 1 
ATOM   925  N N   . ASN A 1 114 ? 0.045   -3.872  -6.212  1.00 17.87 ? 111 ASN A N   1 
ATOM   926  C CA  . ASN A 1 114 ? -0.998  -3.285  -5.392  1.00 17.89 ? 111 ASN A CA  1 
ATOM   927  C C   . ASN A 1 114 ? -2.064  -2.689  -6.288  1.00 17.58 ? 111 ASN A C   1 
ATOM   928  O O   . ASN A 1 114 ? -1.743  -1.840  -7.120  1.00 20.96 ? 111 ASN A O   1 
ATOM   929  C CB  . ASN A 1 114 ? -0.407  -2.211  -4.490  1.00 20.97 ? 111 ASN A CB  1 
ATOM   930  C CG  . ASN A 1 114 ? -1.409  -1.886  -3.382  1.00 24.82 ? 111 ASN A CG  1 
ATOM   931  O OD1 . ASN A 1 114 ? -2.261  -1.017  -3.428  1.00 32.14 ? 111 ASN A OD1 1 
ATOM   932  N ND2 . ASN A 1 114 ? -1.290  -2.676  -2.319  1.00 29.47 ? 111 ASN A ND2 1 
ATOM   933  N N   . THR A 1 115 ? -3.293  -3.137  -6.080  1.00 18.03 ? 112 THR A N   1 
ATOM   934  C CA  . THR A 1 115 ? -4.403  -2.574  -6.856  1.00 18.42 ? 112 THR A CA  1 
ATOM   935  C C   . THR A 1 115 ? -5.402  -1.905  -5.932  1.00 18.37 ? 112 THR A C   1 
ATOM   936  O O   . THR A 1 115 ? -5.917  -2.563  -5.031  1.00 20.62 ? 112 THR A O   1 
ATOM   937  C CB  . THR A 1 115 ? -5.054  -3.719  -7.657  1.00 21.39 ? 112 THR A CB  1 
ATOM   938  O OG1 . THR A 1 115 ? -4.003  -4.454  -8.344  1.00 21.03 ? 112 THR A OG1 1 
ATOM   939  C CG2 . THR A 1 115 ? -5.992  -3.182  -8.718  1.00 23.34 ? 112 THR A CG2 1 
ATOM   940  N N   . MET A 1 116 ? -5.671  -0.629  -6.156  1.00 17.77 ? 113 MET A N   1 
ATOM   941  C CA  A MET A 1 116 ? -6.655  0.133   -5.411  0.50 17.68 ? 113 MET A CA  1 
ATOM   942  C CA  B MET A 1 116 ? -6.678  0.096   -5.391  0.50 17.70 ? 113 MET A CA  1 
ATOM   943  C C   . MET A 1 116 ? -7.779  0.577   -6.336  1.00 18.10 ? 113 MET A C   1 
ATOM   944  O O   . MET A 1 116 ? -7.497  1.263   -7.296  1.00 22.71 ? 113 MET A O   1 
ATOM   945  C CB  A MET A 1 116 ? -6.040  1.371   -4.756  0.50 17.88 ? 113 MET A CB  1 
ATOM   946  C CB  B MET A 1 116 ? -6.056  1.250   -4.607  0.50 18.08 ? 113 MET A CB  1 
ATOM   947  C CG  A MET A 1 116 ? -5.382  1.058   -3.419  0.50 18.97 ? 113 MET A CG  1 
ATOM   948  C CG  B MET A 1 116 ? -4.953  0.807   -3.642  0.50 18.17 ? 113 MET A CG  1 
ATOM   949  S SD  A MET A 1 116 ? -4.895  2.563   -2.543  0.50 22.75 ? 113 MET A SD  1 
ATOM   950  S SD  B MET A 1 116 ? -4.090  2.242   -2.950  0.50 21.30 ? 113 MET A SD  1 
ATOM   951  C CE  A MET A 1 116 ? -3.991  1.835   -1.177  0.50 27.19 ? 113 MET A CE  1 
ATOM   952  C CE  B MET A 1 116 ? -5.248  2.748   -1.685  0.50 24.90 ? 113 MET A CE  1 
ATOM   953  N N   . THR A 1 117 ? -8.983  0.137   -6.024  1.00 17.72 ? 114 THR A N   1 
ATOM   954  C CA  A THR A 1 117 ? -10.124 0.462   -6.901  0.50 17.02 ? 114 THR A CA  1 
ATOM   955  C CA  B THR A 1 117 ? -10.145 0.423   -6.864  0.50 17.01 ? 114 THR A CA  1 
ATOM   956  C C   . THR A 1 117 ? -11.108 1.364   -6.173  1.00 17.50 ? 114 THR A C   1 
ATOM   957  O O   . THR A 1 117 ? -11.594 1.034   -5.089  1.00 19.82 ? 114 THR A O   1 
ATOM   958  C CB  A THR A 1 117 ? -10.850 -0.783  -7.424  0.50 17.73 ? 114 THR A CB  1 
ATOM   959  C CB  B THR A 1 117 ? -10.839 -0.912  -7.172  0.50 16.71 ? 114 THR A CB  1 
ATOM   960  O OG1 A THR A 1 117 ? -11.716 -0.421  -8.522  0.50 23.73 ? 114 THR A OG1 1 
ATOM   961  O OG1 B THR A 1 117 ? -9.919  -1.728  -7.923  0.50 13.31 ? 114 THR A OG1 1 
ATOM   962  C CG2 A THR A 1 117 ? -11.757 -1.436  -6.383  0.50 22.12 ? 114 THR A CG2 1 
ATOM   963  C CG2 B THR A 1 117 ? -12.101 -0.716  -8.004  0.50 16.57 ? 114 THR A CG2 1 
ATOM   964  N N   . LEU A 1 118 ? -11.398 2.499   -6.803  1.00 18.18 ? 115 LEU A N   1 
ATOM   965  C CA  . LEU A 1 118 ? -12.399 3.445   -6.311  1.00 17.49 ? 115 LEU A CA  1 
ATOM   966  C C   . LEU A 1 118 ? -13.379 3.665   -7.469  1.00 17.67 ? 115 LEU A C   1 
ATOM   967  O O   . LEU A 1 118 ? -13.028 4.368   -8.404  1.00 21.07 ? 115 LEU A O   1 
ATOM   968  C CB  . LEU A 1 118 ? -11.800 4.764   -5.836  1.00 18.90 ? 115 LEU A CB  1 
ATOM   969  C CG  . LEU A 1 118 ? -12.863 5.789   -5.359  1.00 20.45 ? 115 LEU A CG  1 
ATOM   970  C CD1 . LEU A 1 118 ? -13.790 5.210   -4.322  1.00 22.81 ? 115 LEU A CD1 1 
ATOM   971  C CD2 . LEU A 1 118 ? -12.166 7.050   -4.856  1.00 28.29 ? 115 LEU A CD2 1 
ATOM   972  N N   . GLY A 1 119 ? -14.542 3.016   -7.435  1.00 17.89 ? 116 GLY A N   1 
ATOM   973  C CA  . GLY A 1 119 ? -15.440 3.135   -8.573  1.00 17.45 ? 116 GLY A CA  1 
ATOM   974  C C   . GLY A 1 119 ? -14.730 2.609   -9.811  1.00 18.04 ? 116 GLY A C   1 
ATOM   975  O O   . GLY A 1 119 ? -14.096 1.533   -9.764  1.00 19.27 ? 116 GLY A O   1 
ATOM   976  N N   . ASP A 1 120 ? -14.831 3.378   -10.913 1.00 19.63 ? 117 ASP A N   1 
ATOM   977  C CA  . ASP A 1 120 ? -14.218 2.861   -12.119 1.00 19.93 ? 117 ASP A CA  1 
ATOM   978  C C   . ASP A 1 120 ? -12.707 3.112   -12.178 1.00 21.92 ? 117 ASP A C   1 
ATOM   979  O O   . ASP A 1 120 ? -12.056 2.630   -13.120 1.00 23.86 ? 117 ASP A O   1 
ATOM   980  C CB  . ASP A 1 120 ? -14.816 3.510   -13.365 1.00 21.14 ? 117 ASP A CB  1 
ATOM   981  C CG  . ASP A 1 120 ? -16.224 3.066   -13.737 1.00 20.32 ? 117 ASP A CG  1 
ATOM   982  O OD1 . ASP A 1 120 ? -16.703 2.170   -13.047 1.00 25.94 ? 117 ASP A OD1 1 
ATOM   983  O OD2 . ASP A 1 120 ? -16.835 3.654   -14.656 1.00 26.92 ? 117 ASP A OD2 1 
ATOM   984  N N   . ILE A 1 121 ? -12.148 3.825   -11.200 1.00 21.38 ? 118 ILE A N   1 
ATOM   985  C CA  . ILE A 1 121 ? -10.699 4.109   -11.234 1.00 21.43 ? 118 ILE A CA  1 
ATOM   986  C C   . ILE A 1 121 ? -9.916  2.966   -10.588 1.00 20.76 ? 118 ILE A C   1 
ATOM   987  O O   . ILE A 1 121 ? -10.145 2.620   -9.413  1.00 20.33 ? 118 ILE A O   1 
ATOM   988  C CB  . ILE A 1 121 ? -10.348 5.436   -10.528 1.00 23.52 ? 118 ILE A CB  1 
ATOM   989  C CG1 . ILE A 1 121 ? -11.065 6.681   -11.069 1.00 26.12 ? 118 ILE A CG1 1 
ATOM   990  C CG2 . ILE A 1 121 ? -8.825  5.647   -10.540 1.00 25.73 ? 118 ILE A CG2 1 
ATOM   991  C CD1 . ILE A 1 121 ? -10.962 7.897   -10.172 1.00 25.10 ? 118 ILE A CD1 1 
ATOM   992  N N   . VAL A 1 122 ? -8.995  2.376   -11.335 1.00 21.79 ? 119 VAL A N   1 
ATOM   993  C CA  . VAL A 1 122 ? -8.115  1.309   -10.854 1.00 22.89 ? 119 VAL A CA  1 
ATOM   994  C C   . VAL A 1 122 ? -6.671  1.807   -10.836 1.00 22.69 ? 119 VAL A C   1 
ATOM   995  O O   . VAL A 1 122 ? -6.028  1.930   -11.865 1.00 26.27 ? 119 VAL A O   1 
ATOM   996  C CB  . VAL A 1 122 ? -8.233  0.035   -11.701 1.00 22.97 ? 119 VAL A CB  1 
ATOM   997  C CG1 . VAL A 1 122 ? -7.392  -1.120  -11.167 1.00 27.00 ? 119 VAL A CG1 1 
ATOM   998  C CG2 . VAL A 1 122 ? -9.703  -0.402  -11.697 1.00 26.57 ? 119 VAL A CG2 1 
ATOM   999  N N   . PHE A 1 123 ? -6.203  2.078   -9.615  1.00 21.76 ? 120 PHE A N   1 
ATOM   1000 C CA  . PHE A 1 123 ? -4.845  2.581   -9.417  1.00 20.88 ? 120 PHE A CA  1 
ATOM   1001 C C   . PHE A 1 123 ? -3.956  1.384   -9.140  1.00 19.33 ? 120 PHE A C   1 
ATOM   1002 O O   . PHE A 1 123 ? -4.049  0.720   -8.108  1.00 21.02 ? 120 PHE A O   1 
ATOM   1003 C CB  . PHE A 1 123 ? -4.858  3.585   -8.274  1.00 21.11 ? 120 PHE A CB  1 
ATOM   1004 C CG  . PHE A 1 123 ? -3.522  4.009   -7.692  1.00 19.93 ? 120 PHE A CG  1 
ATOM   1005 C CD1 . PHE A 1 123 ? -3.359  4.168   -6.326  1.00 20.76 ? 120 PHE A CD1 1 
ATOM   1006 C CD2 . PHE A 1 123 ? -2.439  4.240   -8.535  1.00 21.06 ? 120 PHE A CD2 1 
ATOM   1007 C CE1 . PHE A 1 123 ? -2.128  4.554   -5.789  1.00 22.04 ? 120 PHE A CE1 1 
ATOM   1008 C CE2 . PHE A 1 123 ? -1.240  4.661   -8.008  1.00 21.01 ? 120 PHE A CE2 1 
ATOM   1009 C CZ  . PHE A 1 123 ? -1.099  4.832   -6.639  1.00 22.83 ? 120 PHE A CZ  1 
ATOM   1010 N N   . LYS A 1 124 ? -3.059  1.042   -10.042 1.00 19.88 ? 121 LYS A N   1 
ATOM   1011 C CA  . LYS A 1 124 ? -2.219  -0.150  -9.934  1.00 19.15 ? 121 LYS A CA  1 
ATOM   1012 C C   . LYS A 1 124 ? -0.742  0.210   -9.813  1.00 19.03 ? 121 LYS A C   1 
ATOM   1013 O O   . LYS A 1 124 ? -0.246  1.009   -10.613 1.00 21.85 ? 121 LYS A O   1 
ATOM   1014 C CB  . LYS A 1 124 ? -2.441  -1.015  -11.153 1.00 22.14 ? 121 LYS A CB  1 
ATOM   1015 C CG  . LYS A 1 124 ? -1.760  -2.376  -11.102 1.00 26.72 ? 121 LYS A CG  1 
ATOM   1016 C CD  . LYS A 1 124 ? -2.347  -3.185  -12.256 1.00 31.41 ? 121 LYS A CD  1 
ATOM   1017 C CE  . LYS A 1 124 ? -1.251  -3.977  -12.910 1.00 33.11 ? 121 LYS A CE  1 
ATOM   1018 N NZ  . LYS A 1 124 ? -0.384  -3.214  -13.834 1.00 37.46 ? 121 LYS A NZ  1 
ATOM   1019 N N   . ARG A 1 125 ? -0.061  -0.382  -8.829  1.00 16.61 ? 122 ARG A N   1 
ATOM   1020 C CA  . ARG A 1 125 ? 1.337   -0.116  -8.568  1.00 15.74 ? 122 ARG A CA  1 
ATOM   1021 C C   . ARG A 1 125 ? 2.096   -1.441  -8.622  1.00 16.01 ? 122 ARG A C   1 
ATOM   1022 O O   . ARG A 1 125 ? 1.641   -2.421  -8.035  1.00 19.57 ? 122 ARG A O   1 
ATOM   1023 C CB  . ARG A 1 125 ? 1.506   0.513   -7.182  1.00 17.65 ? 122 ARG A CB  1 
ATOM   1024 C CG  . ARG A 1 125 ? 0.975   1.929   -7.035  1.00 20.19 ? 122 ARG A CG  1 
ATOM   1025 C CD  . ARG A 1 125 ? 0.898   2.306   -5.547  1.00 22.16 ? 122 ARG A CD  1 
ATOM   1026 N NE  . ARG A 1 125 ? 2.115   2.039   -4.771  1.00 23.19 ? 122 ARG A NE  1 
ATOM   1027 C CZ  . ARG A 1 125 ? 3.114   2.905   -4.561  1.00 25.06 ? 122 ARG A CZ  1 
ATOM   1028 N NH1 . ARG A 1 125 ? 4.210   2.650   -3.842  1.00 24.52 ? 122 ARG A NH1 1 
ATOM   1029 N NH2 . ARG A 1 125 ? 3.007   4.125   -5.124  1.00 28.47 ? 122 ARG A NH2 1 
ATOM   1030 N N   . ILE A 1 126 ? 3.206   -1.470  -9.332  1.00 16.00 ? 123 ILE A N   1 
ATOM   1031 C CA  . ILE A 1 126 ? 4.037   -2.650  -9.394  1.00 15.69 ? 123 ILE A CA  1 
ATOM   1032 C C   . ILE A 1 126 ? 5.422   -2.358  -8.787  1.00 15.29 ? 123 ILE A C   1 
ATOM   1033 O O   . ILE A 1 126 ? 6.079   -1.432  -9.258  1.00 17.29 ? 123 ILE A O   1 
ATOM   1034 C CB  . ILE A 1 126 ? 4.274   -3.131  -10.820 1.00 18.68 ? 123 ILE A CB  1 
ATOM   1035 C CG1 . ILE A 1 126 ? 2.930   -3.407  -11.526 1.00 21.79 ? 123 ILE A CG1 1 
ATOM   1036 C CG2 . ILE A 1 126 ? 5.217   -4.324  -10.837 1.00 20.53 ? 123 ILE A CG2 1 
ATOM   1037 C CD1 . ILE A 1 126 ? 3.027   -3.581  -13.023 1.00 25.84 ? 123 ILE A CD1 1 
ATOM   1038 N N   . SER A 1 127 ? 5.832   -3.094  -7.771  1.00 14.98 ? 124 SER A N   1 
ATOM   1039 C CA  . SER A 1 127 ? 7.107   -2.846  -7.084  1.00 15.69 ? 124 SER A CA  1 
ATOM   1040 C C   . SER A 1 127 ? 7.957   -4.113  -7.064  1.00 15.59 ? 124 SER A C   1 
ATOM   1041 O O   . SER A 1 127 ? 7.444   -5.235  -7.175  1.00 17.51 ? 124 SER A O   1 
ATOM   1042 C CB  . SER A 1 127 ? 6.875   -2.410  -5.639  1.00 17.32 ? 124 SER A CB  1 
ATOM   1043 O OG  . SER A 1 127 ? 6.092   -1.238  -5.584  1.00 18.02 ? 124 SER A OG  1 
ATOM   1044 N N   . LYS A 1 128 ? 9.253   -3.949  -6.985  1.00 15.95 ? 125 LYS A N   1 
ATOM   1045 C CA  . LYS A 1 128 ? 10.261  -4.978  -7.080  1.00 16.98 ? 125 LYS A CA  1 
ATOM   1046 C C   . LYS A 1 128 ? 11.175  -4.968  -5.856  1.00 16.10 ? 125 LYS A C   1 
ATOM   1047 O O   . LYS A 1 128 ? 11.595  -3.897  -5.421  1.00 17.53 ? 125 LYS A O   1 
ATOM   1048 C CB  . LYS A 1 128 ? 11.091  -4.697  -8.327  1.00 20.66 ? 125 LYS A CB  1 
ATOM   1049 C CG  . LYS A 1 128 ? 12.149  -5.697  -8.710  1.00 21.51 ? 125 LYS A CG  1 
ATOM   1050 C CD  . LYS A 1 128 ? 12.984  -5.247  -9.912  1.00 22.10 ? 125 LYS A CD  1 
ATOM   1051 C CE  . LYS A 1 128 ? 13.961  -6.304  -10.411 1.00 22.71 ? 125 LYS A CE  1 
ATOM   1052 N NZ  . LYS A 1 128 ? 15.119  -6.436  -9.493  1.00 24.39 ? 125 LYS A NZ  1 
ATOM   1053 N N   . ARG A 1 129 ? 11.473  -6.161  -5.341  1.00 15.76 ? 126 ARG A N   1 
ATOM   1054 C CA  . ARG A 1 129 ? 12.408  -6.240  -4.204  1.00 16.34 ? 126 ARG A CA  1 
ATOM   1055 C C   . ARG A 1 129 ? 13.726  -5.539  -4.467  1.00 18.11 ? 126 ARG A C   1 
ATOM   1056 O O   . ARG A 1 129 ? 14.298  -5.685  -5.561  1.00 18.31 ? 126 ARG A O   1 
ATOM   1057 C CB  . ARG A 1 129 ? 12.640  -7.740  -3.874  1.00 17.92 ? 126 ARG A CB  1 
ATOM   1058 C CG  . ARG A 1 129 ? 13.313  -7.979  -2.539  1.00 18.22 ? 126 ARG A CG  1 
ATOM   1059 C CD  . ARG A 1 129 ? 13.504  -9.452  -2.201  1.00 18.20 ? 126 ARG A CD  1 
ATOM   1060 N NE  . ARG A 1 129 ? 12.230  -10.201 -2.328  1.00 18.20 ? 126 ARG A NE  1 
ATOM   1061 C CZ  . ARG A 1 129 ? 11.318  -10.274 -1.358  1.00 18.70 ? 126 ARG A CZ  1 
ATOM   1062 N NH1 . ARG A 1 129 ? 11.531  -9.652  -0.209  1.00 19.07 ? 126 ARG A NH1 1 
ATOM   1063 N NH2 . ARG A 1 129 ? 10.194  -10.984 -1.561  1.00 20.28 ? 126 ARG A NH2 1 
ATOM   1064 N N   . ILE A 1 130 ? 14.206  -4.784  -3.475  1.00 17.43 ? 127 ILE A N   1 
ATOM   1065 C CA  . ILE A 1 130 ? 15.547  -4.161  -3.586  1.00 18.83 ? 127 ILE A CA  1 
ATOM   1066 C C   . ILE A 1 130 ? 16.470  -4.525  -2.431  1.00 20.98 ? 127 ILE A C   1 
ATOM   1067 O O   . ILE A 1 130 ? 16.646  -3.774  -1.463  1.00 25.35 ? 127 ILE A O   1 
ATOM   1068 C CB  . ILE A 1 130 ? 15.416  -2.627  -3.715  1.00 18.52 ? 127 ILE A CB  1 
ATOM   1069 C CG1 . ILE A 1 130 ? 14.465  -2.038  -2.670  1.00 19.82 ? 127 ILE A CG1 1 
ATOM   1070 C CG2 . ILE A 1 130 ? 15.005  -2.203  -5.111  1.00 19.54 ? 127 ILE A CG2 1 
ATOM   1071 C CD1 . ILE A 1 130 ? 14.623  -0.550  -2.443  1.00 19.62 ? 127 ILE A CD1 1 
ATOM   1072 N N   . GLY A 1 131 ? 17.118  -5.687  -2.553  0.69 19.74 ? 128 GLY A N   1 
ATOM   1073 C CA  . GLY A 1 131 ? 18.082  -6.067  -1.512  0.77 22.54 ? 128 GLY A CA  1 
ATOM   1074 C C   . GLY A 1 131 ? 17.310  -6.631  -0.333  0.85 22.17 ? 128 GLY A C   1 
ATOM   1075 O O   . GLY A 1 131 ? 16.171  -7.071  -0.514  0.68 22.48 ? 128 GLY A O   1 
ATOM   1076 N N   . THR A 1 132 ? 17.943  -6.570  0.829   0.69 23.17 ? 129 THR A N   1 
ATOM   1077 C CA  . THR A 1 132 ? 17.316  -7.163  2.018   0.78 26.22 ? 129 THR A CA  1 
ATOM   1078 C C   . THR A 1 132 ? 16.901  -6.080  3.004   0.66 26.46 ? 129 THR A C   1 
ATOM   1079 O O   . THR A 1 132 ? 17.443  -4.975  3.027   0.79 27.67 ? 129 THR A O   1 
ATOM   1080 C CB  . THR A 1 132 ? 18.279  -8.136  2.703   1.00 35.70 ? 129 THR A CB  1 
ATOM   1081 O OG1 . THR A 1 132 ? 19.398  -7.413  3.240   1.00 49.23 ? 129 THR A OG1 1 
ATOM   1082 C CG2 . THR A 1 132 ? 18.859  -9.121  1.698   1.00 43.49 ? 129 THR A CG2 1 
HETATM 1083 C C1  . PLM B 2 .   ? 3.209   -0.712  -2.643  1.00 33.24 ? 201 PLM A C1  1 
HETATM 1084 O O1  . PLM B 2 .   ? 2.611   -0.537  -3.733  1.00 26.32 ? 201 PLM A O1  1 
HETATM 1085 O O2  . PLM B 2 .   ? 3.839   0.274   -2.170  1.00 33.94 ? 201 PLM A O2  1 
HETATM 1086 C C2  . PLM B 2 .   ? 3.012   -2.029  -1.930  1.00 41.36 ? 201 PLM A C2  1 
HETATM 1087 C C3  . PLM B 2 .   ? 3.011   -1.873  -0.408  1.00 46.09 ? 201 PLM A C3  1 
HETATM 1088 C C4  . PLM B 2 .   ? 1.565   -1.774  0.049   1.00 49.58 ? 201 PLM A C4  1 
HETATM 1089 C C5  . PLM B 2 .   ? 1.365   -2.088  1.510   1.00 47.21 ? 201 PLM A C5  1 
HETATM 1090 C C6  . PLM B 2 .   ? 0.292   -3.148  1.713   1.00 46.54 ? 201 PLM A C6  1 
HETATM 1091 C C7  . PLM B 2 .   ? -0.380  -3.064  3.068   1.00 38.80 ? 201 PLM A C7  1 
HETATM 1092 C C8  . PLM B 2 .   ? -1.681  -3.864  3.097   1.00 32.95 ? 201 PLM A C8  1 
HETATM 1093 C C9  . PLM B 2 .   ? -2.830  -3.109  3.754   1.00 34.74 ? 201 PLM A C9  1 
HETATM 1094 C CA  . PLM B 2 .   ? -2.696  -1.607  3.561   1.00 36.12 ? 201 PLM A CA  1 
HETATM 1095 C CB  . PLM B 2 .   ? -3.347  -1.125  2.274   1.00 38.10 ? 201 PLM A CB  1 
HETATM 1096 C CC  . PLM B 2 .   ? -3.831  0.314   2.424   1.00 39.19 ? 201 PLM A CC  1 
HETATM 1097 C CD  . PLM B 2 .   ? -2.696  1.286   2.691   1.00 35.14 ? 201 PLM A CD  1 
HETATM 1098 C CE  . PLM B 2 .   ? -3.184  2.690   3.034   1.00 38.51 ? 201 PLM A CE  1 
HETATM 1099 C CF  . PLM B 2 .   ? -2.333  3.713   2.290   1.00 38.77 ? 201 PLM A CF  1 
HETATM 1100 C CG  . PLM B 2 .   ? -1.091  4.084   3.088   1.00 46.39 ? 201 PLM A CG  1 
HETATM 1101 C C1  . PLM C 2 .   ? -0.137  1.431   -1.423  1.00 57.80 ? 202 PLM A C1  1 
HETATM 1102 O O1  . PLM C 2 .   ? -0.318  1.387   -2.668  1.00 49.87 ? 202 PLM A O1  1 
HETATM 1103 O O2  . PLM C 2 .   ? -0.477  0.448   -0.701  1.00 50.30 ? 202 PLM A O2  1 
HETATM 1104 C C2  . PLM C 2 .   ? 0.077   2.794   -0.792  1.00 59.41 ? 202 PLM A C2  1 
HETATM 1105 C C3  . PLM C 2 .   ? 0.584   3.819   -1.805  1.00 58.17 ? 202 PLM A C3  1 
HETATM 1106 C C4  . PLM C 2 .   ? 0.854   5.150   -1.112  1.00 55.26 ? 202 PLM A C4  1 
HETATM 1107 C C5  . PLM C 2 .   ? 1.954   5.919   -1.832  1.00 54.13 ? 202 PLM A C5  1 
HETATM 1108 C C6  . PLM C 2 .   ? 2.420   7.088   -0.973  1.00 56.46 ? 202 PLM A C6  1 
HETATM 1109 C C7  . PLM C 2 .   ? 1.512   8.302   -1.101  1.00 56.67 ? 202 PLM A C7  1 
HETATM 1110 C C8  . PLM C 2 .   ? 1.672   8.985   -2.452  1.00 56.38 ? 202 PLM A C8  1 
HETATM 1111 C C9  . PLM C 2 .   ? 1.673   10.512  -2.370  1.00 53.96 ? 202 PLM A C9  1 
HETATM 1112 C CA  . PLM C 2 .   ? 3.090   11.092  -2.304  1.00 52.37 ? 202 PLM A CA  1 
HETATM 1113 C CB  . PLM C 2 .   ? 3.174   12.525  -2.810  1.00 52.05 ? 202 PLM A CB  1 
HETATM 1114 C CC  . PLM C 2 .   ? 3.877   13.443  -1.823  1.00 52.32 ? 202 PLM A CC  1 
HETATM 1115 C CD  . PLM C 2 .   ? 5.366   13.550  -2.098  1.00 53.84 ? 202 PLM A CD  1 
HETATM 1116 C CE  . PLM C 2 .   ? 5.874   14.975  -1.960  1.00 60.35 ? 202 PLM A CE  1 
HETATM 1117 C CF  . PLM C 2 .   ? 7.313   15.087  -2.451  1.00 65.20 ? 202 PLM A CF  1 
HETATM 1118 C CG  . PLM C 2 .   ? 8.176   15.894  -1.486  1.00 67.23 ? 202 PLM A CG  1 
HETATM 1119 O O   . HOH D 3 .   ? -6.297  -5.769  10.246  1.00 17.67 ? 501 HOH A O   1 
HETATM 1120 O O   . HOH D 3 .   ? -17.501 1.475   -10.524 1.00 22.04 ? 502 HOH A O   1 
HETATM 1121 O O   . HOH D 3 .   ? -8.666  -3.351  -6.116  1.00 21.12 ? 503 HOH A O   1 
HETATM 1122 O O   . HOH D 3 .   ? 5.813   -7.261  12.219  1.00 30.55 ? 504 HOH A O   1 
HETATM 1123 O O   . HOH D 3 .   ? 3.549   -2.077  -5.583  1.00 19.27 ? 505 HOH A O   1 
HETATM 1124 O O   . HOH D 3 .   ? -4.512  -6.297  16.902  1.00 19.45 ? 506 HOH A O   1 
HETATM 1125 O O   . HOH D 3 .   ? 13.976  0.255   -8.463  1.00 23.42 ? 507 HOH A O   1 
HETATM 1126 O O   . HOH D 3 .   ? 6.836   0.375   -3.353  1.00 23.06 ? 508 HOH A O   1 
HETATM 1127 O O   . HOH D 3 .   ? -15.042 1.298   -5.224  1.00 22.37 ? 509 HOH A O   1 
HETATM 1128 O O   . HOH D 3 .   ? -3.358  -0.271  13.519  1.00 20.77 ? 510 HOH A O   1 
HETATM 1129 O O   . HOH D 3 .   ? -2.960  -6.434  -6.756  1.00 22.47 ? 511 HOH A O   1 
HETATM 1130 O O   . HOH D 3 .   ? 9.845   -12.157 -8.830  1.00 19.29 ? 512 HOH A O   1 
HETATM 1131 O O   . HOH D 3 .   ? -4.455  9.664   -13.834 1.00 29.80 ? 513 HOH A O   1 
HETATM 1132 O O   . HOH D 3 .   ? -1.245  1.898   11.622  1.00 21.51 ? 514 HOH A O   1 
HETATM 1133 O O   . HOH D 3 .   ? -4.808  -4.807  14.488  1.00 19.99 ? 515 HOH A O   1 
HETATM 1134 O O   . HOH D 3 .   ? 2.893   -9.368  -8.140  1.00 21.32 ? 516 HOH A O   1 
HETATM 1135 O O   . HOH D 3 .   ? -7.375  -13.445 6.679   1.00 22.46 ? 517 HOH A O   1 
HETATM 1136 O O   . HOH D 3 .   ? 4.719   4.746   -13.926 1.00 26.53 ? 518 HOH A O   1 
HETATM 1137 O O   . HOH D 3 .   ? -10.583 -3.528  -9.817  1.00 26.96 ? 519 HOH A O   1 
HETATM 1138 O O   . HOH D 3 .   ? -10.796 -10.604 2.043   1.00 27.19 ? 520 HOH A O   1 
HETATM 1139 O O   . HOH D 3 .   ? 13.699  -7.707  0.693   1.00 22.48 ? 521 HOH A O   1 
HETATM 1140 O O   . HOH D 3 .   ? -11.563 6.399   14.206  1.00 20.92 ? 522 HOH A O   1 
HETATM 1141 O O   . HOH D 3 .   ? -10.464 -6.696  16.232  1.00 20.14 ? 523 HOH A O   1 
HETATM 1142 O O   . HOH D 3 .   ? -11.588 8.043   8.966   1.00 23.78 ? 524 HOH A O   1 
HETATM 1143 O O   . HOH D 3 .   ? 11.790  8.108   -11.494 1.00 25.19 ? 525 HOH A O   1 
HETATM 1144 O O   B HOH D 3 .   ? 9.269   -11.763 1.156   0.50 16.26 ? 526 HOH A O   1 
HETATM 1145 O O   . HOH D 3 .   ? -2.187  0.837   -5.821  1.00 23.26 ? 527 HOH A O   1 
HETATM 1146 O O   . HOH D 3 .   ? 12.304  2.125   -9.819  1.00 24.24 ? 528 HOH A O   1 
HETATM 1147 O O   . HOH D 3 .   ? -6.017  -16.054 -2.831  1.00 24.96 ? 529 HOH A O   1 
HETATM 1148 O O   . HOH D 3 .   ? -14.985 1.289   2.668   1.00 26.95 ? 530 HOH A O   1 
HETATM 1149 O O   . HOH D 3 .   ? 1.460   -5.467  13.867  1.00 26.03 ? 531 HOH A O   1 
HETATM 1150 O O   . HOH D 3 .   ? -4.129  -4.203  0.332   1.00 20.55 ? 532 HOH A O   1 
HETATM 1151 O O   . HOH D 3 .   ? -9.302  6.356   12.685  1.00 23.14 ? 533 HOH A O   1 
HETATM 1152 O O   . HOH D 3 .   ? 17.350  -7.949  -10.121 1.00 27.90 ? 534 HOH A O   1 
HETATM 1153 O O   . HOH D 3 .   ? 0.610   -14.300 14.494  1.00 26.67 ? 535 HOH A O   1 
HETATM 1154 O O   . HOH D 3 .   ? 5.437   -15.267 -3.801  1.00 29.25 ? 536 HOH A O   1 
HETATM 1155 O O   . HOH D 3 .   ? 1.480   -14.851 5.015   1.00 24.84 ? 537 HOH A O   1 
HETATM 1156 O O   . HOH D 3 .   ? 3.171   7.713   9.678   1.00 25.45 ? 538 HOH A O   1 
HETATM 1157 O O   . HOH D 3 .   ? -8.138  -14.260 -3.555  1.00 25.71 ? 539 HOH A O   1 
HETATM 1158 O O   . HOH D 3 .   ? 3.787   -16.010 5.711   1.00 30.62 ? 540 HOH A O   1 
HETATM 1159 O O   . HOH D 3 .   ? -2.939  -19.351 3.707   1.00 24.91 ? 541 HOH A O   1 
HETATM 1160 O O   . HOH D 3 .   ? -3.371  -2.663  14.939  1.00 25.57 ? 542 HOH A O   1 
HETATM 1161 O O   . HOH D 3 .   ? 10.696  -10.821 8.665   1.00 26.37 ? 543 HOH A O   1 
HETATM 1162 O O   . HOH D 3 .   ? -13.712 5.467   12.597  1.00 23.27 ? 544 HOH A O   1 
HETATM 1163 O O   . HOH D 3 .   ? -8.710  11.635  3.058   1.00 31.98 ? 545 HOH A O   1 
HETATM 1164 O O   . HOH D 3 .   ? 16.006  -3.991  -8.650  1.00 46.31 ? 546 HOH A O   1 
HETATM 1165 O O   A HOH D 3 .   ? -1.490  -19.589 -0.060  0.50 21.55 ? 547 HOH A O   1 
HETATM 1166 O O   B HOH D 3 .   ? -1.207  -19.699 0.720   0.50 21.44 ? 547 HOH A O   1 
HETATM 1167 O O   . HOH D 3 .   ? 7.670   -14.960 0.050   1.00 26.86 ? 548 HOH A O   1 
HETATM 1168 O O   . HOH D 3 .   ? -7.244  -12.382 13.886  1.00 35.00 ? 549 HOH A O   1 
HETATM 1169 O O   . HOH D 3 .   ? -0.112  10.248  5.133   1.00 29.12 ? 550 HOH A O   1 
HETATM 1170 O O   . HOH D 3 .   ? 9.400   -11.801 10.789  1.00 30.03 ? 551 HOH A O   1 
HETATM 1171 O O   . HOH D 3 .   ? -18.812 2.889   -16.301 1.00 35.42 ? 552 HOH A O   1 
HETATM 1172 O O   . HOH D 3 .   ? -0.427  -16.778 5.716   1.00 28.63 ? 553 HOH A O   1 
HETATM 1173 O O   . HOH D 3 .   ? -6.140  9.058   1.860   1.00 26.54 ? 554 HOH A O   1 
HETATM 1174 O O   . HOH D 3 .   ? -1.807  -14.836 -4.203  1.00 29.59 ? 555 HOH A O   1 
HETATM 1175 O O   . HOH D 3 .   ? 7.285   -12.601 -10.070 1.00 22.05 ? 556 HOH A O   1 
HETATM 1176 O O   . HOH D 3 .   ? -9.932  -13.468 9.917   1.00 28.42 ? 557 HOH A O   1 
HETATM 1177 O O   . HOH D 3 .   ? -9.349  2.605   -14.112 1.00 27.29 ? 558 HOH A O   1 
HETATM 1178 O O   . HOH D 3 .   ? 10.161  3.022   3.285   1.00 24.43 ? 559 HOH A O   1 
HETATM 1179 O O   . HOH D 3 .   ? -2.134  -15.681 -1.599  0.60 15.47 ? 560 HOH A O   1 
HETATM 1180 O O   A HOH D 3 .   ? -18.154 -0.143  -14.076 0.50 25.84 ? 561 HOH A O   1 
HETATM 1181 O O   B HOH D 3 .   ? -18.788 1.202   -14.352 0.50 32.75 ? 561 HOH A O   1 
HETATM 1182 O O   . HOH D 3 .   ? -2.248  -8.755  -8.069  1.00 29.97 ? 562 HOH A O   1 
HETATM 1183 O O   . HOH D 3 .   ? 2.571   2.628   5.873   1.00 27.55 ? 563 HOH A O   1 
HETATM 1184 O O   . HOH D 3 .   ? 11.755  -13.787 -9.578  1.00 22.32 ? 564 HOH A O   1 
HETATM 1185 O O   . HOH D 3 .   ? -17.666 6.740   -14.442 1.00 31.31 ? 565 HOH A O   1 
HETATM 1186 O O   . HOH D 3 .   ? 3.454   -10.760 -10.463 1.00 33.37 ? 566 HOH A O   1 
HETATM 1187 O O   . HOH D 3 .   ? 10.392  12.452  -8.937  1.00 34.43 ? 567 HOH A O   1 
HETATM 1188 O O   . HOH D 3 .   ? -12.845 4.671   10.035  1.00 27.66 ? 568 HOH A O   1 
HETATM 1189 O O   . HOH D 3 .   ? -12.310 -8.699  12.990  1.00 36.58 ? 569 HOH A O   1 
HETATM 1190 O O   . HOH D 3 .   ? 5.651   -11.139 -11.874 1.00 30.03 ? 570 HOH A O   1 
HETATM 1191 O O   . HOH D 3 .   ? -12.415 7.593   -1.450  1.00 48.35 ? 571 HOH A O   1 
HETATM 1192 O O   A HOH D 3 .   ? -12.867 1.820   6.949   0.65 29.39 ? 572 HOH A O   1 
HETATM 1193 O O   B HOH D 3 .   ? -13.622 0.156   6.728   0.35 26.55 ? 572 HOH A O   1 
HETATM 1194 O O   . HOH D 3 .   ? 7.612   13.204  -9.281  1.00 27.89 ? 573 HOH A O   1 
HETATM 1195 O O   . HOH D 3 .   ? -1.769  -18.422 -2.265  1.00 38.48 ? 574 HOH A O   1 
HETATM 1196 O O   . HOH D 3 .   ? -5.284  -0.178  -13.600 1.00 30.67 ? 575 HOH A O   1 
HETATM 1197 O O   . HOH D 3 .   ? 13.387  -14.598 -7.215  1.00 25.35 ? 576 HOH A O   1 
HETATM 1198 O O   . HOH D 3 .   ? 15.374  -15.895 -6.644  1.00 36.76 ? 577 HOH A O   1 
HETATM 1199 O O   . HOH D 3 .   ? 11.765  6.269   5.151   1.00 31.17 ? 578 HOH A O   1 
HETATM 1200 O O   . HOH D 3 .   ? 0.688   -14.543 -5.249  0.66 32.82 ? 579 HOH A O   1 
HETATM 1201 O O   . HOH D 3 .   ? -8.730  15.410  1.918   1.00 32.06 ? 580 HOH A O   1 
HETATM 1202 O O   . HOH D 3 .   ? -4.291  9.702   15.690  1.00 29.37 ? 581 HOH A O   1 
HETATM 1203 O O   . HOH D 3 .   ? -9.707  12.404  -10.415 1.00 36.21 ? 582 HOH A O   1 
HETATM 1204 O O   A HOH D 3 .   ? 5.368   5.966   -4.612  0.50 24.57 ? 583 HOH A O   1 
HETATM 1205 O O   B HOH D 3 .   ? 5.322   4.999   -4.917  0.50 29.15 ? 583 HOH A O   1 
HETATM 1206 O O   . HOH D 3 .   ? -2.512  5.043   11.955  1.00 26.45 ? 584 HOH A O   1 
HETATM 1207 O O   . HOH D 3 .   ? 4.752   7.818   -6.652  1.00 26.07 ? 585 HOH A O   1 
HETATM 1208 O O   . HOH D 3 .   ? -1.109  -4.634  14.770  1.00 24.54 ? 586 HOH A O   1 
HETATM 1209 O O   . HOH D 3 .   ? 0.376   5.826   11.128  1.00 31.53 ? 587 HOH A O   1 
HETATM 1210 O O   . HOH D 3 .   ? 5.573   -11.024 18.342  1.00 28.42 ? 588 HOH A O   1 
HETATM 1211 O O   . HOH D 3 .   ? -3.099  -17.102 5.100   1.00 27.48 ? 589 HOH A O   1 
HETATM 1212 O O   . HOH D 3 .   ? 2.540   -0.484  -14.516 1.00 32.01 ? 590 HOH A O   1 
HETATM 1213 O O   . HOH D 3 .   ? -8.015  -6.002  -7.349  1.00 26.90 ? 591 HOH A O   1 
HETATM 1214 O O   . HOH D 3 .   ? 1.921   -7.353  -11.865 1.00 27.40 ? 592 HOH A O   1 
HETATM 1215 O O   . HOH D 3 .   ? 6.917   6.764   -10.251 1.00 30.50 ? 593 HOH A O   1 
HETATM 1216 O O   . HOH D 3 .   ? -8.550  9.991   1.243   1.00 38.39 ? 594 HOH A O   1 
HETATM 1217 O O   . HOH D 3 .   ? 0.290   6.684   -12.933 1.00 29.14 ? 595 HOH A O   1 
HETATM 1218 O O   A HOH D 3 .   ? -13.778 -0.544  -4.656  0.50 24.27 ? 596 HOH A O   1 
HETATM 1219 O O   B HOH D 3 .   ? -14.242 -1.488  -5.398  0.50 22.67 ? 596 HOH A O   1 
HETATM 1220 O O   . HOH D 3 .   ? -9.776  -15.942 -1.018  1.00 39.13 ? 597 HOH A O   1 
HETATM 1221 O O   . HOH D 3 .   ? -14.069 0.114   5.162   0.55 33.46 ? 598 HOH A O   1 
HETATM 1222 O O   . HOH D 3 .   ? 10.740  1.417   -14.124 1.00 31.22 ? 599 HOH A O   1 
HETATM 1223 O O   . HOH D 3 .   ? 0.580   -0.763  -12.999 1.00 34.98 ? 600 HOH A O   1 
HETATM 1224 O O   . HOH D 3 .   ? -2.384  15.388  2.257   1.00 41.34 ? 601 HOH A O   1 
HETATM 1225 O O   . HOH D 3 .   ? -6.594  -0.483  15.912  1.00 35.00 ? 602 HOH A O   1 
HETATM 1226 O O   . HOH D 3 .   ? -10.258 13.191  1.711   1.00 31.73 ? 603 HOH A O   1 
HETATM 1227 O O   . HOH D 3 .   ? 0.188   -10.123 -8.568  0.50 25.46 ? 604 HOH A O   1 
HETATM 1228 O O   . HOH D 3 .   ? 12.735  5.913   -0.056  1.00 37.19 ? 605 HOH A O   1 
HETATM 1229 O O   . HOH D 3 .   ? -17.698 0.217   -0.589  1.00 32.29 ? 606 HOH A O   1 
HETATM 1230 O O   . HOH D 3 .   ? 11.960  6.397   -3.011  1.00 25.47 ? 607 HOH A O   1 
HETATM 1231 O O   . HOH D 3 .   ? 5.801   5.464   -1.824  1.00 30.49 ? 608 HOH A O   1 
HETATM 1232 O O   . HOH D 3 .   ? -12.989 -6.975  15.208  0.48 28.81 ? 609 HOH A O   1 
HETATM 1233 O O   A HOH D 3 .   ? -10.822 -7.943  3.306   0.69 24.30 ? 610 HOH A O   1 
HETATM 1234 O O   B HOH D 3 .   ? -11.819 -8.260  2.492   0.31 24.56 ? 610 HOH A O   1 
HETATM 1235 O O   . HOH D 3 .   ? 9.905   -15.818 -10.004 1.00 37.07 ? 611 HOH A O   1 
HETATM 1236 O O   . HOH D 3 .   ? -12.129 -3.103  18.141  0.97 53.80 ? 612 HOH A O   1 
HETATM 1237 O O   . HOH D 3 .   ? -14.627 9.846   -5.152  1.00 33.68 ? 613 HOH A O   1 
HETATM 1238 O O   . HOH D 3 .   ? -15.105 -3.974  -1.602  1.00 35.25 ? 614 HOH A O   1 
HETATM 1239 O O   . HOH D 3 .   ? -1.448  6.333   -15.619 1.00 29.42 ? 615 HOH A O   1 
HETATM 1240 O O   . HOH D 3 .   ? -14.015 -9.195  10.913  1.00 41.23 ? 616 HOH A O   1 
HETATM 1241 O O   . HOH D 3 .   ? 4.764   6.719   -12.144 1.00 39.70 ? 617 HOH A O   1 
HETATM 1242 O O   . HOH D 3 .   ? -1.106  17.502  3.120   1.00 40.27 ? 618 HOH A O   1 
HETATM 1243 O O   . HOH D 3 .   ? 7.361   -17.504 5.984   0.66 29.54 ? 619 HOH A O   1 
HETATM 1244 O O   . HOH D 3 .   ? 3.151   1.625   12.950  1.00 35.09 ? 620 HOH A O   1 
HETATM 1245 O O   . HOH D 3 .   ? 6.445   2.643   -2.082  1.00 28.46 ? 621 HOH A O   1 
HETATM 1246 O O   . HOH D 3 .   ? -5.663  -7.474  -7.417  1.00 35.78 ? 622 HOH A O   1 
HETATM 1247 O O   A HOH D 3 .   ? 9.259   -14.442 -1.906  0.50 23.36 ? 623 HOH A O   1 
HETATM 1248 O O   B HOH D 3 .   ? 8.086   -14.485 -2.200  0.50 24.23 ? 623 HOH A O   1 
HETATM 1249 O O   . HOH D 3 .   ? 2.177   8.953   -12.403 1.00 32.79 ? 624 HOH A O   1 
HETATM 1250 O O   . HOH D 3 .   ? -9.012  -0.882  17.249  1.00 32.76 ? 625 HOH A O   1 
HETATM 1251 O O   . HOH D 3 .   ? -7.721  -13.705 10.904  1.00 37.33 ? 626 HOH A O   1 
HETATM 1252 O O   . HOH D 3 .   ? -10.967 9.224   1.159   1.00 41.36 ? 627 HOH A O   1 
HETATM 1253 O O   . HOH D 3 .   ? -4.916  -6.142  -10.522 1.00 31.52 ? 628 HOH A O   1 
HETATM 1254 O O   . HOH D 3 .   ? 14.283  -0.822  -12.562 1.00 39.08 ? 629 HOH A O   1 
HETATM 1255 O O   . HOH D 3 .   ? -6.427  -15.114 8.752   1.00 25.52 ? 630 HOH A O   1 
HETATM 1256 O O   . HOH D 3 .   ? -13.334 -1.482  11.524  1.00 41.66 ? 631 HOH A O   1 
HETATM 1257 O O   . HOH D 3 .   ? -14.651 7.668   -0.660  1.00 33.37 ? 632 HOH A O   1 
HETATM 1258 O O   . HOH D 3 .   ? -17.524 -3.986  -0.221  1.00 34.09 ? 633 HOH A O   1 
HETATM 1259 O O   A HOH D 3 .   ? -12.628 11.432  0.389   0.50 25.19 ? 634 HOH A O   1 
HETATM 1260 O O   B HOH D 3 .   ? -14.586 11.492  1.692   0.50 31.39 ? 634 HOH A O   1 
HETATM 1261 O O   . HOH D 3 .   ? 0.528   2.924   13.381  1.00 33.33 ? 635 HOH A O   1 
HETATM 1262 O O   . HOH D 3 .   ? -0.594  13.498  2.326   1.00 41.36 ? 636 HOH A O   1 
HETATM 1263 O O   . HOH D 3 .   ? -17.224 0.055   -3.371  1.00 30.63 ? 637 HOH A O   1 
HETATM 1264 O O   . HOH D 3 .   ? 12.666  5.152   -13.402 1.00 32.79 ? 638 HOH A O   1 
HETATM 1265 O O   . HOH D 3 .   ? 0.437   -6.134  -13.392 0.50 26.54 ? 639 HOH A O   1 
HETATM 1266 O O   . HOH D 3 .   ? -9.837  -9.943  -3.609  1.00 45.59 ? 640 HOH A O   1 
HETATM 1267 O O   . HOH D 3 .   ? -12.602 -6.123  1.158   0.71 30.03 ? 641 HOH A O   1 
HETATM 1268 O O   . HOH D 3 .   ? 11.563  -3.353  -13.441 1.00 31.45 ? 642 HOH A O   1 
HETATM 1269 O O   . HOH D 3 .   ? 15.856  -1.608  -9.198  1.00 33.29 ? 643 HOH A O   1 
HETATM 1270 O O   . HOH D 3 .   ? 7.755   -5.731  13.294  0.50 25.74 ? 644 HOH A O   1 
HETATM 1271 O O   . HOH D 3 .   ? 13.306  3.493   2.414   1.00 43.56 ? 645 HOH A O   1 
HETATM 1272 O O   . HOH D 3 .   ? -7.448  16.598  -4.050  1.00 36.61 ? 646 HOH A O   1 
HETATM 1273 O O   . HOH D 3 .   ? -13.762 11.592  4.099   1.00 45.57 ? 647 HOH A O   1 
HETATM 1274 O O   . HOH D 3 .   ? -6.186  7.965   -15.155 1.00 33.67 ? 648 HOH A O   1 
HETATM 1275 O O   . HOH D 3 .   ? -4.938  -13.962 -6.686  0.70 32.21 ? 649 HOH A O   1 
HETATM 1276 O O   . HOH D 3 .   ? 14.461  -9.084  2.605   1.00 39.21 ? 650 HOH A O   1 
HETATM 1277 O O   . HOH D 3 .   ? 3.627   -19.089 0.463   1.00 44.33 ? 651 HOH A O   1 
HETATM 1278 O O   . HOH D 3 .   ? -14.993 3.326   13.465  1.00 32.60 ? 652 HOH A O   1 
HETATM 1279 O O   . HOH D 3 .   ? 5.715   -8.364  15.921  1.00 51.21 ? 653 HOH A O   1 
HETATM 1280 O O   . HOH D 3 .   ? 10.336  -10.077 12.646  1.00 38.40 ? 654 HOH A O   1 
HETATM 1281 O O   . HOH D 3 .   ? 7.033   -2.005  -14.726 1.00 33.50 ? 655 HOH A O   1 
HETATM 1282 O O   . HOH D 3 .   ? 17.970  -5.119  -6.740  1.00 44.82 ? 656 HOH A O   1 
HETATM 1283 O O   . HOH D 3 .   ? 0.200   12.566  7.890   0.50 27.41 ? 657 HOH A O   1 
HETATM 1284 O O   . HOH D 3 .   ? -11.691 -10.380 -2.098  1.00 42.03 ? 658 HOH A O   1 
HETATM 1285 O O   . HOH D 3 .   ? -15.266 -6.826  -3.221  1.00 42.70 ? 659 HOH A O   1 
HETATM 1286 O O   . HOH D 3 .   ? -4.679  14.788  -10.619 1.00 49.20 ? 660 HOH A O   1 
HETATM 1287 O O   . HOH D 3 .   ? -1.171  9.468   -13.270 1.00 37.28 ? 661 HOH A O   1 
HETATM 1288 O O   A HOH D 3 .   ? -11.589 -4.496  5.172   0.50 23.59 ? 663 HOH A O   1 
HETATM 1289 O O   B HOH D 3 .   ? -12.597 -4.351  4.587   0.50 26.96 ? 663 HOH A O   1 
HETATM 1290 O O   . HOH D 3 .   ? -11.579 -6.769  5.562   1.00 39.32 ? 664 HOH A O   1 
HETATM 1291 O O   . HOH D 3 .   ? -14.455 -6.577  8.431   1.00 41.14 ? 665 HOH A O   1 
HETATM 1292 O O   . HOH D 3 .   ? -14.617 -4.390  9.097   1.00 39.79 ? 666 HOH A O   1 
HETATM 1293 O O   . HOH D 3 .   ? 2.111   14.317  8.783   1.00 42.14 ? 667 HOH A O   1 
HETATM 1294 O O   . HOH D 3 .   ? -13.917 3.967   5.852   1.00 34.86 ? 668 HOH A O   1 
HETATM 1295 O O   . HOH D 3 .   ? -13.200 6.147   7.761   1.00 36.64 ? 669 HOH A O   1 
HETATM 1296 O O   . HOH D 3 .   ? -15.503 7.627   7.563   1.00 35.89 ? 670 HOH A O   1 
HETATM 1297 O O   . HOH D 3 .   ? 8.037   -1.345  8.386   1.00 41.39 ? 671 HOH A O   1 
HETATM 1298 O O   . HOH D 3 .   ? 2.721   -3.036  -16.542 1.00 45.53 ? 672 HOH A O   1 
HETATM 1299 O O   . HOH D 3 .   ? -15.926 8.170   -15.155 1.00 42.21 ? 673 HOH A O   1 
HETATM 1300 O O   . HOH D 3 .   ? -19.946 7.167   -15.909 0.75 35.30 ? 674 HOH A O   1 
HETATM 1301 O O   . HOH D 3 .   ? -20.235 4.900   -17.428 1.00 58.96 ? 676 HOH A O   1 
HETATM 1302 O O   A HOH D 3 .   ? -14.714 2.072   10.833  0.50 30.46 ? 678 HOH A O   1 
HETATM 1303 O O   B HOH D 3 .   ? -14.877 0.270   10.687  0.50 25.97 ? 678 HOH A O   1 
HETATM 1304 O O   . HOH D 3 .   ? 9.398   15.409  -6.443  0.50 27.20 ? 679 HOH A O   1 
HETATM 1305 O O   . HOH D 3 .   ? -2.700  1.651   15.152  0.50 23.25 ? 680 HOH A O   1 
HETATM 1306 O O   . HOH D 3 .   ? 12.751  -11.825 6.118   0.54 46.73 ? 681 HOH A O   1 
HETATM 1307 O O   . HOH D 3 .   ? -5.965  -10.052 -6.981  0.50 32.20 ? 682 HOH A O   1 
HETATM 1308 O O   . HOH D 3 .   ? -8.667  7.090   -13.904 0.50 26.04 ? 683 HOH A O   1 
HETATM 1309 O O   . HOH D 3 .   ? -9.282  5.519   -15.097 0.50 28.49 ? 684 HOH A O   1 
HETATM 1310 O O   . HOH D 3 .   ? 11.422  8.878   -2.429  0.50 20.78 ? 685 HOH A O   1 
HETATM 1311 O O   . HOH D 3 .   ? 12.572  9.864   -0.252  0.50 20.54 ? 686 HOH A O   1 
HETATM 1312 O O   . HOH D 3 .   ? -13.400 -2.981  7.043   1.00 40.50 ? 687 HOH A O   1 
HETATM 1313 O O   . HOH D 3 .   ? -3.011  0.047   -0.531  0.30 21.34 ? 688 HOH A O   1 
HETATM 1314 O O   A HOH D 3 .   ? 3.685   -13.148 17.367  0.50 32.35 ? 689 HOH A O   1 
HETATM 1315 O O   B HOH D 3 .   ? 2.351   -14.024 16.808  0.50 24.17 ? 689 HOH A O   1 
HETATM 1316 O O   . HOH D 3 .   ? -11.647 -13.797 -2.919  0.50 22.32 ? 690 HOH A O   1 
HETATM 1317 O O   . HOH D 3 .   ? -13.689 -3.464  -6.431  0.79 37.11 ? 691 HOH A O   1 
HETATM 1318 O O   . HOH D 3 .   ? 10.615  -13.869 4.002   0.50 26.54 ? 692 HOH A O   1 
HETATM 1319 O O   . HOH D 3 .   ? 11.517  13.895  -6.927  0.50 32.56 ? 693 HOH A O   1 
HETATM 1320 O O   . HOH D 3 .   ? -7.276  -5.227  -12.136 0.50 24.17 ? 694 HOH A O   1 
HETATM 1321 O O   . HOH D 3 .   ? -2.627  5.745   14.607  0.50 27.06 ? 695 HOH A O   1 
HETATM 1322 O O   . HOH D 3 .   ? 0.944   10.137  11.539  0.50 28.43 ? 696 HOH A O   1 
HETATM 1323 O O   . HOH D 3 .   ? 0.789   -9.916  -12.019 0.50 30.50 ? 698 HOH A O   1 
HETATM 1324 O O   . HOH D 3 .   ? -6.161  -7.977  -9.927  0.86 44.75 ? 700 HOH A O   1 
HETATM 1325 O O   . HOH D 3 .   ? -7.893  -6.474  -9.948  0.97 42.03 ? 701 HOH A O   1 
HETATM 1326 O O   . HOH D 3 .   ? 2.706   10.476  8.060   1.00 39.76 ? 702 HOH A O   1 
HETATM 1327 O O   . HOH D 3 .   ? -0.750  11.974  11.412  0.82 34.30 ? 703 HOH A O   1 
HETATM 1328 O O   A HOH D 3 .   ? 5.228   -15.944 0.284   0.50 28.96 ? 705 HOH A O   1 
HETATM 1329 O O   B HOH D 3 .   ? 5.487   -15.864 -1.426  0.50 25.66 ? 705 HOH A O   1 
HETATM 1330 O O   . HOH D 3 .   ? 13.469  -5.859  10.241  1.00 50.55 ? 706 HOH A O   1 
HETATM 1331 O O   . HOH D 3 .   ? -11.655 13.312  -1.277  0.83 31.69 ? 707 HOH A O   1 
HETATM 1332 O O   . HOH D 3 .   ? -8.389  0.903   -15.617 1.00 44.02 ? 708 HOH A O   1 
HETATM 1333 O O   . HOH D 3 .   ? -15.580 8.077   1.401   0.51 43.14 ? 709 HOH A O   1 
HETATM 1334 O O   . HOH D 3 .   ? -16.247 6.876   3.396   0.55 41.81 ? 710 HOH A O   1 
HETATM 1335 O O   . HOH D 3 .   ? 10.522  -14.354 11.414  1.00 47.19 ? 711 HOH A O   1 
HETATM 1336 O O   . HOH D 3 .   ? 12.648  -8.759  9.262   0.96 40.71 ? 712 HOH A O   1 
HETATM 1337 O O   . HOH D 3 .   ? 14.672  -11.552 9.467   0.48 36.64 ? 713 HOH A O   1 
HETATM 1338 O O   . HOH D 3 .   ? -14.749 -8.735  -5.330  0.45 35.47 ? 714 HOH A O   1 
HETATM 1339 O O   . HOH D 3 .   ? 7.856   14.596  -11.937 0.82 34.91 ? 715 HOH A O   1 
HETATM 1340 O O   . HOH D 3 .   ? -4.327  -1.875  17.113  1.00 40.81 ? 717 HOH A O   1 
HETATM 1341 O O   . HOH D 3 .   ? -9.616  1.846   18.293  0.50 30.20 ? 719 HOH A O   1 
HETATM 1342 O O   . HOH D 3 .   ? 12.838  -10.079 4.261   0.91 42.32 ? 720 HOH A O   1 
HETATM 1343 O O   A HOH D 3 .   ? 12.558  -9.508  12.485  0.51 42.66 ? 721 HOH A O   1 
HETATM 1344 O O   B HOH D 3 .   ? 14.505  -9.693  12.689  0.49 44.28 ? 721 HOH A O   1 
HETATM 1345 O O   . HOH D 3 .   ? -1.796  21.780  -3.551  0.34 24.68 ? 724 HOH A O   1 
HETATM 1346 O O   . HOH D 3 .   ? 8.150   3.632   -14.550 1.00 44.05 ? 726 HOH A O   1 
HETATM 1347 O O   . HOH D 3 .   ? 6.950   3.092   -16.993 0.45 30.10 ? 727 HOH A O   1 
HETATM 1348 O O   . HOH D 3 .   ? 13.410  -3.190  5.458   1.00 49.58 ? 728 HOH A O   1 
HETATM 1349 O O   . HOH D 3 .   ? 3.043   -6.786  -15.345 1.00 67.06 ? 731 HOH A O   1 
HETATM 1350 O O   . HOH D 3 .   ? -8.087  13.541  -13.286 1.00 56.90 ? 732 HOH A O   1 
HETATM 1351 O O   . HOH D 3 .   ? 12.062  -5.019  6.074   0.36 22.39 ? 733 HOH A O   1 
HETATM 1352 O O   . HOH D 3 .   ? 6.692   7.969   -14.051 0.78 39.58 ? 734 HOH A O   1 
HETATM 1353 O O   . HOH D 3 .   ? 11.201  -13.651 0.446   0.52 29.44 ? 735 HOH A O   1 
HETATM 1354 O O   . HOH D 3 .   ? 0.521   -16.869 13.656  0.99 39.99 ? 736 HOH A O   1 
HETATM 1355 O O   . HOH D 3 .   ? -3.630  -8.230  -10.516 0.56 31.19 ? 737 HOH A O   1 
HETATM 1356 O O   . HOH D 3 .   ? -8.412  -10.070 -5.773  0.67 36.19 ? 738 HOH A O   1 
HETATM 1357 O O   . HOH D 3 .   ? -4.505  2.770   16.512  0.67 33.95 ? 739 HOH A O   1 
HETATM 1358 O O   . HOH D 3 .   ? -7.153  3.932   18.508  0.83 43.64 ? 740 HOH A O   1 
HETATM 1359 O O   . HOH D 3 .   ? 3.794   -17.157 -5.650  0.77 33.66 ? 741 HOH A O   1 
HETATM 1360 O O   . HOH D 3 .   ? 10.849  3.429   -16.220 0.88 49.17 ? 742 HOH A O   1 
HETATM 1361 O O   . HOH D 3 .   ? 10.787  1.742   -18.708 0.25 26.62 ? 743 HOH A O   1 
# 
